data_6XET
#
_entry.id   6XET
#
_cell.length_a   66.097
_cell.length_b   126.938
_cell.length_c   250.461
_cell.angle_alpha   90.000
_cell.angle_beta   90.000
_cell.angle_gamma   90.000
#
_symmetry.space_group_name_H-M   'P 21 21 21'
#
loop_
_entity.id
_entity.type
_entity.pdbx_description
1 polymer 'Tubulin alpha-1B chain'
2 polymer 'Tubulin beta chain'
3 polymer Stathmin-4
4 non-polymer "GUANOSINE-5'-TRIPHOSPHATE"
5 non-polymer 'SULFATE ION'
6 non-polymer "GUANOSINE-5'-DIPHOSPHATE"
7 non-polymer [3-fluoro-6-(3-hydroxy-4-methylphenyl)pyridin-2-yl](3,4,5-trimethoxyphenyl)methanone
8 non-polymer 'MAGNESIUM ION'
9 water water
#
loop_
_entity_poly.entity_id
_entity_poly.type
_entity_poly.pdbx_seq_one_letter_code
_entity_poly.pdbx_strand_id
1 'polypeptide(L)'
;MRECISIHVGQAGVQIGNACWELYCLEHGIQPDGQMPSDKTIGGGDDSFNTFFSETGAGKHVPRAVFVDLEPTVIDEVRT
GTYRQLFHPEQLITGKEDAANNYARGHYTIGKEIIDLVLDRIRKLADQCTGLQGFLVFHSFGGGTGSGFTSLLMERLSVD
YGKKSKLEFSIYPAPQVSTAVVEPYNSILTTHTTLEHSDCAFMVDNEAIYDICRRNLDIERPTYTNLNRLISQIVSSITA
SLRFDGALNVDLTEFQTNLVPYPRIHFPLATYAPVISAEKAYHEQLSVAEITNACFEPANQMVKCDPRHGKYMACCLLYR
GDVVPKDVNAAIATIKTKRSIQFVDWCPTGFKVGINYQPPTVVPGGDLAKVQRAVCMLSNTTAIAEAWARLDHKFDLMYA
KRAFVHWYVGEGMEEGEFSEAREDMAALEKDYEEVGVD
;
A,C
2 'polypeptide(L)'
;MREIVHIQAGQCGNQIGAKFWEVISDEHGIDPTGSYHGDSDLQLERINVYYNEATGNKYVPRAILVDLEPGTMDSVRSGP
FGQIFRPDNFVFGQSGAGNNWAKGHYTEGAELVDSVLDVVRKESESCDCLQGFQLTHSLGGGTGSGMGTLLISKIREEYP
DRIMNTFSVMPSPKVSDTVVEPYNATLSVHQLVENTDETYCIDNEALYDICFRTLKLTTPTYGDLNHLVSATMSGVTTCL
RFPGQLNADLRKLAVNMVPFPRLHFFMPGFAPLTSRGSQQYRALTVPELTQQMFDSKNMMAACDPRHGRYLTVAAIFRGR
MSMKEVDEQMLNVQNKNSSYFVEWIPNNVKTAVCDIPPRGLKMSATFIGNSTAIQELFKRISEQFTAMFRRKAFLHWYTG
EGMDEMEFTEAESNMNDLVSEYQQYQDATADEQ
;
B,D
3 'polypeptide(L)'
;MADMEVIELNKATSGQSWEVILKPPSFDGVPEFNASLPRRRDPSLEEIQKKLEAAEERRKYQEAELLKHLAEKREHEREV
IQKAIEENNNFIKMAKEKLAQKMESNKENREAHLAAMLERLQEKDKHAEEVRKNKELKEEASR
;
E
#
loop_
_chem_comp.id
_chem_comp.type
_chem_comp.name
_chem_comp.formula
GDP RNA linking GUANOSINE-5'-DIPHOSPHATE 'C10 H15 N5 O11 P2'
GTP non-polymer GUANOSINE-5'-TRIPHOSPHATE 'C10 H16 N5 O14 P3'
MG non-polymer 'MAGNESIUM ION' 'Mg 2'
SO4 non-polymer 'SULFATE ION' 'O4 S -2'
TU2 non-polymer [3-fluoro-6-(3-hydroxy-4-methylphenyl)pyridin-2-yl](3,4,5-trimethoxyphenyl)methanone 'C22 H20 F N O5'
#
# COMPACT_ATOMS: atom_id res chain seq x y z
N MET A 1 67.42 -39.15 22.09
CA MET A 1 66.67 -38.27 21.21
C MET A 1 65.88 -37.22 22.01
N ARG A 2 65.68 -36.06 21.41
CA ARG A 2 65.06 -34.91 22.07
C ARG A 2 63.97 -34.37 21.15
N GLU A 3 62.83 -35.07 21.07
CA GLU A 3 61.78 -34.72 20.12
C GLU A 3 61.05 -33.43 20.51
N CYS A 4 60.79 -32.59 19.51
CA CYS A 4 59.94 -31.41 19.63
C CYS A 4 58.74 -31.51 18.68
N ILE A 5 57.57 -31.15 19.19
CA ILE A 5 56.32 -31.21 18.44
C ILE A 5 55.89 -29.80 18.08
N SER A 6 55.65 -29.57 16.79
CA SER A 6 55.26 -28.27 16.26
C SER A 6 53.74 -28.23 16.08
N ILE A 7 53.10 -27.17 16.60
CA ILE A 7 51.67 -26.99 16.51
C ILE A 7 51.40 -25.65 15.83
N HIS A 8 50.60 -25.68 14.78
CA HIS A 8 50.33 -24.50 13.94
C HIS A 8 48.84 -24.21 14.00
N VAL A 9 48.47 -23.07 14.60
CA VAL A 9 47.08 -22.72 14.86
C VAL A 9 46.72 -21.47 14.08
N GLY A 10 45.63 -21.54 13.30
CA GLY A 10 45.12 -20.41 12.55
C GLY A 10 45.89 -20.23 11.25
N GLN A 11 45.39 -19.33 10.40
CA GLN A 11 46.00 -19.17 9.08
C GLN A 11 47.48 -18.74 9.17
N ALA A 12 47.79 -17.80 10.06
CA ALA A 12 49.19 -17.36 10.12
C ALA A 12 50.09 -18.48 10.63
N GLY A 13 49.64 -19.23 11.64
CA GLY A 13 50.45 -20.34 12.15
C GLY A 13 50.71 -21.40 11.09
N VAL A 14 49.72 -21.65 10.23
CA VAL A 14 49.83 -22.70 9.24
C VAL A 14 50.70 -22.27 8.05
N GLN A 15 50.50 -21.05 7.55
CA GLN A 15 51.26 -20.67 6.37
C GLN A 15 52.72 -20.45 6.70
N ILE A 16 53.02 -20.06 7.94
CA ILE A 16 54.42 -19.98 8.35
C ILE A 16 54.98 -21.38 8.62
N GLY A 17 54.16 -22.29 9.16
CA GLY A 17 54.55 -23.69 9.22
C GLY A 17 55.00 -24.26 7.88
N ASN A 18 54.20 -24.04 6.83
CA ASN A 18 54.61 -24.44 5.49
C ASN A 18 55.97 -23.88 5.16
N ALA A 19 56.17 -22.59 5.39
CA ALA A 19 57.45 -21.96 5.09
C ALA A 19 58.58 -22.59 5.91
N CYS A 20 58.31 -23.00 7.15
CA CYS A 20 59.36 -23.61 7.96
C CYS A 20 59.62 -25.06 7.54
N TRP A 21 58.56 -25.87 7.42
CA TRP A 21 58.79 -27.27 7.06
C TRP A 21 59.41 -27.40 5.68
N GLU A 22 59.10 -26.48 4.77
CA GLU A 22 59.76 -26.48 3.46
C GLU A 22 61.24 -26.20 3.61
N LEU A 23 61.58 -25.20 4.42
CA LEU A 23 62.99 -24.86 4.62
C LEU A 23 63.74 -25.96 5.40
N TYR A 24 63.07 -26.61 6.38
CA TYR A 24 63.71 -27.74 7.06
C TYR A 24 64.05 -28.85 6.08
N CYS A 25 63.10 -29.21 5.21
CA CYS A 25 63.32 -30.27 4.23
C CYS A 25 64.51 -29.93 3.34
N LEU A 26 64.60 -28.69 2.89
CA LEU A 26 65.78 -28.26 2.13
C LEU A 26 67.05 -28.39 2.97
N GLU A 27 66.98 -28.04 4.26
CA GLU A 27 68.19 -28.07 5.10
C GLU A 27 68.65 -29.50 5.38
N HIS A 28 67.73 -30.46 5.38
CA HIS A 28 68.05 -31.84 5.75
C HIS A 28 68.05 -32.79 4.57
N GLY A 29 67.78 -32.32 3.35
CA GLY A 29 67.78 -33.20 2.20
C GLY A 29 66.55 -34.07 2.11
N ILE A 30 65.45 -33.64 2.70
CA ILE A 30 64.19 -34.37 2.66
C ILE A 30 63.42 -33.84 1.45
N GLN A 31 63.23 -34.70 0.46
CA GLN A 31 62.49 -34.37 -0.73
C GLN A 31 61.02 -34.22 -0.38
N PRO A 32 60.22 -33.62 -1.28
CA PRO A 32 58.78 -33.44 -0.97
C PRO A 32 58.02 -34.74 -0.74
N ASP A 33 58.46 -35.85 -1.34
CA ASP A 33 57.76 -37.12 -1.14
C ASP A 33 58.05 -37.74 0.22
N GLY A 34 58.94 -37.13 1.00
CA GLY A 34 59.31 -37.62 2.31
C GLY A 34 60.60 -38.43 2.33
N GLN A 35 61.08 -38.86 1.17
CA GLN A 35 62.26 -39.69 1.08
C GLN A 35 63.53 -38.89 1.29
N MET A 36 64.63 -39.61 1.61
CA MET A 36 65.91 -38.98 1.91
C MET A 36 67.11 -39.88 1.60
N PRO A 37 68.07 -39.43 0.77
CA PRO A 37 69.32 -40.16 0.47
C PRO A 37 70.25 -40.37 1.68
N ASP A 46 74.79 -37.37 10.55
CA ASP A 46 74.10 -36.67 11.62
C ASP A 46 72.62 -37.04 11.70
N ASP A 47 72.15 -37.42 12.90
CA ASP A 47 70.80 -37.92 13.11
C ASP A 47 69.91 -36.95 13.88
N SER A 48 70.36 -35.70 14.05
CA SER A 48 69.62 -34.75 14.89
C SER A 48 68.31 -34.32 14.24
N PHE A 49 68.16 -34.51 12.93
CA PHE A 49 66.91 -34.14 12.27
C PHE A 49 65.73 -34.95 12.78
N ASN A 50 65.97 -36.08 13.44
CA ASN A 50 64.85 -36.87 13.96
C ASN A 50 64.15 -36.20 15.13
N THR A 51 64.72 -35.13 15.70
CA THR A 51 64.00 -34.40 16.73
C THR A 51 62.78 -33.70 16.18
N PHE A 52 62.75 -33.43 14.87
CA PHE A 52 61.61 -32.79 14.22
C PHE A 52 60.90 -33.67 13.19
N PHE A 53 61.49 -34.81 12.80
CA PHE A 53 60.92 -35.70 11.80
C PHE A 53 60.88 -37.12 12.34
N SER A 54 59.72 -37.75 12.26
CA SER A 54 59.62 -39.18 12.54
C SER A 54 59.86 -39.94 11.23
N GLU A 55 59.78 -41.26 11.29
CA GLU A 55 59.98 -42.05 10.09
C GLU A 55 58.98 -43.21 10.05
N THR A 56 58.40 -43.45 8.88
CA THR A 56 57.41 -44.51 8.70
C THR A 56 58.06 -45.76 8.12
N GLY A 57 57.35 -46.89 8.25
CA GLY A 57 57.80 -48.18 7.75
C GLY A 57 58.05 -48.25 6.25
N ALA A 58 57.80 -47.15 5.55
CA ALA A 58 58.00 -47.04 4.12
C ALA A 58 59.27 -46.25 3.77
N GLY A 59 59.97 -45.73 4.78
CA GLY A 59 61.12 -44.89 4.59
C GLY A 59 60.84 -43.41 4.54
N LYS A 60 59.60 -43.00 4.80
CA LYS A 60 59.25 -41.59 4.69
C LYS A 60 59.45 -40.89 6.02
N HIS A 61 60.07 -39.73 5.97
CA HIS A 61 60.28 -38.88 7.13
C HIS A 61 59.16 -37.86 7.21
N VAL A 62 58.49 -37.81 8.35
CA VAL A 62 57.23 -37.11 8.52
C VAL A 62 57.40 -36.09 9.63
N PRO A 63 57.17 -34.80 9.34
CA PRO A 63 57.23 -33.77 10.39
C PRO A 63 56.45 -34.15 11.64
N ARG A 64 57.01 -33.83 12.81
CA ARG A 64 56.28 -33.99 14.07
C ARG A 64 55.43 -32.72 14.28
N ALA A 65 54.31 -32.66 13.57
CA ALA A 65 53.53 -31.43 13.50
C ALA A 65 52.05 -31.74 13.43
N VAL A 66 51.25 -30.82 13.98
CA VAL A 66 49.80 -30.85 13.81
C VAL A 66 49.35 -29.45 13.41
N PHE A 67 48.56 -29.38 12.34
CA PHE A 67 48.03 -28.12 11.85
C PHE A 67 46.56 -28.01 12.24
N VAL A 68 46.15 -26.82 12.68
CA VAL A 68 44.79 -26.58 13.11
C VAL A 68 44.32 -25.27 12.51
N ASP A 69 43.27 -25.33 11.69
CA ASP A 69 42.57 -24.13 11.26
C ASP A 69 41.13 -24.49 11.02
N LEU A 70 40.23 -23.76 11.65
CA LEU A 70 38.79 -24.02 11.54
C LEU A 70 38.22 -23.57 10.23
N GLU A 71 39.05 -23.44 9.22
CA GLU A 71 38.64 -22.97 7.91
C GLU A 71 39.41 -23.81 6.89
N PRO A 72 38.70 -24.55 6.04
CA PRO A 72 39.37 -25.57 5.20
C PRO A 72 40.26 -24.99 4.11
N THR A 73 40.08 -23.73 3.71
CA THR A 73 40.88 -23.16 2.63
C THR A 73 42.37 -23.22 2.93
N VAL A 74 42.76 -22.91 4.16
CA VAL A 74 44.18 -22.75 4.46
C VAL A 74 44.84 -24.11 4.64
N ILE A 75 44.09 -25.09 5.14
CA ILE A 75 44.66 -26.40 5.36
C ILE A 75 44.59 -27.24 4.08
N ASP A 76 43.62 -26.98 3.20
CA ASP A 76 43.68 -27.56 1.87
C ASP A 76 44.91 -27.08 1.12
N GLU A 77 45.39 -25.89 1.47
CA GLU A 77 46.67 -25.40 0.95
C GLU A 77 47.81 -26.34 1.31
N VAL A 78 47.62 -27.19 2.31
CA VAL A 78 48.61 -28.20 2.65
C VAL A 78 48.28 -29.56 2.05
N ARG A 79 47.01 -29.97 2.09
CA ARG A 79 46.59 -31.25 1.52
C ARG A 79 46.97 -31.35 0.05
N THR A 80 47.02 -30.22 -0.65
CA THR A 80 47.27 -30.19 -2.08
C THR A 80 48.62 -29.57 -2.45
N GLY A 81 49.39 -29.11 -1.48
CA GLY A 81 50.62 -28.40 -1.74
C GLY A 81 51.74 -29.27 -2.27
N THR A 82 52.90 -28.62 -2.44
CA THR A 82 54.08 -29.30 -2.97
C THR A 82 54.59 -30.36 -1.99
N TYR A 83 54.53 -30.06 -0.70
CA TYR A 83 55.01 -30.96 0.33
C TYR A 83 53.89 -31.80 0.93
N ARG A 84 52.78 -31.96 0.20
CA ARG A 84 51.60 -32.65 0.73
C ARG A 84 51.90 -34.09 1.13
N GLN A 85 52.83 -34.76 0.45
CA GLN A 85 53.13 -36.14 0.82
C GLN A 85 53.84 -36.27 2.17
N LEU A 86 54.35 -35.18 2.72
CA LEU A 86 55.02 -35.24 4.02
C LEU A 86 54.04 -35.51 5.15
N PHE A 87 52.80 -35.05 5.01
CA PHE A 87 51.86 -35.07 6.12
C PHE A 87 50.83 -36.19 5.97
N HIS A 88 50.47 -36.78 7.06
CA HIS A 88 49.37 -37.70 7.22
C HIS A 88 48.11 -36.91 7.54
N PRO A 89 46.96 -37.36 7.00
CA PRO A 89 45.71 -36.61 7.18
C PRO A 89 45.36 -36.30 8.61
N GLU A 90 45.71 -37.18 9.55
CA GLU A 90 45.44 -36.96 10.96
C GLU A 90 46.26 -35.82 11.56
N GLN A 91 47.26 -35.28 10.86
CA GLN A 91 47.96 -34.11 11.34
C GLN A 91 47.27 -32.80 10.96
N LEU A 92 46.26 -32.86 10.10
CA LEU A 92 45.60 -31.67 9.57
C LEU A 92 44.18 -31.63 10.11
N ILE A 93 43.92 -30.73 11.05
CA ILE A 93 42.62 -30.64 11.72
C ILE A 93 41.93 -29.37 11.27
N THR A 94 40.72 -29.50 10.74
CA THR A 94 39.98 -28.37 10.20
C THR A 94 38.52 -28.44 10.65
N GLY A 95 37.73 -27.48 10.20
CA GLY A 95 36.33 -27.40 10.56
C GLY A 95 35.65 -26.58 9.50
N LYS A 96 34.40 -26.18 9.76
CA LYS A 96 33.67 -25.50 8.71
C LYS A 96 33.60 -23.99 8.89
N GLU A 97 33.84 -23.49 10.10
CA GLU A 97 33.45 -22.14 10.46
C GLU A 97 34.53 -21.55 11.35
N ASP A 98 35.23 -20.52 10.87
CA ASP A 98 36.34 -20.03 11.68
C ASP A 98 35.84 -19.13 12.82
N ALA A 99 36.78 -18.52 13.52
CA ALA A 99 36.50 -17.71 14.69
C ALA A 99 35.98 -16.32 14.33
N ALA A 100 35.89 -16.01 13.04
CA ALA A 100 35.37 -14.71 12.60
C ALA A 100 36.09 -13.56 13.30
N ASN A 101 37.43 -13.65 13.36
CA ASN A 101 38.31 -12.63 13.95
C ASN A 101 37.96 -12.36 15.40
N ASN A 102 37.37 -13.34 16.09
CA ASN A 102 36.79 -13.16 17.41
C ASN A 102 37.46 -14.14 18.38
N TYR A 103 38.29 -13.60 19.28
CA TYR A 103 38.93 -14.41 20.29
C TYR A 103 37.92 -15.26 21.03
N ALA A 104 36.82 -14.65 21.47
CA ALA A 104 35.82 -15.40 22.23
C ALA A 104 35.28 -16.57 21.44
N ARG A 105 35.06 -16.39 20.13
CA ARG A 105 34.62 -17.51 19.30
C ARG A 105 35.71 -18.58 19.23
N GLY A 106 36.97 -18.16 19.05
CA GLY A 106 38.06 -19.11 19.01
C GLY A 106 38.24 -19.85 20.33
N HIS A 107 38.18 -19.12 21.44
CA HIS A 107 38.46 -19.72 22.74
C HIS A 107 37.28 -20.51 23.28
N TYR A 108 36.08 -19.95 23.26
CA TYR A 108 34.93 -20.52 23.98
C TYR A 108 33.98 -21.32 23.11
N THR A 109 33.63 -20.84 21.91
CA THR A 109 32.60 -21.51 21.11
C THR A 109 33.19 -22.66 20.30
N ILE A 110 34.26 -22.38 19.55
CA ILE A 110 34.94 -23.45 18.83
C ILE A 110 35.86 -24.24 19.74
N GLY A 111 36.60 -23.55 20.61
CA GLY A 111 37.61 -24.23 21.42
C GLY A 111 37.04 -25.36 22.25
N LYS A 112 35.90 -25.12 22.91
CA LYS A 112 35.27 -26.20 23.66
C LYS A 112 34.87 -27.36 22.76
N GLU A 113 34.76 -27.12 21.45
CA GLU A 113 34.28 -28.14 20.52
C GLU A 113 35.38 -29.00 19.93
N ILE A 114 36.58 -28.48 19.73
CA ILE A 114 37.64 -29.22 19.06
C ILE A 114 38.85 -29.49 19.94
N ILE A 115 38.86 -29.01 21.18
CA ILE A 115 40.06 -29.14 22.02
C ILE A 115 40.42 -30.60 22.26
N ASP A 116 39.43 -31.46 22.54
CA ASP A 116 39.72 -32.88 22.80
C ASP A 116 40.18 -33.58 21.53
N LEU A 117 39.63 -33.22 20.37
CA LEU A 117 40.14 -33.76 19.11
C LEU A 117 41.59 -33.38 18.89
N VAL A 118 41.92 -32.11 19.10
CA VAL A 118 43.28 -31.64 18.88
C VAL A 118 44.23 -32.27 19.89
N LEU A 119 43.86 -32.28 21.16
CA LEU A 119 44.73 -32.86 22.18
C LEU A 119 44.98 -34.33 21.92
N ASP A 120 44.02 -35.03 21.34
CA ASP A 120 44.18 -36.45 21.03
C ASP A 120 45.20 -36.66 19.92
N ARG A 121 45.18 -35.80 18.89
CA ARG A 121 46.18 -35.92 17.83
C ARG A 121 47.58 -35.59 18.37
N ILE A 122 47.69 -34.61 19.24
CA ILE A 122 49.01 -34.31 19.81
C ILE A 122 49.49 -35.49 20.65
N ARG A 123 48.58 -36.18 21.34
CA ARG A 123 48.99 -37.35 22.11
C ARG A 123 49.52 -38.46 21.22
N LYS A 124 49.02 -38.61 19.99
CA LYS A 124 49.58 -39.64 19.13
C LYS A 124 50.98 -39.28 18.69
N LEU A 125 51.26 -37.99 18.51
CA LEU A 125 52.62 -37.56 18.21
C LEU A 125 53.52 -37.78 19.41
N ALA A 126 53.02 -37.49 20.61
CA ALA A 126 53.82 -37.57 21.83
C ALA A 126 54.08 -39.03 22.25
N ASP A 127 53.15 -39.93 21.95
CA ASP A 127 53.37 -41.35 22.23
C ASP A 127 54.48 -41.95 21.36
N GLN A 128 54.82 -41.29 20.26
CA GLN A 128 55.95 -41.74 19.45
C GLN A 128 57.30 -41.22 19.94
N CYS A 129 57.37 -40.52 21.07
CA CYS A 129 58.62 -39.89 21.52
C CYS A 129 59.25 -40.67 22.66
N THR A 130 60.56 -40.87 22.60
CA THR A 130 61.27 -41.47 23.72
C THR A 130 61.73 -40.43 24.73
N GLY A 131 61.78 -39.16 24.36
CA GLY A 131 62.19 -38.06 25.22
C GLY A 131 61.69 -36.71 24.76
N LEU A 132 60.38 -36.54 24.74
CA LEU A 132 59.74 -35.31 24.27
C LEU A 132 60.19 -34.09 25.05
N GLN A 133 60.74 -33.09 24.36
CA GLN A 133 61.14 -31.88 25.07
C GLN A 133 59.95 -30.99 25.37
N GLY A 134 59.02 -30.89 24.44
CA GLY A 134 57.91 -29.97 24.55
C GLY A 134 57.43 -29.53 23.16
N PHE A 135 56.84 -28.34 23.12
CA PHE A 135 56.07 -27.91 21.96
C PHE A 135 56.53 -26.55 21.47
N LEU A 136 56.47 -26.40 20.15
CA LEU A 136 56.72 -25.13 19.48
C LEU A 136 55.41 -24.70 18.83
N VAL A 137 54.78 -23.67 19.40
CA VAL A 137 53.44 -23.23 19.01
C VAL A 137 53.54 -21.97 18.16
N PHE A 138 52.97 -22.03 16.96
CA PHE A 138 52.97 -20.93 15.99
C PHE A 138 51.55 -20.41 15.81
N HIS A 139 51.36 -19.09 15.98
CA HIS A 139 50.02 -18.53 15.90
C HIS A 139 50.10 -17.01 15.82
N SER A 140 49.02 -16.40 15.32
CA SER A 140 48.91 -14.95 15.32
C SER A 140 48.36 -14.42 16.66
N PHE A 141 48.74 -13.19 16.98
CA PHE A 141 48.04 -12.48 18.06
C PHE A 141 46.64 -12.04 17.63
N GLY A 142 46.43 -11.79 16.35
CA GLY A 142 45.25 -11.03 15.92
C GLY A 142 44.04 -11.83 15.51
N GLY A 143 44.27 -12.97 14.85
CA GLY A 143 43.16 -13.84 14.48
C GLY A 143 42.38 -14.33 15.69
N GLY A 144 41.11 -14.64 15.47
CA GLY A 144 40.31 -15.24 16.52
C GLY A 144 40.70 -16.68 16.79
N THR A 145 41.17 -17.39 15.76
CA THR A 145 41.65 -18.75 15.97
C THR A 145 43.03 -18.72 16.61
N GLY A 146 43.97 -18.04 15.94
CA GLY A 146 45.30 -17.86 16.48
C GLY A 146 45.32 -17.37 17.91
N SER A 147 44.44 -16.41 18.25
CA SER A 147 44.49 -15.94 19.63
C SER A 147 43.67 -16.85 20.54
N GLY A 148 42.44 -17.15 20.12
CA GLY A 148 41.49 -17.77 21.02
C GLY A 148 41.72 -19.25 21.23
N PHE A 149 41.89 -20.01 20.14
CA PHE A 149 42.12 -21.43 20.34
C PHE A 149 43.51 -21.71 20.92
N THR A 150 44.54 -20.97 20.51
CA THR A 150 45.88 -21.20 21.04
C THR A 150 45.92 -21.06 22.55
N SER A 151 45.30 -20.01 23.09
CA SER A 151 45.38 -19.83 24.54
C SER A 151 44.66 -20.95 25.28
N LEU A 152 43.55 -21.45 24.73
CA LEU A 152 42.93 -22.62 25.34
C LEU A 152 43.85 -23.85 25.26
N LEU A 153 44.59 -23.99 24.15
CA LEU A 153 45.45 -25.16 24.00
C LEU A 153 46.60 -25.12 25.00
N MET A 154 47.23 -23.95 25.14
CA MET A 154 48.35 -23.80 26.08
C MET A 154 47.93 -24.09 27.52
N GLU A 155 46.74 -23.62 27.93
CA GLU A 155 46.15 -24.05 29.19
C GLU A 155 46.14 -25.58 29.29
N ARG A 156 45.74 -26.26 28.21
CA ARG A 156 45.57 -27.70 28.31
C ARG A 156 46.89 -28.44 28.22
N LEU A 157 47.86 -27.89 27.48
CA LEU A 157 49.16 -28.54 27.43
C LEU A 157 49.88 -28.44 28.78
N SER A 158 49.66 -27.34 29.53
CA SER A 158 50.20 -27.25 30.88
C SER A 158 49.59 -28.28 31.81
N VAL A 159 48.38 -28.75 31.50
CA VAL A 159 47.74 -29.78 32.32
C VAL A 159 48.22 -31.16 31.92
N ASP A 160 48.30 -31.44 30.61
CA ASP A 160 48.64 -32.78 30.15
C ASP A 160 50.14 -33.01 30.01
N TYR A 161 50.96 -31.94 30.04
CA TYR A 161 52.42 -32.06 29.91
C TYR A 161 53.10 -31.09 30.89
N GLY A 162 52.95 -31.36 32.19
CA GLY A 162 53.21 -30.36 33.21
C GLY A 162 54.62 -29.80 33.20
N LYS A 163 55.61 -30.65 32.96
CA LYS A 163 57.00 -30.18 33.00
C LYS A 163 57.57 -29.94 31.60
N LYS A 164 56.77 -30.06 30.56
CA LYS A 164 57.31 -29.89 29.22
C LYS A 164 57.41 -28.39 28.88
N SER A 165 58.46 -28.04 28.15
CA SER A 165 58.65 -26.68 27.69
C SER A 165 57.68 -26.34 26.57
N LYS A 166 57.19 -25.10 26.59
CA LYS A 166 56.39 -24.61 25.47
C LYS A 166 56.97 -23.29 24.99
N LEU A 167 57.42 -23.27 23.74
CA LEU A 167 57.87 -22.07 23.05
C LEU A 167 56.80 -21.62 22.07
N GLU A 168 56.50 -20.32 22.06
CA GLU A 168 55.64 -19.74 21.04
C GLU A 168 56.44 -18.91 20.04
N PHE A 169 55.96 -18.93 18.81
CA PHE A 169 56.30 -17.93 17.81
C PHE A 169 55.00 -17.21 17.47
N SER A 170 54.88 -15.96 17.90
CA SER A 170 53.62 -15.22 17.85
C SER A 170 53.71 -14.09 16.84
N ILE A 171 52.75 -14.04 15.91
CA ILE A 171 52.75 -12.98 14.93
C ILE A 171 52.04 -11.76 15.53
N TYR A 172 52.79 -10.71 15.72
CA TYR A 172 52.32 -9.47 16.33
C TYR A 172 51.68 -8.57 15.25
N PRO A 173 50.49 -8.04 15.50
CA PRO A 173 49.74 -7.33 14.44
C PRO A 173 50.42 -6.04 13.97
N ALA A 174 50.31 -5.80 12.67
CA ALA A 174 50.75 -4.57 12.03
C ALA A 174 49.60 -3.95 11.24
N PRO A 175 49.27 -2.69 11.45
CA PRO A 175 48.29 -2.04 10.54
C PRO A 175 48.68 -2.11 9.07
N GLN A 176 49.98 -2.13 8.76
CA GLN A 176 50.41 -2.12 7.36
C GLN A 176 49.96 -3.37 6.62
N VAL A 177 49.99 -4.53 7.27
CA VAL A 177 49.49 -5.77 6.69
C VAL A 177 48.57 -6.42 7.70
N SER A 178 47.48 -5.74 8.01
CA SER A 178 46.59 -6.23 9.04
C SER A 178 45.51 -7.10 8.43
N THR A 179 44.55 -7.47 9.26
CA THR A 179 43.26 -7.97 8.82
C THR A 179 42.16 -7.13 9.46
N ALA A 180 42.17 -7.02 10.80
CA ALA A 180 40.95 -6.68 11.53
C ALA A 180 41.16 -5.54 12.52
N VAL A 181 40.09 -4.76 12.69
CA VAL A 181 40.08 -3.66 13.62
C VAL A 181 40.12 -4.13 15.07
N VAL A 182 39.84 -5.40 15.33
CA VAL A 182 39.76 -5.88 16.71
C VAL A 182 41.02 -6.65 17.12
N GLU A 183 42.06 -6.64 16.29
CA GLU A 183 43.26 -7.38 16.67
C GLU A 183 43.85 -6.93 18.01
N PRO A 184 43.86 -5.64 18.37
CA PRO A 184 44.32 -5.30 19.72
C PRO A 184 43.57 -6.03 20.82
N TYR A 185 42.24 -6.12 20.75
CA TYR A 185 41.50 -6.92 21.73
C TYR A 185 42.04 -8.34 21.78
N ASN A 186 42.02 -9.05 20.65
CA ASN A 186 42.44 -10.44 20.63
C ASN A 186 43.88 -10.59 21.15
N SER A 187 44.74 -9.61 20.86
CA SER A 187 46.13 -9.69 21.28
C SER A 187 46.24 -9.68 22.80
N ILE A 188 45.57 -8.72 23.45
CA ILE A 188 45.67 -8.62 24.91
C ILE A 188 44.96 -9.80 25.57
N LEU A 189 43.85 -10.25 25.00
CA LEU A 189 43.17 -11.41 25.56
C LEU A 189 44.06 -12.64 25.54
N THR A 190 44.68 -12.95 24.39
CA THR A 190 45.49 -14.15 24.30
C THR A 190 46.78 -14.06 25.11
N THR A 191 47.37 -12.85 25.19
CA THR A 191 48.59 -12.66 25.98
C THR A 191 48.31 -12.87 27.46
N HIS A 192 47.17 -12.37 27.93
CA HIS A 192 46.76 -12.60 29.31
C HIS A 192 46.65 -14.09 29.60
N THR A 193 45.88 -14.81 28.78
CA THR A 193 45.56 -16.20 29.05
C THR A 193 46.77 -17.11 28.87
N THR A 194 47.73 -16.74 28.03
CA THR A 194 48.86 -17.63 27.76
C THR A 194 50.07 -17.37 28.68
N LEU A 195 50.08 -16.24 29.39
CA LEU A 195 51.30 -15.79 30.04
C LEU A 195 51.86 -16.82 31.02
N GLU A 196 51.00 -17.41 31.86
CA GLU A 196 51.42 -18.44 32.82
C GLU A 196 51.97 -19.68 32.13
N HIS A 197 51.58 -19.94 30.89
CA HIS A 197 51.73 -21.27 30.28
C HIS A 197 52.75 -21.29 29.15
N SER A 198 53.57 -20.27 29.02
CA SER A 198 54.58 -20.28 27.99
C SER A 198 55.93 -19.99 28.63
N ASP A 199 56.94 -20.74 28.24
CA ASP A 199 58.25 -20.54 28.82
C ASP A 199 59.07 -19.51 28.06
N CYS A 200 58.77 -19.33 26.78
CA CYS A 200 59.58 -18.45 25.95
C CYS A 200 58.86 -18.20 24.64
N ALA A 201 58.53 -16.95 24.37
CA ALA A 201 57.73 -16.58 23.23
C ALA A 201 58.53 -15.62 22.36
N PHE A 202 58.83 -16.04 21.13
CA PHE A 202 59.52 -15.17 20.19
C PHE A 202 58.46 -14.43 19.37
N MET A 203 58.31 -13.13 19.60
CA MET A 203 57.33 -12.34 18.84
C MET A 203 57.90 -11.93 17.49
N VAL A 204 57.06 -11.97 16.47
CA VAL A 204 57.41 -11.43 15.15
C VAL A 204 56.43 -10.31 14.84
N ASP A 205 56.96 -9.10 14.70
CA ASP A 205 56.16 -7.93 14.38
C ASP A 205 55.98 -7.88 12.87
N ASN A 206 54.73 -7.93 12.40
CA ASN A 206 54.53 -7.95 10.96
C ASN A 206 55.04 -6.65 10.31
N GLU A 207 55.07 -5.54 11.07
CA GLU A 207 55.55 -4.28 10.52
C GLU A 207 57.07 -4.27 10.42
N ALA A 208 57.75 -4.87 11.39
CA ALA A 208 59.19 -5.04 11.28
C ALA A 208 59.55 -5.85 10.04
N ILE A 209 58.94 -7.03 9.90
CA ILE A 209 59.25 -7.92 8.79
C ILE A 209 58.89 -7.27 7.45
N TYR A 210 57.73 -6.63 7.39
CA TYR A 210 57.36 -5.89 6.18
C TYR A 210 58.43 -4.85 5.83
N ASP A 211 59.00 -4.18 6.84
CA ASP A 211 59.97 -3.12 6.54
C ASP A 211 61.29 -3.70 6.03
N ILE A 212 61.74 -4.82 6.60
CA ILE A 212 62.98 -5.44 6.16
C ILE A 212 62.89 -5.89 4.70
N CYS A 213 61.75 -6.45 4.30
CA CYS A 213 61.56 -6.88 2.91
C CYS A 213 61.55 -5.69 1.95
N ARG A 214 60.83 -4.63 2.29
CA ARG A 214 60.84 -3.44 1.43
C ARG A 214 62.24 -2.87 1.31
N ARG A 215 62.92 -2.67 2.44
CA ARG A 215 64.21 -2.01 2.42
C ARG A 215 65.32 -2.92 1.89
N ASN A 216 65.37 -4.16 2.37
CA ASN A 216 66.53 -4.99 2.05
C ASN A 216 66.33 -5.91 0.85
N LEU A 217 65.09 -6.18 0.44
CA LEU A 217 64.83 -7.05 -0.72
C LEU A 217 64.34 -6.32 -1.97
N ASP A 218 64.10 -5.00 -1.91
CA ASP A 218 63.52 -4.25 -3.01
C ASP A 218 62.21 -4.87 -3.48
N ILE A 219 61.28 -5.02 -2.53
CA ILE A 219 59.91 -5.43 -2.80
C ILE A 219 59.01 -4.31 -2.33
N GLU A 220 58.19 -3.77 -3.24
CA GLU A 220 57.38 -2.61 -2.89
C GLU A 220 56.20 -2.99 -1.99
N ARG A 221 55.53 -4.11 -2.27
CA ARG A 221 54.44 -4.59 -1.42
C ARG A 221 54.62 -6.07 -1.12
N PRO A 222 55.36 -6.41 -0.06
CA PRO A 222 55.58 -7.82 0.29
C PRO A 222 54.29 -8.59 0.51
N THR A 223 54.28 -9.83 0.02
CA THR A 223 53.19 -10.75 0.29
C THR A 223 53.40 -11.49 1.60
N TYR A 224 52.40 -12.29 1.99
CA TYR A 224 52.61 -13.22 3.09
C TYR A 224 53.74 -14.21 2.75
N THR A 225 53.90 -14.57 1.48
CA THR A 225 55.00 -15.48 1.12
C THR A 225 56.35 -14.82 1.39
N ASN A 226 56.52 -13.57 0.95
CA ASN A 226 57.72 -12.82 1.28
C ASN A 226 57.98 -12.82 2.78
N LEU A 227 56.98 -12.40 3.57
CA LEU A 227 57.16 -12.34 5.01
C LEU A 227 57.45 -13.72 5.61
N ASN A 228 56.70 -14.75 5.17
CA ASN A 228 56.84 -16.07 5.76
C ASN A 228 58.21 -16.66 5.46
N ARG A 229 58.70 -16.48 4.22
CA ARG A 229 60.04 -16.95 3.87
C ARG A 229 61.10 -16.34 4.79
N LEU A 230 61.07 -15.02 4.98
CA LEU A 230 61.98 -14.37 5.91
C LEU A 230 61.79 -14.88 7.33
N ILE A 231 60.53 -15.04 7.76
CA ILE A 231 60.28 -15.55 9.11
C ILE A 231 60.87 -16.95 9.27
N SER A 232 60.79 -17.77 8.21
CA SER A 232 61.38 -19.11 8.28
C SER A 232 62.87 -19.07 8.57
N GLN A 233 63.60 -18.16 7.93
CA GLN A 233 65.04 -18.09 8.17
C GLN A 233 65.33 -17.81 9.63
N ILE A 234 64.44 -17.08 10.32
CA ILE A 234 64.66 -16.77 11.73
C ILE A 234 64.39 -17.99 12.58
N VAL A 235 63.22 -18.60 12.39
CA VAL A 235 62.86 -19.83 13.09
C VAL A 235 63.91 -20.90 12.81
N SER A 236 64.39 -20.99 11.57
CA SER A 236 65.45 -21.95 11.26
C SER A 236 66.65 -21.72 12.15
N SER A 237 67.07 -20.45 12.30
CA SER A 237 68.27 -20.14 13.08
C SER A 237 68.07 -20.41 14.56
N ILE A 238 66.83 -20.26 15.05
CA ILE A 238 66.53 -20.56 16.45
C ILE A 238 66.47 -22.07 16.68
N THR A 239 66.07 -22.85 15.67
CA THR A 239 65.94 -24.30 15.82
C THR A 239 67.11 -25.08 15.24
N ALA A 240 68.09 -24.41 14.62
CA ALA A 240 69.14 -25.13 13.88
C ALA A 240 69.97 -26.03 14.79
N SER A 241 70.17 -25.63 16.04
CA SER A 241 70.91 -26.45 16.98
C SER A 241 70.04 -27.50 17.66
N LEU A 242 68.73 -27.51 17.39
CA LEU A 242 67.90 -28.63 17.79
C LEU A 242 67.86 -29.69 16.71
N ARG A 243 67.98 -29.29 15.44
CA ARG A 243 67.87 -30.21 14.32
C ARG A 243 69.22 -30.69 13.81
N PHE A 244 70.30 -30.00 14.16
CA PHE A 244 71.67 -30.47 13.92
C PHE A 244 72.36 -30.61 15.27
N ASP A 245 73.50 -31.30 15.29
CA ASP A 245 74.23 -31.52 16.54
C ASP A 245 75.10 -30.29 16.88
N GLY A 246 74.41 -29.20 17.24
CA GLY A 246 75.06 -27.96 17.61
C GLY A 246 75.51 -27.95 19.05
N ALA A 247 75.91 -26.77 19.52
CA ALA A 247 76.49 -26.65 20.86
C ALA A 247 75.79 -25.64 21.76
N LEU A 248 74.89 -24.81 21.24
CA LEU A 248 74.19 -23.83 22.05
C LEU A 248 72.69 -23.95 21.76
N ASN A 249 71.87 -23.88 22.81
CA ASN A 249 70.44 -24.15 22.71
C ASN A 249 70.19 -25.53 22.09
N VAL A 250 70.77 -26.56 22.72
CA VAL A 250 70.65 -27.93 22.22
C VAL A 250 69.43 -28.64 22.78
N ASP A 251 68.64 -28.00 23.64
CA ASP A 251 67.34 -28.51 24.05
C ASP A 251 66.50 -27.34 24.55
N LEU A 252 65.18 -27.57 24.60
CA LEU A 252 64.25 -26.45 24.78
C LEU A 252 64.47 -25.74 26.10
N THR A 253 64.72 -26.48 27.19
CA THR A 253 64.93 -25.81 28.47
C THR A 253 66.11 -24.84 28.44
N GLU A 254 67.06 -25.04 27.54
CA GLU A 254 68.21 -24.16 27.49
C GLU A 254 67.83 -22.77 26.95
N PHE A 255 66.65 -22.64 26.34
CA PHE A 255 66.16 -21.32 25.92
C PHE A 255 65.77 -20.47 27.12
N GLN A 256 65.06 -21.05 28.09
CA GLN A 256 64.73 -20.26 29.27
C GLN A 256 65.93 -20.08 30.18
N THR A 257 66.87 -21.03 30.17
CA THR A 257 68.08 -20.84 30.95
C THR A 257 68.90 -19.67 30.43
N ASN A 258 68.99 -19.52 29.11
CA ASN A 258 69.87 -18.54 28.50
C ASN A 258 69.20 -17.21 28.21
N LEU A 259 67.87 -17.16 28.22
CA LEU A 259 67.16 -15.97 27.78
C LEU A 259 66.11 -15.48 28.75
N VAL A 260 65.67 -16.30 29.69
CA VAL A 260 64.51 -15.94 30.52
C VAL A 260 64.88 -15.99 31.99
N PRO A 261 65.59 -14.98 32.51
CA PRO A 261 65.86 -14.95 33.95
C PRO A 261 64.62 -14.81 34.80
N TYR A 262 63.61 -14.09 34.33
CA TYR A 262 62.33 -13.98 35.04
C TYR A 262 61.24 -14.63 34.23
N PRO A 263 60.38 -15.43 34.88
CA PRO A 263 59.38 -16.20 34.12
C PRO A 263 58.41 -15.34 33.30
N ARG A 264 57.89 -14.23 33.84
CA ARG A 264 56.96 -13.44 33.03
C ARG A 264 57.69 -12.69 31.92
N ILE A 265 58.94 -12.31 32.15
CA ILE A 265 59.70 -11.56 31.16
C ILE A 265 60.31 -12.55 30.18
N HIS A 266 59.48 -13.20 29.38
CA HIS A 266 59.97 -14.28 28.53
C HIS A 266 59.79 -13.97 27.05
N PHE A 267 59.86 -12.70 26.69
CA PHE A 267 59.71 -12.26 25.32
C PHE A 267 61.02 -11.72 24.78
N PRO A 268 61.92 -12.57 24.29
CA PRO A 268 63.19 -12.07 23.76
C PRO A 268 63.02 -11.38 22.41
N LEU A 269 63.96 -10.50 22.11
CA LEU A 269 64.05 -9.78 20.84
C LEU A 269 64.99 -10.52 19.91
N ALA A 270 64.51 -10.86 18.72
CA ALA A 270 65.32 -11.59 17.74
C ALA A 270 65.76 -10.62 16.65
N THR A 271 67.04 -10.64 16.33
CA THR A 271 67.63 -9.78 15.32
C THR A 271 68.41 -10.67 14.34
N TYR A 272 68.22 -10.44 13.04
CA TYR A 272 68.75 -11.34 12.01
C TYR A 272 69.53 -10.59 10.95
N ALA A 273 70.67 -11.14 10.54
CA ALA A 273 71.45 -10.59 9.44
C ALA A 273 72.31 -11.68 8.84
N PRO A 274 72.60 -11.61 7.53
CA PRO A 274 72.12 -10.57 6.61
C PRO A 274 70.89 -10.97 5.75
N VAL A 275 70.10 -9.98 5.32
CA VAL A 275 69.01 -10.17 4.36
C VAL A 275 69.42 -9.46 3.08
N ILE A 276 69.66 -10.23 2.02
CA ILE A 276 70.23 -9.73 0.76
C ILE A 276 69.33 -10.18 -0.38
N SER A 277 69.17 -9.31 -1.37
CA SER A 277 68.25 -9.58 -2.46
C SER A 277 68.85 -10.58 -3.45
N ALA A 278 68.04 -11.56 -3.84
CA ALA A 278 68.50 -12.58 -4.77
C ALA A 278 68.92 -11.96 -6.10
N GLU A 279 68.07 -11.12 -6.67
CA GLU A 279 68.38 -10.47 -7.95
C GLU A 279 69.55 -9.50 -7.82
N LYS A 280 69.82 -8.99 -6.63
CA LYS A 280 70.97 -8.12 -6.38
C LYS A 280 72.25 -8.95 -6.32
N GLU A 284 79.63 -9.17 -3.09
CA GLU A 284 80.70 -9.60 -2.19
C GLU A 284 80.15 -10.09 -0.85
N GLN A 285 80.67 -11.21 -0.34
CA GLN A 285 80.14 -11.80 0.88
C GLN A 285 80.51 -10.96 2.09
N LEU A 286 79.53 -10.69 2.95
CA LEU A 286 79.78 -9.93 4.18
C LEU A 286 80.69 -10.67 5.15
N SER A 287 81.41 -9.88 5.94
CA SER A 287 82.30 -10.36 6.96
C SER A 287 81.53 -10.67 8.25
N VAL A 288 82.22 -11.37 9.15
CA VAL A 288 81.66 -11.62 10.48
C VAL A 288 81.44 -10.31 11.22
N ALA A 289 82.37 -9.36 11.10
CA ALA A 289 82.17 -8.09 11.78
C ALA A 289 80.97 -7.34 11.23
N GLU A 290 80.80 -7.32 9.92
CA GLU A 290 79.66 -6.62 9.34
C GLU A 290 78.34 -7.20 9.83
N ILE A 291 78.17 -8.52 9.75
CA ILE A 291 76.88 -9.07 10.18
C ILE A 291 76.70 -8.95 11.69
N THR A 292 77.81 -8.99 12.44
CA THR A 292 77.71 -8.80 13.88
C THR A 292 77.29 -7.38 14.25
N ASN A 293 77.81 -6.38 13.54
CA ASN A 293 77.31 -5.01 13.71
C ASN A 293 75.81 -4.93 13.41
N ALA A 294 75.33 -5.68 12.42
CA ALA A 294 73.92 -5.58 12.05
C ALA A 294 73.00 -6.08 13.15
N CYS A 295 73.47 -6.96 14.02
CA CYS A 295 72.63 -7.42 15.12
C CYS A 295 72.30 -6.30 16.09
N PHE A 296 73.05 -5.21 16.05
CA PHE A 296 72.85 -4.08 16.94
C PHE A 296 72.28 -2.88 16.21
N GLU A 297 71.65 -3.11 15.05
CA GLU A 297 70.88 -2.06 14.37
C GLU A 297 69.40 -2.39 14.49
N PRO A 298 68.59 -1.50 15.06
CA PRO A 298 67.16 -1.79 15.26
C PRO A 298 66.38 -1.97 13.97
N ALA A 299 66.92 -1.58 12.82
CA ALA A 299 66.25 -1.86 11.55
C ALA A 299 66.26 -3.35 11.20
N ASN A 300 66.97 -4.18 11.96
CA ASN A 300 67.01 -5.62 11.72
C ASN A 300 66.31 -6.42 12.80
N GLN A 301 65.60 -5.76 13.72
CA GLN A 301 64.86 -6.47 14.74
C GLN A 301 63.54 -7.03 14.21
N MET A 302 63.15 -8.21 14.73
CA MET A 302 61.85 -8.81 14.42
C MET A 302 60.69 -8.07 15.06
N VAL A 303 60.93 -7.31 16.12
CA VAL A 303 59.91 -6.52 16.80
C VAL A 303 60.38 -5.07 16.83
N LYS A 304 59.49 -4.13 16.54
CA LYS A 304 59.90 -2.72 16.60
C LYS A 304 59.89 -2.23 18.05
N CYS A 305 61.05 -1.76 18.50
CA CYS A 305 61.30 -1.15 19.81
C CYS A 305 62.71 -0.58 19.77
N ASP A 306 63.02 0.32 20.70
CA ASP A 306 64.34 0.95 20.74
C ASP A 306 65.18 0.42 21.88
N PRO A 307 66.21 -0.40 21.64
CA PRO A 307 66.97 -0.98 22.77
C PRO A 307 67.70 0.07 23.58
N ARG A 308 68.01 1.22 22.99
CA ARG A 308 68.50 2.38 23.74
C ARG A 308 67.58 2.75 24.90
N HIS A 309 66.33 2.31 24.89
CA HIS A 309 65.38 2.62 25.97
C HIS A 309 65.30 1.53 27.03
N GLY A 310 66.13 0.50 26.98
CA GLY A 310 66.02 -0.54 27.97
C GLY A 310 67.36 -1.15 28.29
N LYS A 311 67.34 -2.09 29.21
CA LYS A 311 68.53 -2.83 29.58
C LYS A 311 68.38 -4.28 29.18
N TYR A 312 69.49 -4.89 28.82
CA TYR A 312 69.50 -6.31 28.51
C TYR A 312 69.52 -7.15 29.78
N MET A 313 68.88 -8.32 29.69
CA MET A 313 69.00 -9.34 30.71
C MET A 313 69.81 -10.53 30.26
N ALA A 314 69.98 -10.70 28.95
CA ALA A 314 70.55 -11.89 28.35
C ALA A 314 70.71 -11.60 26.88
N CYS A 315 71.67 -12.26 26.26
CA CYS A 315 72.00 -11.95 24.87
C CYS A 315 72.79 -13.12 24.31
N CYS A 316 72.27 -13.76 23.26
CA CYS A 316 72.93 -14.86 22.58
C CYS A 316 73.13 -14.51 21.12
N LEU A 317 74.25 -14.95 20.56
CA LEU A 317 74.61 -14.75 19.16
C LEU A 317 74.69 -16.12 18.49
N LEU A 318 73.69 -16.44 17.66
CA LEU A 318 73.66 -17.72 16.95
C LEU A 318 74.21 -17.50 15.54
N TYR A 319 75.47 -17.90 15.32
CA TYR A 319 76.09 -17.79 14.01
C TYR A 319 75.81 -19.03 13.20
N ARG A 320 75.85 -18.88 11.88
CA ARG A 320 75.49 -19.99 11.00
C ARG A 320 76.37 -19.90 9.76
N GLY A 321 76.95 -21.04 9.35
CA GLY A 321 77.82 -21.06 8.20
C GLY A 321 79.30 -20.85 8.51
N ASP A 322 80.02 -20.14 7.63
CA ASP A 322 81.48 -20.04 7.67
C ASP A 322 81.91 -18.95 8.65
N VAL A 323 82.00 -19.32 9.93
CA VAL A 323 82.25 -18.38 11.02
C VAL A 323 83.32 -18.95 11.94
N VAL A 324 84.37 -18.19 12.18
CA VAL A 324 85.51 -18.63 12.99
C VAL A 324 85.47 -17.88 14.32
N PRO A 325 85.63 -18.56 15.45
CA PRO A 325 85.58 -17.86 16.75
C PRO A 325 86.51 -16.67 16.83
N LYS A 326 87.70 -16.78 16.25
CA LYS A 326 88.62 -15.66 16.17
C LYS A 326 87.93 -14.40 15.65
N ASP A 327 87.07 -14.54 14.64
CA ASP A 327 86.47 -13.35 14.05
C ASP A 327 85.32 -12.81 14.88
N VAL A 328 84.59 -13.69 15.57
CA VAL A 328 83.47 -13.25 16.40
C VAL A 328 83.98 -12.44 17.59
N ASN A 329 84.95 -12.98 18.33
CA ASN A 329 85.50 -12.26 19.46
C ASN A 329 86.02 -10.88 19.06
N ALA A 330 86.69 -10.80 17.90
CA ALA A 330 87.16 -9.49 17.44
C ALA A 330 86.00 -8.59 17.04
N ALA A 331 84.94 -9.16 16.50
CA ALA A 331 83.75 -8.35 16.21
C ALA A 331 83.12 -7.85 17.50
N ILE A 332 83.06 -8.69 18.54
CA ILE A 332 82.47 -8.30 19.82
C ILE A 332 83.31 -7.21 20.47
N ALA A 333 84.64 -7.29 20.37
CA ALA A 333 85.50 -6.30 21.02
C ALA A 333 85.36 -4.92 20.37
N THR A 334 85.11 -4.87 19.06
CA THR A 334 84.97 -3.60 18.37
C THR A 334 83.72 -2.84 18.82
N ILE A 335 82.60 -3.54 18.99
CA ILE A 335 81.38 -2.84 19.38
C ILE A 335 81.40 -2.45 20.85
N LYS A 336 82.11 -3.19 21.70
CA LYS A 336 82.22 -2.81 23.10
C LYS A 336 82.92 -1.46 23.27
N THR A 337 83.90 -1.17 22.41
CA THR A 337 84.64 0.08 22.52
C THR A 337 83.81 1.27 22.04
N LYS A 338 83.09 1.11 20.93
CA LYS A 338 82.36 2.22 20.33
C LYS A 338 80.98 2.42 20.95
N ARG A 339 80.30 1.32 21.29
CA ARG A 339 78.89 1.33 21.68
C ARG A 339 78.73 1.07 23.17
N SER A 340 77.66 1.62 23.72
CA SER A 340 77.24 1.34 25.09
C SER A 340 76.13 0.30 25.02
N ILE A 341 76.32 -0.82 25.71
CA ILE A 341 75.36 -1.93 25.70
C ILE A 341 75.02 -2.19 27.16
N GLN A 342 73.91 -1.64 27.63
CA GLN A 342 73.64 -1.64 29.07
C GLN A 342 72.82 -2.86 29.46
N PHE A 343 73.41 -3.71 30.31
CA PHE A 343 72.72 -4.79 30.97
C PHE A 343 72.22 -4.31 32.33
N VAL A 344 71.30 -5.07 32.91
CA VAL A 344 70.81 -4.79 34.25
C VAL A 344 71.95 -5.00 35.23
N ASP A 345 71.77 -4.55 36.48
CA ASP A 345 72.88 -4.59 37.44
C ASP A 345 73.21 -6.00 37.88
N TRP A 346 72.20 -6.86 38.01
CA TRP A 346 72.39 -8.19 38.55
C TRP A 346 72.82 -9.23 37.51
N CYS A 347 73.01 -8.82 36.27
CA CYS A 347 73.35 -9.77 35.22
C CYS A 347 74.68 -9.38 34.59
N PRO A 348 75.52 -10.34 34.22
CA PRO A 348 76.81 -9.98 33.62
C PRO A 348 76.65 -9.44 32.21
N THR A 349 77.49 -8.48 31.87
CA THR A 349 77.46 -7.84 30.56
C THR A 349 78.22 -8.73 29.59
N GLY A 350 77.51 -9.44 28.72
CA GLY A 350 78.23 -10.30 27.80
C GLY A 350 77.30 -11.12 26.93
N PHE A 351 77.91 -11.99 26.14
CA PHE A 351 77.19 -12.77 25.17
C PHE A 351 77.48 -14.24 25.35
N LYS A 352 76.48 -15.06 25.06
CA LYS A 352 76.69 -16.47 24.76
C LYS A 352 76.73 -16.60 23.25
N VAL A 353 77.76 -17.24 22.74
CA VAL A 353 77.98 -17.36 21.31
C VAL A 353 77.85 -18.82 20.90
N GLY A 354 77.16 -19.05 19.82
CA GLY A 354 77.10 -20.37 19.23
C GLY A 354 77.37 -20.24 17.74
N ILE A 355 78.11 -21.21 17.22
CA ILE A 355 78.36 -21.33 15.80
C ILE A 355 77.77 -22.64 15.35
N ASN A 356 76.92 -22.60 14.31
CA ASN A 356 76.45 -23.81 13.68
C ASN A 356 77.03 -23.88 12.28
N TYR A 357 77.84 -24.91 12.03
CA TYR A 357 78.59 -24.99 10.79
C TYR A 357 77.68 -25.20 9.58
N GLN A 358 76.49 -25.77 9.78
CA GLN A 358 75.56 -25.99 8.67
C GLN A 358 75.23 -24.67 7.97
N PRO A 359 75.43 -24.59 6.66
CA PRO A 359 75.31 -23.31 5.98
C PRO A 359 73.86 -22.84 5.94
N PRO A 360 73.64 -21.53 5.92
CA PRO A 360 72.27 -21.02 5.78
C PRO A 360 71.71 -21.43 4.42
N THR A 361 70.41 -21.64 4.39
CA THR A 361 69.74 -22.17 3.22
C THR A 361 68.57 -21.25 2.87
N VAL A 362 68.36 -21.05 1.57
CA VAL A 362 67.21 -20.30 1.08
C VAL A 362 66.37 -21.20 0.17
N VAL A 363 65.10 -20.88 0.07
CA VAL A 363 64.24 -21.55 -0.91
C VAL A 363 64.73 -21.18 -2.31
N PRO A 364 65.04 -22.15 -3.18
CA PRO A 364 65.44 -21.81 -4.55
C PRO A 364 64.35 -21.05 -5.27
N GLY A 365 64.77 -20.04 -6.04
CA GLY A 365 63.86 -19.16 -6.73
C GLY A 365 63.23 -18.10 -5.87
N GLY A 366 63.46 -18.13 -4.56
CA GLY A 366 62.92 -17.13 -3.67
C GLY A 366 63.59 -15.77 -3.88
N ASP A 367 63.26 -14.86 -2.97
CA ASP A 367 63.79 -13.52 -3.05
C ASP A 367 65.00 -13.30 -2.14
N LEU A 368 65.34 -14.28 -1.30
CA LEU A 368 66.50 -14.21 -0.44
C LEU A 368 67.69 -14.88 -1.14
N ALA A 369 68.75 -14.12 -1.33
CA ALA A 369 69.99 -14.67 -1.87
C ALA A 369 70.67 -15.59 -0.87
N LYS A 370 71.35 -16.62 -1.38
CA LYS A 370 72.13 -17.52 -0.54
C LYS A 370 73.37 -16.79 -0.04
N VAL A 371 73.67 -16.93 1.26
CA VAL A 371 74.80 -16.23 1.87
C VAL A 371 75.77 -17.24 2.49
N GLN A 372 77.05 -16.86 2.53
CA GLN A 372 78.08 -17.69 3.14
C GLN A 372 77.81 -17.89 4.63
N ARG A 373 77.49 -16.81 5.34
CA ARG A 373 77.39 -16.81 6.79
C ARG A 373 76.25 -15.89 7.21
N ALA A 374 75.60 -16.24 8.31
CA ALA A 374 74.50 -15.44 8.85
C ALA A 374 74.54 -15.50 10.36
N VAL A 375 73.71 -14.68 11.00
CA VAL A 375 73.70 -14.61 12.44
C VAL A 375 72.31 -14.21 12.91
N CYS A 376 71.90 -14.76 14.04
CA CYS A 376 70.67 -14.37 14.71
C CYS A 376 71.01 -14.07 16.15
N MET A 377 70.73 -12.85 16.59
CA MET A 377 70.89 -12.46 17.99
C MET A 377 69.53 -12.57 18.67
N LEU A 378 69.50 -13.32 19.77
CA LEU A 378 68.34 -13.35 20.66
C LEU A 378 68.75 -12.60 21.92
N SER A 379 68.03 -11.52 22.21
CA SER A 379 68.33 -10.71 23.37
C SER A 379 67.02 -10.49 24.11
N ASN A 380 67.09 -10.49 25.44
CA ASN A 380 65.92 -10.21 26.25
C ASN A 380 66.09 -8.81 26.84
N THR A 381 65.61 -7.79 26.14
CA THR A 381 65.70 -6.42 26.61
C THR A 381 64.36 -5.94 27.15
N THR A 382 64.43 -5.02 28.11
CA THR A 382 63.19 -4.40 28.58
C THR A 382 62.61 -3.45 27.56
N ALA A 383 63.32 -3.17 26.47
CA ALA A 383 62.79 -2.32 25.41
C ALA A 383 61.54 -2.91 24.78
N ILE A 384 61.41 -4.25 24.77
CA ILE A 384 60.30 -4.90 24.08
C ILE A 384 58.96 -4.55 24.70
N ALA A 385 58.95 -4.00 25.91
CA ALA A 385 57.71 -3.52 26.53
C ALA A 385 57.08 -2.33 25.79
N GLU A 386 57.82 -1.68 24.88
CA GLU A 386 57.20 -0.69 24.00
C GLU A 386 56.19 -1.32 23.07
N ALA A 387 56.44 -2.57 22.66
CA ALA A 387 55.49 -3.24 21.80
C ALA A 387 54.18 -3.47 22.52
N TRP A 388 54.23 -3.90 23.78
CA TRP A 388 53.01 -4.05 24.57
C TRP A 388 52.32 -2.72 24.78
N ALA A 389 53.09 -1.63 24.94
CA ALA A 389 52.48 -0.34 25.17
C ALA A 389 51.65 0.09 23.97
N ARG A 390 52.14 -0.19 22.75
CA ARG A 390 51.39 0.11 21.54
C ARG A 390 50.03 -0.60 21.53
N LEU A 391 50.02 -1.90 21.84
CA LEU A 391 48.77 -2.66 21.84
C LEU A 391 47.82 -2.20 22.94
N ASP A 392 48.36 -1.86 24.12
CA ASP A 392 47.50 -1.43 25.21
C ASP A 392 46.81 -0.11 24.91
N HIS A 393 47.45 0.76 24.14
CA HIS A 393 46.84 2.04 23.83
C HIS A 393 45.64 1.87 22.91
N LYS A 394 45.79 1.06 21.86
CA LYS A 394 44.66 0.80 20.98
C LYS A 394 43.55 0.09 21.73
N PHE A 395 43.91 -0.91 22.54
CA PHE A 395 42.94 -1.58 23.41
C PHE A 395 42.19 -0.56 24.25
N ASP A 396 42.91 0.37 24.86
CA ASP A 396 42.26 1.36 25.73
C ASP A 396 41.34 2.26 24.93
N LEU A 397 41.82 2.78 23.80
CA LEU A 397 41.04 3.68 22.98
C LEU A 397 39.66 3.09 22.67
N MET A 398 39.62 1.79 22.35
CA MET A 398 38.37 1.16 22.00
C MET A 398 37.58 0.77 23.24
N TYR A 399 38.25 0.22 24.26
CA TYR A 399 37.52 -0.36 25.38
C TYR A 399 36.87 0.70 26.26
N ALA A 400 37.38 1.93 26.21
CA ALA A 400 36.73 3.03 26.93
C ALA A 400 35.29 3.19 26.47
N LYS A 401 35.03 3.05 25.17
CA LYS A 401 33.69 3.18 24.63
C LYS A 401 33.00 1.83 24.48
N ARG A 402 33.59 0.77 25.04
CA ARG A 402 33.06 -0.59 24.89
C ARG A 402 32.87 -1.01 23.43
N ALA A 403 33.59 -0.37 22.50
CA ALA A 403 33.46 -0.72 21.08
C ALA A 403 33.71 -2.20 20.84
N PHE A 404 32.83 -2.81 20.05
CA PHE A 404 32.94 -4.20 19.58
C PHE A 404 32.79 -5.24 20.69
N VAL A 405 32.76 -4.83 21.96
CA VAL A 405 32.75 -5.79 23.07
C VAL A 405 31.57 -6.76 22.98
N HIS A 406 30.45 -6.34 22.38
CA HIS A 406 29.23 -7.17 22.39
C HIS A 406 29.41 -8.44 21.57
N TRP A 407 30.28 -8.43 20.56
CA TRP A 407 30.57 -9.65 19.81
C TRP A 407 31.26 -10.70 20.67
N TYR A 408 32.07 -10.27 21.64
CA TYR A 408 32.73 -11.20 22.54
C TYR A 408 31.78 -11.66 23.64
N VAL A 409 30.97 -10.75 24.18
CA VAL A 409 30.00 -11.14 25.20
C VAL A 409 29.00 -12.13 24.63
N GLY A 410 28.61 -11.94 23.35
CA GLY A 410 27.66 -12.82 22.69
C GLY A 410 28.11 -14.26 22.56
N GLU A 411 29.43 -14.49 22.60
CA GLU A 411 29.99 -15.84 22.57
C GLU A 411 30.17 -16.43 23.98
N GLY A 412 29.62 -15.77 25.01
CA GLY A 412 29.69 -16.28 26.37
C GLY A 412 30.86 -15.77 27.18
N MET A 413 31.70 -14.91 26.62
CA MET A 413 32.75 -14.27 27.39
C MET A 413 32.15 -13.17 28.25
N GLU A 414 32.66 -13.03 29.46
CA GLU A 414 32.20 -11.98 30.37
C GLU A 414 33.01 -10.72 30.17
N GLU A 415 32.31 -9.59 30.22
CA GLU A 415 32.95 -8.30 30.02
C GLU A 415 34.17 -8.16 30.93
N GLY A 416 34.05 -8.63 32.18
CA GLY A 416 35.14 -8.55 33.13
C GLY A 416 36.44 -9.18 32.66
N GLU A 417 36.38 -10.08 31.68
CA GLU A 417 37.63 -10.66 31.22
C GLU A 417 38.48 -9.62 30.51
N PHE A 418 37.83 -8.70 29.78
CA PHE A 418 38.55 -7.62 29.11
C PHE A 418 39.38 -6.83 30.10
N SER A 419 38.77 -6.37 31.20
CA SER A 419 39.53 -5.57 32.16
C SER A 419 40.57 -6.41 32.90
N GLU A 420 40.23 -7.65 33.27
CA GLU A 420 41.18 -8.52 33.97
C GLU A 420 42.39 -8.80 33.11
N ALA A 421 42.18 -9.05 31.81
CA ALA A 421 43.30 -9.17 30.88
C ALA A 421 44.11 -7.88 30.81
N ARG A 422 43.44 -6.73 30.75
CA ARG A 422 44.15 -5.47 30.61
C ARG A 422 44.94 -5.13 31.87
N GLU A 423 44.42 -5.49 33.05
CA GLU A 423 45.17 -5.30 34.28
C GLU A 423 46.45 -6.11 34.27
N ASP A 424 46.39 -7.35 33.78
CA ASP A 424 47.58 -8.17 33.68
C ASP A 424 48.61 -7.51 32.78
N MET A 425 48.19 -6.96 31.65
CA MET A 425 49.12 -6.23 30.77
C MET A 425 49.68 -4.99 31.46
N ALA A 426 48.87 -4.32 32.28
CA ALA A 426 49.39 -3.21 33.05
C ALA A 426 50.46 -3.68 34.03
N ALA A 427 50.23 -4.84 34.66
CA ALA A 427 51.21 -5.43 35.56
C ALA A 427 52.49 -5.79 34.81
N LEU A 428 52.35 -6.27 33.58
CA LEU A 428 53.50 -6.67 32.80
C LEU A 428 54.38 -5.49 32.45
N GLU A 429 53.77 -4.37 32.05
CA GLU A 429 54.53 -3.15 31.81
C GLU A 429 55.24 -2.69 33.07
N LYS A 430 54.55 -2.77 34.22
CA LYS A 430 55.21 -2.39 35.46
C LYS A 430 56.33 -3.35 35.80
N ASP A 431 56.19 -4.63 35.44
CA ASP A 431 57.29 -5.58 35.66
C ASP A 431 58.52 -5.20 34.84
N TYR A 432 58.32 -4.87 33.55
CA TYR A 432 59.43 -4.45 32.70
C TYR A 432 60.07 -3.15 33.20
N GLU A 433 59.26 -2.25 33.77
CA GLU A 433 59.83 -1.05 34.40
C GLU A 433 60.68 -1.40 35.60
N GLU A 434 60.15 -2.28 36.47
CA GLU A 434 60.85 -2.65 37.71
C GLU A 434 62.25 -3.16 37.42
N VAL A 435 62.39 -4.08 36.45
CA VAL A 435 63.71 -4.69 36.21
C VAL A 435 64.63 -3.77 35.40
N GLY A 436 64.08 -2.85 34.61
CA GLY A 436 64.90 -1.91 33.84
C GLY A 436 65.12 -0.59 34.56
N VAL A 437 65.36 -0.66 35.87
CA VAL A 437 65.30 0.49 36.76
C VAL A 437 66.43 1.50 36.50
N MET B 1 30.85 -21.08 6.53
CA MET B 1 30.70 -19.76 5.95
C MET B 1 30.88 -19.84 4.43
N ARG B 2 29.94 -20.54 3.79
CA ARG B 2 29.96 -20.73 2.36
C ARG B 2 28.74 -20.07 1.71
N GLU B 3 27.57 -20.62 1.97
CA GLU B 3 26.41 -20.35 1.15
C GLU B 3 25.58 -19.22 1.75
N ILE B 4 25.14 -18.32 0.88
CA ILE B 4 24.17 -17.28 1.22
C ILE B 4 22.85 -17.62 0.54
N VAL B 5 21.75 -17.50 1.28
CA VAL B 5 20.41 -17.64 0.72
C VAL B 5 19.84 -16.25 0.51
N HIS B 6 19.47 -15.95 -0.73
CA HIS B 6 19.01 -14.64 -1.15
C HIS B 6 17.49 -14.64 -1.27
N ILE B 7 16.87 -13.59 -0.78
CA ILE B 7 15.42 -13.45 -0.77
C ILE B 7 15.09 -12.05 -1.25
N GLN B 8 14.10 -11.96 -2.13
CA GLN B 8 13.63 -10.66 -2.63
C GLN B 8 12.12 -10.63 -2.51
N ALA B 9 11.60 -9.49 -2.06
CA ALA B 9 10.23 -9.38 -1.60
C ALA B 9 9.62 -8.08 -2.10
N GLY B 10 8.40 -8.17 -2.66
CA GLY B 10 7.68 -7.03 -3.14
C GLY B 10 8.23 -6.53 -4.46
N GLN B 11 7.57 -5.53 -5.06
CA GLN B 11 7.97 -5.00 -6.37
C GLN B 11 9.42 -4.55 -6.38
N CYS B 12 9.78 -3.59 -5.52
CA CYS B 12 11.14 -3.06 -5.54
C CYS B 12 12.16 -4.15 -5.25
N GLY B 13 11.91 -4.96 -4.22
CA GLY B 13 12.82 -6.05 -3.90
C GLY B 13 13.09 -6.94 -5.10
N ASN B 14 12.04 -7.29 -5.83
CA ASN B 14 12.20 -8.19 -6.97
C ASN B 14 12.83 -7.51 -8.19
N GLN B 15 12.67 -6.19 -8.32
CA GLN B 15 13.28 -5.49 -9.45
C GLN B 15 14.78 -5.32 -9.27
N ILE B 16 15.22 -4.89 -8.08
CA ILE B 16 16.65 -4.75 -7.89
C ILE B 16 17.29 -6.11 -7.65
N GLY B 17 16.53 -7.06 -7.10
CA GLY B 17 17.05 -8.41 -6.98
C GLY B 17 17.32 -9.04 -8.33
N ALA B 18 16.38 -8.88 -9.26
CA ALA B 18 16.58 -9.44 -10.59
C ALA B 18 17.75 -8.77 -11.29
N LYS B 19 17.85 -7.43 -11.19
CA LYS B 19 19.00 -6.76 -11.76
C LYS B 19 20.30 -7.20 -11.10
N PHE B 20 20.27 -7.56 -9.81
CA PHE B 20 21.47 -8.07 -9.15
C PHE B 20 21.92 -9.39 -9.77
N TRP B 21 20.99 -10.35 -9.89
CA TRP B 21 21.34 -11.65 -10.47
C TRP B 21 21.80 -11.49 -11.92
N GLU B 22 21.13 -10.62 -12.67
CA GLU B 22 21.55 -10.30 -14.03
C GLU B 22 23.02 -9.87 -14.07
N VAL B 23 23.44 -9.03 -13.13
CA VAL B 23 24.78 -8.46 -13.17
C VAL B 23 25.83 -9.47 -12.77
N ILE B 24 25.65 -10.14 -11.62
CA ILE B 24 26.68 -11.05 -11.16
C ILE B 24 26.76 -12.27 -12.06
N SER B 25 25.67 -12.66 -12.71
CA SER B 25 25.79 -13.74 -13.68
C SER B 25 26.72 -13.37 -14.81
N ASP B 26 26.72 -12.10 -15.21
CA ASP B 26 27.66 -11.62 -16.23
C ASP B 26 29.11 -11.74 -15.75
N GLU B 27 29.36 -11.48 -14.46
CA GLU B 27 30.72 -11.52 -13.94
C GLU B 27 31.22 -12.96 -13.81
N HIS B 28 30.39 -13.84 -13.27
CA HIS B 28 30.73 -15.24 -13.13
C HIS B 28 30.49 -16.02 -14.41
N GLY B 29 30.12 -15.35 -15.50
CA GLY B 29 29.98 -16.02 -16.78
C GLY B 29 28.87 -17.03 -16.87
N ILE B 30 27.73 -16.74 -16.25
CA ILE B 30 26.57 -17.62 -16.31
C ILE B 30 25.55 -16.99 -17.25
N ASP B 31 25.17 -17.72 -18.29
CA ASP B 31 24.14 -17.25 -19.21
C ASP B 31 22.77 -17.58 -18.63
N PRO B 32 21.67 -17.11 -19.25
CA PRO B 32 20.34 -17.32 -18.65
C PRO B 32 19.86 -18.77 -18.63
N THR B 33 20.55 -19.71 -19.28
CA THR B 33 20.18 -21.10 -19.16
C THR B 33 20.97 -21.81 -18.08
N GLY B 34 21.56 -21.06 -17.15
CA GLY B 34 22.38 -21.61 -16.09
C GLY B 34 23.72 -22.17 -16.53
N SER B 35 24.05 -22.11 -17.81
CA SER B 35 25.29 -22.68 -18.31
C SER B 35 26.43 -21.67 -18.19
N TYR B 36 27.61 -22.19 -17.82
CA TYR B 36 28.79 -21.37 -17.65
C TYR B 36 29.57 -21.28 -18.95
N HIS B 37 29.98 -20.08 -19.32
CA HIS B 37 30.78 -19.87 -20.51
C HIS B 37 31.90 -18.86 -20.25
N GLY B 38 32.36 -18.77 -19.01
CA GLY B 38 33.40 -17.82 -18.69
C GLY B 38 34.76 -18.25 -19.20
N ASP B 39 35.71 -17.32 -19.06
CA ASP B 39 37.08 -17.50 -19.51
C ASP B 39 38.07 -17.68 -18.37
N SER B 40 37.63 -17.61 -17.11
CA SER B 40 38.52 -17.76 -15.98
C SER B 40 37.90 -18.63 -14.90
N ASP B 41 38.75 -19.39 -14.21
CA ASP B 41 38.30 -20.18 -13.08
C ASP B 41 38.03 -19.31 -11.85
N LEU B 42 38.59 -18.10 -11.79
CA LEU B 42 38.31 -17.18 -10.69
C LEU B 42 36.81 -16.94 -10.53
N GLN B 43 36.07 -16.99 -11.63
CA GLN B 43 34.63 -16.85 -11.60
C GLN B 43 33.95 -18.04 -10.94
N LEU B 44 34.59 -19.22 -10.93
CA LEU B 44 33.96 -20.42 -10.41
C LEU B 44 34.51 -20.88 -9.06
N GLU B 45 35.57 -20.24 -8.54
CA GLU B 45 36.12 -20.66 -7.26
C GLU B 45 35.09 -20.60 -6.15
N ARG B 46 34.36 -19.48 -6.05
CA ARG B 46 33.42 -19.28 -4.96
C ARG B 46 32.00 -19.10 -5.47
N ILE B 47 31.70 -19.63 -6.65
CA ILE B 47 30.39 -19.43 -7.24
C ILE B 47 29.28 -20.09 -6.43
N ASN B 48 29.62 -21.05 -5.57
CA ASN B 48 28.59 -21.68 -4.75
C ASN B 48 28.13 -20.80 -3.59
N VAL B 49 28.79 -19.66 -3.35
CA VAL B 49 28.29 -18.71 -2.36
C VAL B 49 26.87 -18.29 -2.70
N TYR B 50 26.58 -18.09 -3.99
CA TYR B 50 25.27 -17.63 -4.45
C TYR B 50 24.54 -18.60 -5.36
N TYR B 51 25.21 -19.60 -5.92
CA TYR B 51 24.59 -20.50 -6.89
C TYR B 51 24.65 -21.94 -6.41
N ASN B 52 23.56 -22.68 -6.63
CA ASN B 52 23.58 -24.12 -6.51
C ASN B 52 24.03 -24.72 -7.84
N GLU B 53 24.67 -25.87 -7.77
CA GLU B 53 25.15 -26.54 -8.98
C GLU B 53 24.18 -27.66 -9.31
N ALA B 54 23.26 -27.39 -10.24
CA ALA B 54 22.26 -28.38 -10.63
C ALA B 54 22.89 -29.46 -11.51
N THR B 55 22.24 -30.62 -11.52
CA THR B 55 22.64 -31.67 -12.44
C THR B 55 22.53 -31.16 -13.87
N GLY B 56 23.43 -31.63 -14.72
CA GLY B 56 23.59 -31.04 -16.03
C GLY B 56 24.59 -29.92 -16.07
N ASN B 57 25.41 -29.77 -15.02
CA ASN B 57 26.48 -28.78 -14.97
C ASN B 57 25.95 -27.36 -15.14
N LYS B 58 24.74 -27.12 -14.61
CA LYS B 58 24.12 -25.81 -14.69
C LYS B 58 23.99 -25.20 -13.30
N TYR B 59 24.15 -23.87 -13.24
CA TYR B 59 24.14 -23.14 -11.97
C TYR B 59 22.81 -22.41 -11.81
N VAL B 60 22.16 -22.63 -10.68
CA VAL B 60 20.85 -22.06 -10.35
C VAL B 60 21.04 -21.12 -9.17
N PRO B 61 20.66 -19.85 -9.26
CA PRO B 61 20.84 -18.95 -8.13
C PRO B 61 20.12 -19.46 -6.89
N ARG B 62 20.75 -19.26 -5.73
CA ARG B 62 20.13 -19.62 -4.46
C ARG B 62 19.24 -18.45 -4.03
N ALA B 63 18.18 -18.25 -4.81
CA ALA B 63 17.32 -17.08 -4.72
C ALA B 63 15.87 -17.51 -4.48
N ILE B 64 15.19 -16.81 -3.59
CA ILE B 64 13.77 -17.05 -3.35
C ILE B 64 13.00 -15.77 -3.63
N LEU B 65 11.98 -15.87 -4.48
CA LEU B 65 11.25 -14.72 -5.00
C LEU B 65 9.85 -14.69 -4.41
N VAL B 66 9.53 -13.60 -3.70
CA VAL B 66 8.34 -13.48 -2.88
C VAL B 66 7.60 -12.21 -3.25
N ASP B 67 6.28 -12.29 -3.31
CA ASP B 67 5.44 -11.11 -3.42
C ASP B 67 4.01 -11.52 -3.09
N LEU B 68 3.23 -10.56 -2.63
CA LEU B 68 1.81 -10.80 -2.41
C LEU B 68 1.00 -10.53 -3.65
N GLU B 69 1.67 -10.16 -4.75
CA GLU B 69 1.07 -9.80 -6.02
C GLU B 69 1.74 -10.62 -7.10
N PRO B 70 0.98 -11.30 -7.95
CA PRO B 70 1.60 -12.09 -9.02
C PRO B 70 2.21 -11.25 -10.13
N GLY B 71 1.82 -9.98 -10.28
CA GLY B 71 2.27 -9.21 -11.42
C GLY B 71 3.78 -9.14 -11.53
N THR B 72 4.44 -8.80 -10.42
CA THR B 72 5.86 -8.47 -10.45
C THR B 72 6.71 -9.66 -10.88
N MET B 73 6.46 -10.83 -10.31
CA MET B 73 7.29 -11.99 -10.63
C MET B 73 6.95 -12.58 -11.99
N ASP B 74 5.71 -12.42 -12.47
CA ASP B 74 5.45 -12.67 -13.89
C ASP B 74 6.42 -11.90 -14.76
N SER B 75 6.62 -10.62 -14.44
CA SER B 75 7.52 -9.79 -15.23
C SER B 75 8.97 -10.22 -15.07
N VAL B 76 9.37 -10.56 -13.83
CA VAL B 76 10.71 -11.11 -13.61
C VAL B 76 10.93 -12.33 -14.48
N ARG B 77 9.98 -13.27 -14.44
CA ARG B 77 10.14 -14.55 -15.14
C ARG B 77 10.27 -14.35 -16.64
N SER B 78 9.68 -13.28 -17.18
CA SER B 78 9.85 -12.95 -18.58
C SER B 78 11.09 -12.11 -18.82
N GLY B 79 11.79 -11.71 -17.76
CA GLY B 79 12.97 -10.89 -17.89
C GLY B 79 14.08 -11.60 -18.64
N PRO B 80 15.17 -10.87 -18.93
CA PRO B 80 16.25 -11.47 -19.73
C PRO B 80 16.81 -12.73 -19.11
N PHE B 81 17.21 -12.65 -17.83
CA PHE B 81 17.66 -13.79 -17.07
C PHE B 81 16.52 -14.48 -16.32
N GLY B 82 15.28 -14.29 -16.77
CA GLY B 82 14.15 -14.81 -16.02
C GLY B 82 14.18 -16.32 -15.85
N GLN B 83 14.65 -17.03 -16.88
CA GLN B 83 14.61 -18.49 -16.85
C GLN B 83 15.61 -19.09 -15.85
N ILE B 84 16.53 -18.30 -15.31
CA ILE B 84 17.65 -18.86 -14.55
C ILE B 84 17.23 -19.33 -13.16
N PHE B 85 16.06 -18.88 -12.67
CA PHE B 85 15.65 -19.18 -11.30
C PHE B 85 14.93 -20.52 -11.24
N ARG B 86 15.08 -21.17 -10.10
CA ARG B 86 14.33 -22.40 -9.87
C ARG B 86 12.85 -22.06 -9.92
N PRO B 87 12.03 -22.81 -10.66
CA PRO B 87 10.62 -22.44 -10.81
C PRO B 87 9.81 -22.57 -9.53
N ASP B 88 10.18 -23.49 -8.63
CA ASP B 88 9.49 -23.66 -7.36
C ASP B 88 10.06 -22.77 -6.27
N ASN B 89 11.00 -21.90 -6.59
CA ASN B 89 11.44 -20.88 -5.66
C ASN B 89 10.65 -19.58 -5.79
N PHE B 90 9.68 -19.54 -6.72
CA PHE B 90 8.71 -18.46 -6.79
C PHE B 90 7.57 -18.74 -5.81
N VAL B 91 7.42 -17.91 -4.79
CA VAL B 91 6.30 -17.97 -3.86
C VAL B 91 5.54 -16.66 -3.98
N PHE B 92 4.28 -16.73 -4.37
CA PHE B 92 3.54 -15.49 -4.59
C PHE B 92 2.07 -15.65 -4.21
N GLY B 93 1.54 -14.63 -3.52
CA GLY B 93 0.14 -14.59 -3.15
C GLY B 93 -0.70 -14.08 -4.29
N GLN B 94 -1.95 -13.74 -3.98
CA GLN B 94 -2.83 -13.30 -5.06
C GLN B 94 -3.44 -11.93 -4.84
N SER B 95 -3.60 -11.47 -3.60
CA SER B 95 -4.43 -10.31 -3.32
C SER B 95 -3.65 -9.08 -2.86
N GLY B 96 -2.32 -9.06 -3.04
CA GLY B 96 -1.52 -7.88 -2.78
C GLY B 96 -1.56 -7.34 -1.37
N ALA B 97 -0.71 -6.35 -1.06
CA ALA B 97 -0.61 -5.79 0.28
C ALA B 97 -1.19 -4.38 0.37
N GLY B 98 -1.62 -3.80 -0.75
CA GLY B 98 -2.27 -2.52 -0.73
C GLY B 98 -1.43 -1.37 -0.21
N ASN B 99 -0.12 -1.41 -0.49
CA ASN B 99 0.84 -0.41 0.00
C ASN B 99 0.79 -0.25 1.51
N ASN B 100 0.30 -1.25 2.23
CA ASN B 100 0.02 -1.13 3.65
C ASN B 100 0.95 -2.05 4.44
N TRP B 101 1.87 -1.45 5.21
CA TRP B 101 2.75 -2.23 6.08
C TRP B 101 1.97 -3.20 6.96
N ALA B 102 0.83 -2.75 7.51
CA ALA B 102 0.07 -3.64 8.39
C ALA B 102 -0.41 -4.88 7.63
N LYS B 103 -0.77 -4.72 6.37
CA LYS B 103 -1.20 -5.87 5.58
C LYS B 103 -0.05 -6.83 5.32
N GLY B 104 1.10 -6.30 4.89
CA GLY B 104 2.25 -7.16 4.64
C GLY B 104 2.77 -7.83 5.91
N HIS B 105 2.64 -7.17 7.05
CA HIS B 105 3.27 -7.68 8.26
C HIS B 105 2.35 -8.54 9.09
N TYR B 106 1.05 -8.28 9.09
CA TYR B 106 0.13 -9.02 9.94
C TYR B 106 -0.84 -9.91 9.20
N THR B 107 -1.52 -9.42 8.18
CA THR B 107 -2.66 -10.20 7.69
C THR B 107 -2.32 -11.00 6.46
N GLU B 108 -1.98 -10.32 5.37
CA GLU B 108 -1.66 -11.05 4.15
C GLU B 108 -0.27 -11.67 4.21
N GLY B 109 0.66 -11.06 4.94
CA GLY B 109 1.98 -11.66 5.03
C GLY B 109 1.96 -12.98 5.78
N ALA B 110 1.16 -13.05 6.85
CA ALA B 110 1.13 -14.27 7.63
C ALA B 110 0.59 -15.44 6.82
N GLU B 111 -0.35 -15.16 5.92
CA GLU B 111 -0.95 -16.24 5.16
C GLU B 111 -0.01 -16.81 4.12
N LEU B 112 1.03 -16.05 3.75
CA LEU B 112 2.00 -16.49 2.76
C LEU B 112 3.37 -16.82 3.37
N VAL B 113 3.63 -16.44 4.62
CA VAL B 113 4.99 -16.48 5.13
C VAL B 113 5.49 -17.92 5.27
N ASP B 114 4.65 -18.83 5.76
CA ASP B 114 5.12 -20.21 5.95
C ASP B 114 5.41 -20.91 4.62
N SER B 115 4.71 -20.53 3.55
CA SER B 115 5.11 -21.02 2.22
C SER B 115 6.51 -20.53 1.86
N VAL B 116 6.82 -19.27 2.21
CA VAL B 116 8.17 -18.78 2.00
C VAL B 116 9.16 -19.56 2.84
N LEU B 117 8.85 -19.76 4.13
CA LEU B 117 9.82 -20.38 5.03
C LEU B 117 10.07 -21.83 4.63
N ASP B 118 9.10 -22.50 4.01
CA ASP B 118 9.35 -23.85 3.50
C ASP B 118 10.38 -23.84 2.39
N VAL B 119 10.33 -22.84 1.51
CA VAL B 119 11.32 -22.79 0.42
C VAL B 119 12.67 -22.33 0.96
N VAL B 120 12.68 -21.49 1.98
CA VAL B 120 13.94 -21.16 2.63
C VAL B 120 14.51 -22.38 3.34
N ARG B 121 13.66 -23.10 4.08
CA ARG B 121 14.13 -24.26 4.84
C ARG B 121 14.68 -25.35 3.94
N LYS B 122 14.19 -25.45 2.69
CA LYS B 122 14.74 -26.47 1.80
C LYS B 122 16.06 -25.99 1.19
N GLU B 123 16.18 -24.70 0.87
CA GLU B 123 17.45 -24.21 0.34
C GLU B 123 18.55 -24.29 1.40
N SER B 124 18.19 -24.10 2.67
CA SER B 124 19.16 -24.09 3.76
C SER B 124 19.78 -25.46 3.97
N GLU B 125 18.99 -26.52 3.88
CA GLU B 125 19.52 -27.85 4.18
C GLU B 125 20.40 -28.38 3.05
N SER B 126 20.29 -27.81 1.85
CA SER B 126 21.22 -28.12 0.78
C SER B 126 22.54 -27.37 0.91
N CYS B 127 22.90 -26.88 2.10
CA CYS B 127 24.09 -26.06 2.27
C CYS B 127 25.11 -26.77 3.14
N ASP B 128 26.35 -26.84 2.66
CA ASP B 128 27.44 -27.38 3.45
C ASP B 128 27.58 -26.60 4.75
N CYS B 129 27.69 -25.27 4.65
CA CYS B 129 27.83 -24.39 5.81
C CYS B 129 27.11 -23.09 5.48
N LEU B 130 25.91 -22.92 6.01
CA LEU B 130 25.09 -21.75 5.68
C LEU B 130 25.67 -20.49 6.33
N GLN B 131 26.07 -19.55 5.50
CA GLN B 131 26.68 -18.32 5.99
C GLN B 131 25.62 -17.35 6.51
N GLY B 132 24.53 -17.16 5.75
CA GLY B 132 23.41 -16.34 6.22
C GLY B 132 22.44 -16.00 5.11
N PHE B 133 21.76 -14.87 5.29
CA PHE B 133 20.65 -14.45 4.43
C PHE B 133 20.84 -13.01 3.97
N GLN B 134 20.54 -12.78 2.70
CA GLN B 134 20.52 -11.44 2.16
C GLN B 134 19.13 -11.22 1.55
N LEU B 135 18.48 -10.14 1.98
CA LEU B 135 17.13 -9.77 1.59
C LEU B 135 17.16 -8.46 0.82
N THR B 136 16.48 -8.41 -0.32
CA THR B 136 16.25 -7.16 -1.05
C THR B 136 14.77 -6.78 -0.98
N HIS B 137 14.50 -5.53 -0.65
CA HIS B 137 13.16 -5.02 -0.45
C HIS B 137 13.22 -3.50 -0.38
N SER B 138 12.07 -2.86 -0.56
CA SER B 138 11.90 -1.47 -0.20
C SER B 138 11.28 -1.37 1.20
N LEU B 139 11.41 -0.19 1.80
CA LEU B 139 10.75 0.07 3.07
C LEU B 139 9.44 0.87 2.94
N GLY B 140 9.18 1.54 1.80
CA GLY B 140 8.00 2.37 1.68
C GLY B 140 6.71 1.67 1.27
N GLY B 141 6.79 0.47 0.71
CA GLY B 141 5.63 -0.28 0.25
C GLY B 141 4.99 -1.12 1.33
N GLY B 142 4.30 -2.18 0.92
CA GLY B 142 3.61 -3.03 1.87
C GLY B 142 4.19 -4.42 1.93
N THR B 143 4.65 -4.95 0.79
CA THR B 143 5.10 -6.33 0.74
C THR B 143 6.53 -6.44 1.24
N GLY B 144 7.49 -5.89 0.48
CA GLY B 144 8.87 -5.90 0.93
C GLY B 144 9.03 -5.30 2.32
N SER B 145 8.29 -4.23 2.60
CA SER B 145 8.41 -3.54 3.89
C SER B 145 7.77 -4.33 5.02
N GLY B 146 6.45 -4.55 4.94
CA GLY B 146 5.72 -5.26 5.99
C GLY B 146 5.99 -6.76 6.06
N MET B 147 5.93 -7.45 4.93
CA MET B 147 6.16 -8.89 4.96
C MET B 147 7.63 -9.23 5.01
N GLY B 148 8.50 -8.35 4.49
CA GLY B 148 9.92 -8.60 4.55
C GLY B 148 10.43 -8.60 5.98
N THR B 149 9.96 -7.64 6.79
CA THR B 149 10.35 -7.63 8.19
C THR B 149 9.71 -8.77 8.97
N LEU B 150 8.52 -9.25 8.56
CA LEU B 150 7.99 -10.44 9.21
C LEU B 150 8.85 -11.64 8.85
N LEU B 151 9.31 -11.67 7.60
CA LEU B 151 10.22 -12.73 7.16
C LEU B 151 11.49 -12.75 8.00
N ILE B 152 12.10 -11.58 8.21
CA ILE B 152 13.38 -11.52 8.93
C ILE B 152 13.19 -12.05 10.33
N SER B 153 12.19 -11.52 11.04
CA SER B 153 11.87 -11.96 12.40
C SER B 153 11.71 -13.48 12.46
N LYS B 154 10.94 -14.06 11.53
CA LYS B 154 10.71 -15.50 11.57
C LYS B 154 11.98 -16.27 11.19
N ILE B 155 12.79 -15.72 10.28
CA ILE B 155 14.05 -16.36 9.95
C ILE B 155 15.01 -16.30 11.13
N ARG B 156 15.02 -15.17 11.84
CA ARG B 156 15.85 -15.07 13.03
C ARG B 156 15.45 -16.11 14.08
N GLU B 157 14.15 -16.38 14.22
CA GLU B 157 13.69 -17.34 15.22
C GLU B 157 14.13 -18.75 14.86
N GLU B 158 14.20 -19.05 13.57
CA GLU B 158 14.55 -20.40 13.11
C GLU B 158 16.05 -20.60 12.97
N TYR B 159 16.81 -19.54 12.64
CA TYR B 159 18.27 -19.58 12.49
C TYR B 159 18.89 -18.42 13.27
N PRO B 160 18.87 -18.49 14.62
CA PRO B 160 19.34 -17.34 15.40
C PRO B 160 20.82 -17.09 15.25
N ASP B 161 21.60 -18.07 14.81
CA ASP B 161 23.04 -17.93 14.74
C ASP B 161 23.54 -17.65 13.33
N ARG B 162 22.67 -17.20 12.42
CA ARG B 162 23.08 -16.90 11.06
C ARG B 162 22.96 -15.42 10.79
N ILE B 163 23.91 -14.89 10.01
CA ILE B 163 23.95 -13.45 9.78
C ILE B 163 22.75 -13.06 8.93
N MET B 164 22.07 -11.98 9.33
CA MET B 164 20.98 -11.40 8.55
C MET B 164 21.42 -10.07 7.96
N ASN B 165 21.39 -9.98 6.63
CA ASN B 165 21.87 -8.83 5.87
C ASN B 165 20.79 -8.39 4.89
N THR B 166 20.45 -7.10 4.89
CA THR B 166 19.42 -6.59 3.99
C THR B 166 19.93 -5.44 3.15
N PHE B 167 19.45 -5.41 1.92
CA PHE B 167 19.54 -4.24 1.04
C PHE B 167 18.18 -3.57 1.13
N SER B 168 18.10 -2.45 1.86
CA SER B 168 16.84 -1.82 2.20
C SER B 168 16.72 -0.47 1.50
N VAL B 169 15.75 -0.37 0.58
CA VAL B 169 15.57 0.84 -0.24
C VAL B 169 14.70 1.83 0.50
N MET B 170 15.25 3.05 0.73
CA MET B 170 14.59 4.14 1.44
C MET B 170 13.70 4.95 0.51
N PRO B 171 12.49 5.32 0.92
CA PRO B 171 11.64 6.15 0.06
C PRO B 171 11.98 7.62 0.19
N SER B 172 11.67 8.37 -0.87
CA SER B 172 11.66 9.82 -0.86
C SER B 172 10.50 10.33 -1.70
N PRO B 173 9.97 11.50 -1.37
CA PRO B 173 8.90 12.08 -2.20
C PRO B 173 9.33 12.36 -3.63
N LYS B 174 10.63 12.39 -3.90
CA LYS B 174 11.07 12.59 -5.28
C LYS B 174 10.75 11.39 -6.16
N VAL B 175 10.66 10.20 -5.58
CA VAL B 175 10.39 8.98 -6.35
C VAL B 175 9.39 8.11 -5.60
N SER B 176 8.16 8.57 -5.46
CA SER B 176 7.21 7.89 -4.60
C SER B 176 6.23 7.05 -5.40
N ASP B 177 5.73 6.00 -4.75
CA ASP B 177 4.60 5.23 -5.23
C ASP B 177 3.37 5.36 -4.36
N THR B 178 3.52 5.71 -3.09
CA THR B 178 2.35 5.75 -2.22
C THR B 178 2.54 6.84 -1.17
N VAL B 179 1.40 7.37 -0.71
CA VAL B 179 1.38 8.51 0.18
C VAL B 179 1.79 8.12 1.59
N VAL B 180 1.68 6.84 1.94
CA VAL B 180 1.97 6.37 3.28
C VAL B 180 3.39 5.80 3.36
N GLU B 181 4.28 6.18 2.45
CA GLU B 181 5.67 5.80 2.58
C GLU B 181 6.28 6.14 3.94
N PRO B 182 6.03 7.30 4.56
CA PRO B 182 6.66 7.56 5.86
C PRO B 182 6.23 6.60 6.97
N TYR B 183 4.96 6.19 7.00
CA TYR B 183 4.55 5.15 7.94
C TYR B 183 5.30 3.85 7.65
N ASN B 184 5.14 3.32 6.44
CA ASN B 184 5.70 2.01 6.12
C ASN B 184 7.18 1.96 6.47
N ALA B 185 7.92 3.04 6.17
CA ALA B 185 9.36 3.01 6.42
C ALA B 185 9.67 3.09 7.91
N THR B 186 8.93 3.90 8.66
CA THR B 186 9.23 4.04 10.07
C THR B 186 8.93 2.75 10.81
N LEU B 187 7.85 2.06 10.44
CA LEU B 187 7.54 0.80 11.10
C LEU B 187 8.58 -0.25 10.76
N SER B 188 9.18 -0.18 9.58
CA SER B 188 10.18 -1.18 9.19
C SER B 188 11.52 -0.91 9.84
N VAL B 189 11.91 0.37 10.00
CA VAL B 189 13.23 0.68 10.56
C VAL B 189 13.31 0.20 12.01
N HIS B 190 12.20 0.28 12.73
CA HIS B 190 12.09 -0.37 14.04
C HIS B 190 12.49 -1.82 13.97
N GLN B 191 11.96 -2.54 12.97
CA GLN B 191 12.24 -3.96 12.83
C GLN B 191 13.71 -4.20 12.51
N LEU B 192 14.25 -3.45 11.55
CA LEU B 192 15.63 -3.66 11.11
C LEU B 192 16.61 -3.39 12.26
N VAL B 193 16.36 -2.34 13.04
CA VAL B 193 17.20 -2.03 14.20
C VAL B 193 17.34 -3.27 15.07
N GLU B 194 16.23 -3.99 15.25
CA GLU B 194 16.18 -5.13 16.18
C GLU B 194 16.78 -6.40 15.58
N ASN B 195 16.54 -6.67 14.31
CA ASN B 195 16.67 -8.02 13.79
C ASN B 195 17.67 -8.21 12.66
N THR B 196 18.37 -7.17 12.21
CA THR B 196 19.41 -7.40 11.22
C THR B 196 20.79 -7.18 11.80
N ASP B 197 21.77 -7.77 11.12
CA ASP B 197 23.17 -7.57 11.50
C ASP B 197 23.86 -6.52 10.64
N GLU B 198 23.49 -6.42 9.37
CA GLU B 198 24.03 -5.41 8.47
C GLU B 198 22.91 -5.01 7.52
N THR B 199 22.65 -3.71 7.41
CA THR B 199 21.71 -3.22 6.41
C THR B 199 22.41 -2.19 5.57
N TYR B 200 22.37 -2.36 4.26
CA TYR B 200 22.85 -1.34 3.35
C TYR B 200 21.71 -0.38 3.06
N CYS B 201 21.87 0.88 3.47
CA CYS B 201 20.83 1.89 3.23
C CYS B 201 20.93 2.40 1.81
N ILE B 202 20.04 1.91 0.95
CA ILE B 202 19.90 2.37 -0.42
C ILE B 202 18.81 3.43 -0.44
N ASP B 203 19.18 4.69 -0.66
CA ASP B 203 18.26 5.82 -0.50
C ASP B 203 17.80 6.32 -1.86
N ASN B 204 16.50 6.17 -2.13
CA ASN B 204 15.95 6.65 -3.40
C ASN B 204 16.15 8.15 -3.57
N GLU B 205 16.23 8.90 -2.47
CA GLU B 205 16.54 10.31 -2.61
C GLU B 205 17.93 10.50 -3.16
N ALA B 206 18.89 9.71 -2.65
CA ALA B 206 20.24 9.82 -3.16
C ALA B 206 20.30 9.38 -4.62
N LEU B 207 19.67 8.26 -4.95
CA LEU B 207 19.74 7.79 -6.33
C LEU B 207 19.13 8.79 -7.30
N TYR B 208 17.99 9.39 -6.95
CA TYR B 208 17.40 10.40 -7.81
C TYR B 208 18.36 11.59 -7.98
N ASP B 209 18.93 12.07 -6.88
CA ASP B 209 19.84 13.21 -6.95
C ASP B 209 21.10 12.87 -7.76
N ILE B 210 21.61 11.65 -7.66
CA ILE B 210 22.78 11.28 -8.45
C ILE B 210 22.44 11.31 -9.93
N CYS B 211 21.30 10.74 -10.31
CA CYS B 211 20.91 10.72 -11.72
C CYS B 211 20.69 12.14 -12.24
N PHE B 212 20.03 12.98 -11.46
CA PHE B 212 19.67 14.30 -11.93
C PHE B 212 20.87 15.23 -11.95
N ARG B 213 21.62 15.30 -10.83
CA ARG B 213 22.70 16.27 -10.72
C ARG B 213 23.97 15.79 -11.41
N THR B 214 24.41 14.55 -11.14
CA THR B 214 25.69 14.11 -11.67
C THR B 214 25.56 13.58 -13.10
N LEU B 215 24.65 12.64 -13.32
CA LEU B 215 24.52 12.03 -14.63
C LEU B 215 23.70 12.87 -15.61
N LYS B 216 23.20 14.04 -15.20
CA LYS B 216 22.48 14.99 -16.06
C LYS B 216 21.19 14.40 -16.65
N LEU B 217 20.58 13.43 -15.98
CA LEU B 217 19.32 12.85 -16.47
C LEU B 217 18.17 13.72 -16.00
N THR B 218 17.55 14.43 -16.95
CA THR B 218 16.52 15.40 -16.60
C THR B 218 15.35 14.73 -15.88
N THR B 219 14.95 13.55 -16.33
CA THR B 219 13.83 12.83 -15.70
C THR B 219 14.23 11.40 -15.39
N PRO B 220 14.72 11.15 -14.18
CA PRO B 220 15.11 9.79 -13.79
C PRO B 220 13.93 8.84 -13.77
N THR B 221 14.20 7.60 -14.14
CA THR B 221 13.27 6.49 -14.04
C THR B 221 13.85 5.46 -13.09
N TYR B 222 13.06 4.43 -12.84
CA TYR B 222 13.53 3.34 -12.00
C TYR B 222 14.73 2.64 -12.64
N GLY B 223 14.71 2.48 -13.97
CA GLY B 223 15.87 1.91 -14.66
C GLY B 223 17.14 2.68 -14.35
N ASP B 224 17.05 4.01 -14.36
CA ASP B 224 18.19 4.85 -13.99
C ASP B 224 18.63 4.60 -12.54
N LEU B 225 17.69 4.62 -11.60
CA LEU B 225 18.05 4.39 -10.21
C LEU B 225 18.60 2.98 -10.03
N ASN B 226 17.98 1.99 -10.68
CA ASN B 226 18.36 0.60 -10.43
C ASN B 226 19.70 0.26 -11.05
N HIS B 227 20.15 1.04 -12.02
CA HIS B 227 21.51 0.88 -12.52
C HIS B 227 22.52 1.21 -11.43
N LEU B 228 22.24 2.24 -10.62
CA LEU B 228 23.12 2.56 -9.50
C LEU B 228 23.05 1.50 -8.42
N VAL B 229 21.87 0.91 -8.19
CA VAL B 229 21.73 -0.12 -7.18
C VAL B 229 22.46 -1.39 -7.60
N SER B 230 22.45 -1.71 -8.90
CA SER B 230 23.10 -2.93 -9.32
C SER B 230 24.61 -2.78 -9.25
N ALA B 231 25.12 -1.60 -9.62
CA ALA B 231 26.57 -1.35 -9.45
C ALA B 231 26.97 -1.48 -8.00
N THR B 232 26.16 -0.92 -7.10
CA THR B 232 26.44 -0.95 -5.68
C THR B 232 26.39 -2.38 -5.15
N MET B 233 25.35 -3.13 -5.50
CA MET B 233 25.24 -4.50 -5.01
C MET B 233 26.37 -5.38 -5.55
N SER B 234 26.73 -5.19 -6.82
CA SER B 234 27.89 -5.92 -7.30
C SER B 234 29.15 -5.53 -6.53
N GLY B 235 29.24 -4.30 -6.04
CA GLY B 235 30.48 -3.84 -5.42
C GLY B 235 30.66 -4.35 -4.01
N VAL B 236 29.58 -4.30 -3.23
CA VAL B 236 29.63 -4.76 -1.84
C VAL B 236 29.54 -6.27 -1.69
N THR B 237 29.36 -7.02 -2.78
CA THR B 237 29.41 -8.48 -2.71
C THR B 237 30.64 -9.05 -3.40
N THR B 238 31.50 -8.21 -4.01
CA THR B 238 32.67 -8.70 -4.73
C THR B 238 33.51 -9.63 -3.87
N CYS B 239 33.82 -9.19 -2.64
CA CYS B 239 34.67 -9.98 -1.74
C CYS B 239 34.00 -11.27 -1.30
N LEU B 240 32.66 -11.30 -1.26
CA LEU B 240 31.99 -12.54 -0.91
C LEU B 240 32.10 -13.54 -2.04
N ARG B 241 32.28 -13.05 -3.26
CA ARG B 241 32.09 -13.83 -4.48
C ARG B 241 33.39 -14.24 -5.14
N PHE B 242 34.49 -13.51 -4.89
CA PHE B 242 35.70 -13.83 -5.60
C PHE B 242 36.81 -14.17 -4.63
N PRO B 243 37.70 -15.09 -5.00
CA PRO B 243 38.78 -15.48 -4.07
C PRO B 243 39.72 -14.32 -3.83
N GLY B 244 39.94 -14.02 -2.55
CA GLY B 244 40.94 -13.06 -2.15
C GLY B 244 41.65 -13.54 -0.90
N GLN B 245 42.73 -12.85 -0.55
CA GLN B 245 43.42 -13.20 0.68
C GLN B 245 42.62 -12.83 1.92
N LEU B 246 41.50 -12.13 1.74
CA LEU B 246 40.66 -11.78 2.87
C LEU B 246 39.75 -12.93 3.26
N ASN B 247 39.41 -13.79 2.31
CA ASN B 247 38.37 -14.82 2.48
C ASN B 247 37.15 -14.23 3.20
N ALA B 248 36.59 -13.18 2.59
CA ALA B 248 35.53 -12.39 3.21
C ALA B 248 34.27 -13.22 3.42
N ASP B 249 33.57 -12.94 4.51
CA ASP B 249 32.24 -13.49 4.71
C ASP B 249 31.40 -12.50 5.52
N LEU B 250 30.11 -12.82 5.67
CA LEU B 250 29.20 -11.87 6.30
C LEU B 250 29.55 -11.64 7.76
N ARG B 251 29.92 -12.70 8.49
CA ARG B 251 30.22 -12.56 9.91
C ARG B 251 31.47 -11.73 10.15
N LYS B 252 32.55 -12.01 9.43
CA LYS B 252 33.74 -11.19 9.59
C LYS B 252 33.44 -9.73 9.28
N LEU B 253 32.62 -9.46 8.24
CA LEU B 253 32.29 -8.08 7.92
C LEU B 253 31.55 -7.43 9.06
N ALA B 254 30.52 -8.10 9.58
CA ALA B 254 29.75 -7.56 10.69
C ALA B 254 30.64 -7.25 11.89
N VAL B 255 31.54 -8.17 12.22
CA VAL B 255 32.34 -8.04 13.44
C VAL B 255 33.16 -6.75 13.40
N ASN B 256 33.79 -6.47 12.27
CA ASN B 256 34.66 -5.29 12.15
C ASN B 256 33.91 -4.01 11.82
N MET B 257 32.69 -4.09 11.27
CA MET B 257 31.92 -2.92 10.89
C MET B 257 30.94 -2.45 11.96
N VAL B 258 30.53 -3.32 12.88
CA VAL B 258 29.48 -2.96 13.82
C VAL B 258 30.04 -2.88 15.25
N PRO B 259 30.56 -1.72 15.67
CA PRO B 259 31.03 -1.60 17.06
C PRO B 259 29.93 -1.68 18.09
N PHE B 260 28.68 -1.41 17.72
CA PHE B 260 27.59 -1.36 18.68
C PHE B 260 26.39 -1.96 17.98
N PRO B 261 25.73 -2.91 18.61
CA PRO B 261 24.80 -3.78 17.85
C PRO B 261 23.73 -3.02 17.07
N ARG B 262 23.19 -1.92 17.64
CA ARG B 262 22.14 -1.20 16.92
C ARG B 262 22.69 -0.41 15.73
N LEU B 263 23.97 -0.07 15.72
CA LEU B 263 24.50 0.84 14.70
C LEU B 263 25.04 0.00 13.55
N HIS B 264 24.12 -0.54 12.76
CA HIS B 264 24.50 -1.50 11.74
C HIS B 264 23.92 -1.13 10.38
N PHE B 265 23.75 0.17 10.16
CA PHE B 265 23.21 0.72 8.92
C PHE B 265 24.35 1.38 8.14
N PHE B 266 24.66 0.82 6.99
CA PHE B 266 25.85 1.19 6.23
C PHE B 266 25.47 2.18 5.15
N MET B 267 26.40 3.07 4.87
CA MET B 267 26.23 4.06 3.84
C MET B 267 27.06 3.59 2.66
N PRO B 268 26.47 3.05 1.59
CA PRO B 268 27.26 2.56 0.46
C PRO B 268 27.72 3.68 -0.46
N GLY B 269 28.85 3.45 -1.11
CA GLY B 269 29.39 4.40 -2.07
C GLY B 269 30.07 3.71 -3.23
N PHE B 270 30.02 4.34 -4.40
CA PHE B 270 30.57 3.75 -5.60
C PHE B 270 31.20 4.82 -6.47
N ALA B 271 32.33 4.48 -7.10
CA ALA B 271 32.96 5.36 -8.10
C ALA B 271 33.65 4.48 -9.13
N PRO B 272 33.59 4.83 -10.43
CA PRO B 272 32.90 6.01 -11.00
C PRO B 272 31.38 5.85 -11.20
N LEU B 273 30.67 6.97 -11.16
CA LEU B 273 29.23 6.98 -11.42
C LEU B 273 28.96 6.97 -12.93
N THR B 274 28.06 6.11 -13.37
CA THR B 274 27.77 5.97 -14.79
C THR B 274 26.26 5.94 -15.03
N SER B 275 25.86 6.52 -16.17
CA SER B 275 24.51 6.40 -16.67
C SER B 275 24.41 5.22 -17.64
N ARG B 276 23.21 4.65 -17.74
CA ARG B 276 22.98 3.52 -18.61
C ARG B 276 23.33 3.86 -20.06
N GLY B 277 23.94 2.90 -20.74
CA GLY B 277 24.31 3.07 -22.14
C GLY B 277 25.67 3.69 -22.42
N SER B 278 25.99 4.78 -21.72
CA SER B 278 27.24 5.49 -22.00
C SER B 278 28.48 4.69 -21.62
N LEU B 284 39.12 8.65 -13.41
CA LEU B 284 39.36 7.22 -13.53
C LEU B 284 40.67 6.78 -12.84
N THR B 285 41.45 7.72 -12.30
CA THR B 285 42.72 7.32 -11.71
C THR B 285 42.55 6.87 -10.27
N VAL B 286 43.59 6.22 -9.76
CA VAL B 286 43.56 5.72 -8.38
C VAL B 286 43.43 6.84 -7.37
N PRO B 287 44.16 7.96 -7.47
CA PRO B 287 43.94 9.04 -6.48
C PRO B 287 42.53 9.60 -6.51
N GLU B 288 41.90 9.63 -7.69
CA GLU B 288 40.52 10.09 -7.76
C GLU B 288 39.56 9.09 -7.13
N LEU B 289 39.76 7.79 -7.40
CA LEU B 289 38.90 6.78 -6.80
C LEU B 289 38.91 6.90 -5.28
N THR B 290 40.09 7.04 -4.70
CA THR B 290 40.20 7.22 -3.26
C THR B 290 39.37 8.39 -2.77
N GLN B 291 39.51 9.56 -3.42
CA GLN B 291 38.79 10.73 -2.93
C GLN B 291 37.31 10.64 -3.27
N GLN B 292 36.98 10.34 -4.54
CA GLN B 292 35.58 10.33 -4.99
C GLN B 292 34.74 9.36 -4.17
N MET B 293 35.39 8.41 -3.51
CA MET B 293 34.68 7.47 -2.66
C MET B 293 34.24 8.09 -1.34
N PHE B 294 34.92 9.14 -0.87
CA PHE B 294 34.54 9.79 0.37
C PHE B 294 33.84 11.13 0.11
N ASP B 295 33.18 11.23 -1.04
CA ASP B 295 32.51 12.42 -1.57
C ASP B 295 31.01 12.20 -1.55
N SER B 296 30.25 13.21 -1.12
CA SER B 296 28.80 13.05 -0.98
C SER B 296 28.10 12.79 -2.30
N LYS B 297 28.71 13.19 -3.42
CA LYS B 297 28.08 12.94 -4.70
C LYS B 297 28.13 11.47 -5.09
N ASN B 298 28.83 10.62 -4.32
CA ASN B 298 28.90 9.18 -4.60
C ASN B 298 28.23 8.32 -3.54
N MET B 299 27.53 8.90 -2.57
CA MET B 299 26.83 8.12 -1.55
C MET B 299 25.43 7.69 -2.02
N MET B 300 25.10 6.42 -1.75
CA MET B 300 23.76 5.92 -2.05
C MET B 300 22.80 6.18 -0.91
N ALA B 301 23.25 6.84 0.14
CA ALA B 301 22.36 7.40 1.15
C ALA B 301 22.47 8.93 1.10
N ALA B 302 21.33 9.61 1.17
CA ALA B 302 21.33 11.07 1.09
C ALA B 302 21.85 11.67 2.40
N CYS B 303 23.16 11.59 2.59
CA CYS B 303 23.79 11.99 3.83
C CYS B 303 25.15 12.49 3.46
N ASP B 304 25.59 13.56 4.13
CA ASP B 304 26.90 14.10 3.84
C ASP B 304 27.89 13.53 4.85
N PRO B 305 28.84 12.69 4.45
CA PRO B 305 29.76 12.13 5.46
C PRO B 305 30.56 13.19 6.19
N ARG B 306 30.80 14.36 5.58
CA ARG B 306 31.46 15.43 6.30
C ARG B 306 30.59 16.03 7.39
N HIS B 307 29.31 15.67 7.43
CA HIS B 307 28.39 16.06 8.49
C HIS B 307 28.48 15.16 9.72
N GLY B 308 29.30 14.10 9.70
CA GLY B 308 29.50 13.26 10.86
C GLY B 308 30.90 12.71 10.89
N ARG B 309 31.06 11.46 11.33
CA ARG B 309 32.34 10.78 11.43
C ARG B 309 32.14 9.29 11.16
N TYR B 310 33.09 8.69 10.43
CA TYR B 310 33.07 7.26 10.16
C TYR B 310 33.53 6.49 11.39
N LEU B 311 32.73 5.51 11.81
CA LEU B 311 33.19 4.58 12.83
C LEU B 311 34.14 3.55 12.23
N THR B 312 33.74 2.96 11.10
CA THR B 312 34.50 1.96 10.36
C THR B 312 34.18 2.14 8.89
N VAL B 313 35.17 1.85 8.04
CA VAL B 313 34.97 1.86 6.59
C VAL B 313 35.62 0.63 5.99
N ALA B 314 34.92 -0.02 5.06
CA ALA B 314 35.51 -1.10 4.27
C ALA B 314 35.38 -0.70 2.82
N ALA B 315 36.49 -0.74 2.08
CA ALA B 315 36.57 -0.25 0.72
C ALA B 315 37.13 -1.36 -0.17
N ILE B 316 36.64 -1.46 -1.40
CA ILE B 316 37.18 -2.46 -2.32
C ILE B 316 37.42 -1.83 -3.68
N PHE B 317 38.59 -2.12 -4.24
CA PHE B 317 39.02 -1.59 -5.52
C PHE B 317 39.04 -2.74 -6.50
N ARG B 318 38.40 -2.57 -7.65
CA ARG B 318 38.29 -3.60 -8.66
C ARG B 318 38.97 -3.15 -9.94
N GLY B 319 39.82 -4.01 -10.48
CA GLY B 319 40.59 -3.70 -11.67
C GLY B 319 42.08 -3.79 -11.39
N ARG B 320 42.83 -3.78 -12.49
CA ARG B 320 44.28 -3.89 -12.39
C ARG B 320 44.85 -2.52 -12.01
N MET B 321 45.53 -2.46 -10.88
CA MET B 321 46.02 -1.19 -10.36
C MET B 321 47.03 -1.45 -9.25
N SER B 322 47.96 -0.52 -9.07
CA SER B 322 49.02 -0.70 -8.08
C SER B 322 48.43 -0.69 -6.67
N MET B 323 48.42 -1.85 -6.01
CA MET B 323 47.91 -1.87 -4.64
C MET B 323 48.79 -1.04 -3.71
N LYS B 324 50.02 -0.75 -4.11
CA LYS B 324 50.82 0.24 -3.38
C LYS B 324 50.18 1.62 -3.52
N GLU B 325 49.91 2.05 -4.76
CA GLU B 325 49.27 3.35 -4.96
C GLU B 325 47.91 3.42 -4.28
N VAL B 326 47.14 2.34 -4.34
CA VAL B 326 45.86 2.29 -3.65
C VAL B 326 46.05 2.50 -2.15
N ASP B 327 47.01 1.77 -1.56
CA ASP B 327 47.22 1.88 -0.12
C ASP B 327 47.80 3.24 0.26
N GLU B 328 48.71 3.76 -0.56
CA GLU B 328 49.23 5.11 -0.36
C GLU B 328 48.08 6.13 -0.28
N GLN B 329 47.20 6.11 -1.28
CA GLN B 329 46.16 7.13 -1.35
C GLN B 329 45.12 6.97 -0.25
N MET B 330 44.75 5.72 0.12
CA MET B 330 43.83 5.55 1.25
C MET B 330 44.44 6.09 2.53
N LEU B 331 45.75 5.95 2.70
CA LEU B 331 46.37 6.53 3.89
C LEU B 331 46.35 8.06 3.83
N ASN B 332 46.66 8.63 2.66
CA ASN B 332 46.63 10.07 2.52
C ASN B 332 45.24 10.64 2.78
N VAL B 333 44.19 9.93 2.35
CA VAL B 333 42.84 10.41 2.59
C VAL B 333 42.49 10.33 4.07
N GLN B 334 42.91 9.26 4.75
CA GLN B 334 42.62 9.16 6.18
C GLN B 334 43.30 10.26 6.99
N ASN B 335 44.49 10.69 6.60
CA ASN B 335 45.21 11.68 7.39
C ASN B 335 44.74 13.11 7.09
N LYS B 336 44.46 13.41 5.82
CA LYS B 336 43.93 14.71 5.44
C LYS B 336 42.54 14.93 6.04
N ASN B 337 41.68 13.92 5.99
CA ASN B 337 40.31 14.00 6.52
C ASN B 337 40.21 13.43 7.92
N SER B 338 41.29 13.58 8.72
CA SER B 338 41.35 12.87 10.00
C SER B 338 40.16 13.18 10.89
N SER B 339 39.66 14.42 10.84
CA SER B 339 38.58 14.80 11.74
C SER B 339 37.22 14.23 11.35
N TYR B 340 37.15 13.37 10.34
CA TYR B 340 35.90 12.68 10.03
C TYR B 340 35.98 11.18 10.27
N PHE B 341 36.99 10.71 11.01
CA PHE B 341 37.02 9.36 11.57
C PHE B 341 37.09 9.47 13.08
N VAL B 342 36.48 8.53 13.79
CA VAL B 342 36.50 8.61 15.24
C VAL B 342 37.90 8.25 15.74
N GLU B 343 38.40 9.04 16.67
CA GLU B 343 39.76 8.81 17.15
C GLU B 343 39.88 7.53 17.97
N TRP B 344 38.78 6.99 18.49
CA TRP B 344 38.83 5.89 19.43
C TRP B 344 38.56 4.53 18.77
N ILE B 345 38.65 4.46 17.46
CA ILE B 345 38.73 3.17 16.76
C ILE B 345 39.96 3.22 15.85
N PRO B 346 41.11 2.79 16.35
CA PRO B 346 42.33 2.85 15.53
C PRO B 346 42.21 2.03 14.26
N ASN B 347 42.76 2.56 13.17
CA ASN B 347 42.89 1.82 11.91
C ASN B 347 41.53 1.32 11.41
N ASN B 348 40.58 2.24 11.31
CA ASN B 348 39.20 1.84 11.07
C ASN B 348 38.81 1.89 9.60
N VAL B 349 39.78 1.80 8.70
CA VAL B 349 39.51 1.69 7.26
C VAL B 349 40.29 0.49 6.74
N LYS B 350 39.59 -0.47 6.15
CA LYS B 350 40.17 -1.70 5.62
C LYS B 350 39.94 -1.73 4.12
N THR B 351 41.00 -2.01 3.37
CA THR B 351 40.95 -1.98 1.91
C THR B 351 41.23 -3.35 1.36
N ALA B 352 40.43 -3.74 0.37
CA ALA B 352 40.65 -4.95 -0.39
C ALA B 352 40.73 -4.61 -1.86
N VAL B 353 41.44 -5.45 -2.61
CA VAL B 353 41.54 -5.34 -4.06
C VAL B 353 41.05 -6.64 -4.68
N CYS B 354 40.42 -6.55 -5.86
CA CYS B 354 40.07 -7.69 -6.70
C CYS B 354 40.43 -7.33 -8.13
N ASP B 355 41.06 -8.26 -8.84
CA ASP B 355 41.65 -7.95 -10.14
C ASP B 355 40.60 -7.77 -11.22
N ILE B 356 39.43 -8.36 -11.06
CA ILE B 356 38.43 -8.45 -12.11
C ILE B 356 37.55 -7.19 -12.03
N PRO B 357 37.54 -6.36 -13.07
CA PRO B 357 36.67 -5.18 -13.06
C PRO B 357 35.22 -5.55 -13.32
N PRO B 358 34.29 -4.71 -12.91
CA PRO B 358 32.90 -4.88 -13.33
C PRO B 358 32.75 -4.65 -14.83
N ARG B 359 31.73 -5.27 -15.42
CA ARG B 359 31.54 -5.20 -16.87
C ARG B 359 31.47 -3.75 -17.32
N GLY B 360 32.13 -3.45 -18.43
CA GLY B 360 32.15 -2.10 -18.97
C GLY B 360 33.14 -1.16 -18.33
N LEU B 361 33.66 -1.47 -17.15
CA LEU B 361 34.69 -0.65 -16.54
C LEU B 361 36.02 -1.36 -16.53
N LYS B 362 37.08 -0.57 -16.38
CA LYS B 362 38.41 -1.07 -16.12
C LYS B 362 38.85 -0.84 -14.69
N MET B 363 38.37 0.23 -14.06
CA MET B 363 38.67 0.53 -12.67
C MET B 363 37.41 1.00 -11.97
N SER B 364 37.10 0.39 -10.82
CA SER B 364 36.01 0.84 -9.97
C SER B 364 36.42 0.74 -8.51
N ALA B 365 35.73 1.50 -7.66
CA ALA B 365 35.91 1.38 -6.22
C ALA B 365 34.54 1.42 -5.55
N THR B 366 34.40 0.64 -4.49
CA THR B 366 33.13 0.53 -3.78
C THR B 366 33.39 0.69 -2.29
N PHE B 367 32.52 1.43 -1.65
CA PHE B 367 32.72 1.94 -0.30
C PHE B 367 31.56 1.48 0.58
N ILE B 368 31.87 0.97 1.77
CA ILE B 368 30.89 0.60 2.79
C ILE B 368 31.27 1.36 4.05
N GLY B 369 30.44 2.31 4.44
CA GLY B 369 30.76 3.18 5.56
C GLY B 369 29.74 3.03 6.68
N ASN B 370 30.23 2.94 7.90
CA ASN B 370 29.37 3.02 9.06
C ASN B 370 29.58 4.45 9.58
N SER B 371 28.74 5.38 9.14
CA SER B 371 28.90 6.80 9.46
C SER B 371 27.79 7.27 10.37
N THR B 372 28.16 8.07 11.38
CA THR B 372 27.14 8.72 12.20
C THR B 372 26.30 9.68 11.37
N ALA B 373 26.74 10.06 10.17
CA ALA B 373 25.94 10.95 9.36
C ALA B 373 24.66 10.30 8.87
N ILE B 374 24.55 8.96 8.93
CA ILE B 374 23.34 8.27 8.50
C ILE B 374 22.15 8.71 9.34
N GLN B 375 22.38 9.34 10.49
CA GLN B 375 21.28 9.92 11.25
C GLN B 375 20.47 10.91 10.40
N GLU B 376 21.09 11.54 9.40
CA GLU B 376 20.32 12.45 8.55
C GLU B 376 19.22 11.69 7.80
N LEU B 377 19.53 10.50 7.28
CA LEU B 377 18.52 9.68 6.60
C LEU B 377 17.31 9.45 7.51
N PHE B 378 17.57 9.06 8.77
CA PHE B 378 16.47 8.75 9.67
C PHE B 378 15.74 9.99 10.17
N LYS B 379 16.44 11.13 10.34
CA LYS B 379 15.74 12.35 10.70
C LYS B 379 14.79 12.77 9.60
N ARG B 380 15.17 12.56 8.34
CA ARG B 380 14.27 12.87 7.24
C ARG B 380 13.02 12.00 7.29
N ILE B 381 13.18 10.68 7.50
CA ILE B 381 12.00 9.80 7.63
C ILE B 381 11.15 10.23 8.82
N SER B 382 11.80 10.59 9.93
CA SER B 382 11.06 10.92 11.14
C SER B 382 10.21 12.18 10.96
N GLU B 383 10.76 13.22 10.30
CA GLU B 383 10.00 14.45 10.07
C GLU B 383 8.78 14.18 9.21
N GLN B 384 8.95 13.42 8.13
CA GLN B 384 7.83 13.07 7.27
C GLN B 384 6.81 12.23 8.05
N PHE B 385 7.29 11.29 8.87
CA PHE B 385 6.41 10.52 9.72
C PHE B 385 5.58 11.44 10.62
N THR B 386 6.27 12.33 11.34
CA THR B 386 5.61 13.23 12.29
C THR B 386 4.59 14.11 11.57
N ALA B 387 4.93 14.59 10.37
CA ALA B 387 4.01 15.48 9.68
C ALA B 387 2.66 14.79 9.45
N MET B 388 2.68 13.48 9.12
CA MET B 388 1.45 12.72 8.88
C MET B 388 0.76 12.32 10.18
N PHE B 389 1.53 11.78 11.13
CA PHE B 389 0.99 11.15 12.32
C PHE B 389 0.46 12.16 13.34
N ARG B 390 0.93 13.40 13.31
CA ARG B 390 0.36 14.42 14.19
C ARG B 390 -1.09 14.73 13.81
N ARG B 391 -1.46 14.52 12.54
CA ARG B 391 -2.84 14.65 12.09
C ARG B 391 -3.54 13.30 11.99
N LYS B 392 -2.87 12.22 12.41
CA LYS B 392 -3.39 10.84 12.33
C LYS B 392 -3.87 10.48 10.92
N ALA B 393 -3.29 11.14 9.92
CA ALA B 393 -3.70 10.93 8.54
C ALA B 393 -3.42 9.49 8.11
N PHE B 394 -4.38 8.89 7.40
CA PHE B 394 -4.28 7.56 6.81
C PHE B 394 -4.17 6.47 7.87
N LEU B 395 -4.16 6.85 9.15
CA LEU B 395 -3.97 5.88 10.21
C LEU B 395 -5.03 4.78 10.19
N HIS B 396 -6.25 5.07 9.71
CA HIS B 396 -7.33 4.11 9.89
C HIS B 396 -7.13 2.85 9.05
N TRP B 397 -6.44 2.96 7.91
CA TRP B 397 -6.08 1.76 7.16
C TRP B 397 -5.12 0.85 7.92
N TYR B 398 -4.49 1.32 8.99
CA TYR B 398 -3.62 0.48 9.82
C TYR B 398 -4.30 -0.02 11.09
N THR B 399 -5.06 0.83 11.76
CA THR B 399 -5.84 0.36 12.89
C THR B 399 -6.89 -0.65 12.44
N GLY B 400 -7.41 -0.47 11.22
CA GLY B 400 -8.35 -1.42 10.68
C GLY B 400 -7.78 -2.81 10.60
N GLU B 401 -6.46 -2.92 10.37
CA GLU B 401 -5.77 -4.20 10.34
C GLU B 401 -5.50 -4.80 11.72
N GLY B 402 -5.85 -4.10 12.80
CA GLY B 402 -5.63 -4.62 14.14
C GLY B 402 -4.52 -3.94 14.90
N MET B 403 -3.78 -3.02 14.27
CA MET B 403 -2.67 -2.34 14.90
C MET B 403 -3.14 -1.28 15.87
N ASP B 404 -2.36 -1.12 16.94
CA ASP B 404 -2.55 -0.06 17.90
C ASP B 404 -1.77 1.17 17.45
N GLU B 405 -2.30 2.36 17.79
CA GLU B 405 -1.51 3.58 17.61
C GLU B 405 -0.17 3.47 18.33
N MET B 406 -0.17 2.79 19.47
CA MET B 406 1.05 2.62 20.25
C MET B 406 2.19 2.06 19.40
N GLU B 407 1.88 1.11 18.50
CA GLU B 407 2.93 0.60 17.64
C GLU B 407 3.56 1.72 16.86
N PHE B 408 2.77 2.70 16.43
CA PHE B 408 3.32 3.81 15.67
C PHE B 408 4.26 4.66 16.52
N THR B 409 3.83 5.05 17.71
CA THR B 409 4.66 5.94 18.52
C THR B 409 5.95 5.24 18.98
N GLU B 410 5.86 3.96 19.37
CA GLU B 410 7.05 3.23 19.80
C GLU B 410 8.05 3.07 18.66
N ALA B 411 7.58 2.77 17.45
CA ALA B 411 8.50 2.58 16.34
C ALA B 411 9.23 3.87 16.02
N GLU B 412 8.60 5.02 16.29
CA GLU B 412 9.28 6.28 16.05
C GLU B 412 10.12 6.73 17.22
N SER B 413 9.70 6.44 18.46
CA SER B 413 10.58 6.61 19.59
C SER B 413 11.87 5.83 19.40
N ASN B 414 11.77 4.64 18.77
CA ASN B 414 12.97 3.83 18.61
C ASN B 414 13.87 4.39 17.52
N MET B 415 13.27 4.92 16.45
CA MET B 415 14.08 5.54 15.41
C MET B 415 14.64 6.89 15.85
N ASN B 416 13.95 7.60 16.77
CA ASN B 416 14.55 8.80 17.33
C ASN B 416 15.66 8.46 18.32
N ASP B 417 15.55 7.32 18.99
CA ASP B 417 16.64 6.84 19.84
C ASP B 417 17.85 6.46 19.01
N LEU B 418 17.62 5.77 17.89
CA LEU B 418 18.70 5.42 16.99
C LEU B 418 19.45 6.68 16.53
N VAL B 419 18.71 7.74 16.20
CA VAL B 419 19.34 9.02 15.82
C VAL B 419 20.18 9.56 16.98
N SER B 420 19.61 9.54 18.19
CA SER B 420 20.35 10.01 19.38
C SER B 420 21.64 9.24 19.54
N GLU B 421 21.54 7.90 19.45
CA GLU B 421 22.71 7.05 19.62
C GLU B 421 23.80 7.41 18.62
N TYR B 422 23.42 7.59 17.34
CA TYR B 422 24.40 8.01 16.33
C TYR B 422 25.03 9.35 16.73
N GLN B 423 24.21 10.27 17.24
CA GLN B 423 24.73 11.56 17.70
C GLN B 423 25.73 11.38 18.83
N GLN B 424 25.36 10.58 19.84
CA GLN B 424 26.22 10.35 20.98
C GLN B 424 27.61 9.90 20.54
N TYR B 425 27.71 9.00 19.56
CA TYR B 425 29.05 8.56 19.19
C TYR B 425 29.78 9.57 18.33
N GLN B 426 29.04 10.41 17.60
CA GLN B 426 29.64 11.49 16.84
C GLN B 426 30.31 12.53 17.76
N ASP B 427 29.77 12.77 18.94
CA ASP B 427 30.40 13.72 19.85
C ASP B 427 31.37 13.06 20.83
N ALA B 428 31.48 11.73 20.80
CA ALA B 428 32.39 11.05 21.69
C ALA B 428 33.83 11.46 21.37
N THR B 429 34.64 11.59 22.41
CA THR B 429 36.04 11.93 22.23
C THR B 429 36.92 10.93 22.97
N ALA B 430 38.23 11.02 22.72
CA ALA B 430 39.21 10.23 23.45
C ALA B 430 39.92 11.07 24.51
N MET C 1 -9.77 -15.42 -8.91
CA MET C 1 -8.90 -14.61 -8.08
C MET C 1 -9.12 -13.13 -8.34
N ARG C 2 -9.08 -12.34 -7.26
CA ARG C 2 -9.13 -10.89 -7.31
C ARG C 2 -10.41 -10.38 -7.97
N GLU C 3 -11.52 -11.09 -7.79
CA GLU C 3 -12.75 -10.71 -8.47
C GLU C 3 -13.35 -9.44 -7.88
N CYS C 4 -14.08 -8.69 -8.72
CA CYS C 4 -14.88 -7.55 -8.29
C CYS C 4 -16.31 -7.77 -8.76
N ILE C 5 -17.27 -7.63 -7.86
CA ILE C 5 -18.68 -7.74 -8.20
C ILE C 5 -19.25 -6.33 -8.31
N SER C 6 -19.91 -6.06 -9.44
CA SER C 6 -20.52 -4.77 -9.71
C SER C 6 -22.03 -4.85 -9.47
N ILE C 7 -22.58 -3.85 -8.80
CA ILE C 7 -24.00 -3.80 -8.53
C ILE C 7 -24.54 -2.47 -9.03
N HIS C 8 -25.63 -2.54 -9.82
CA HIS C 8 -26.20 -1.39 -10.53
C HIS C 8 -27.64 -1.23 -10.09
N VAL C 9 -27.93 -0.10 -9.45
CA VAL C 9 -29.20 0.14 -8.78
C VAL C 9 -29.94 1.29 -9.46
N GLY C 10 -31.24 1.11 -9.63
CA GLY C 10 -32.12 2.09 -10.23
C GLY C 10 -31.80 2.42 -11.67
N GLN C 11 -32.56 3.37 -12.25
CA GLN C 11 -32.38 3.72 -13.66
C GLN C 11 -30.95 4.20 -13.94
N ALA C 12 -30.48 5.21 -13.22
CA ALA C 12 -29.14 5.74 -13.48
C ALA C 12 -28.08 4.64 -13.38
N GLY C 13 -28.13 3.84 -12.30
CA GLY C 13 -27.11 2.82 -12.12
C GLY C 13 -27.14 1.75 -13.21
N VAL C 14 -28.35 1.36 -13.63
CA VAL C 14 -28.48 0.34 -14.66
C VAL C 14 -28.06 0.89 -16.01
N GLN C 15 -28.44 2.12 -16.33
CA GLN C 15 -28.13 2.60 -17.66
C GLN C 15 -26.65 2.85 -17.82
N ILE C 16 -25.99 3.29 -16.76
CA ILE C 16 -24.54 3.43 -16.78
C ILE C 16 -23.86 2.06 -16.87
N GLY C 17 -24.36 1.08 -16.11
CA GLY C 17 -23.89 -0.28 -16.27
C GLY C 17 -23.94 -0.78 -17.71
N ASN C 18 -24.98 -0.38 -18.45
CA ASN C 18 -25.02 -0.70 -19.88
C ASN C 18 -23.84 -0.10 -20.63
N ALA C 19 -23.51 1.16 -20.35
CA ALA C 19 -22.39 1.74 -21.08
C ALA C 19 -21.10 1.06 -20.68
N CYS C 20 -20.97 0.70 -19.40
CA CYS C 20 -19.73 0.10 -18.90
C CYS C 20 -19.55 -1.31 -19.45
N TRP C 21 -20.58 -2.16 -19.32
CA TRP C 21 -20.40 -3.54 -19.73
C TRP C 21 -20.30 -3.65 -21.25
N GLU C 22 -20.96 -2.75 -21.99
CA GLU C 22 -20.70 -2.65 -23.42
C GLU C 22 -19.24 -2.31 -23.69
N LEU C 23 -18.72 -1.27 -23.01
CA LEU C 23 -17.32 -0.91 -23.17
C LEU C 23 -16.39 -2.07 -22.80
N TYR C 24 -16.66 -2.75 -21.68
CA TYR C 24 -15.80 -3.86 -21.24
C TYR C 24 -15.79 -5.00 -22.25
N CYS C 25 -16.95 -5.37 -22.81
CA CYS C 25 -16.95 -6.41 -23.83
C CYS C 25 -16.10 -5.99 -25.02
N LEU C 26 -16.21 -4.72 -25.45
CA LEU C 26 -15.41 -4.23 -26.56
C LEU C 26 -13.93 -4.15 -26.20
N GLU C 27 -13.60 -3.77 -24.96
CA GLU C 27 -12.20 -3.75 -24.57
C GLU C 27 -11.58 -5.14 -24.57
N HIS C 28 -12.34 -6.18 -24.22
CA HIS C 28 -11.81 -7.53 -24.09
C HIS C 28 -12.20 -8.44 -25.25
N GLY C 29 -12.88 -7.92 -26.27
CA GLY C 29 -13.22 -8.73 -27.42
C GLY C 29 -14.32 -9.74 -27.17
N ILE C 30 -15.15 -9.50 -26.16
CA ILE C 30 -16.25 -10.40 -25.84
C ILE C 30 -17.42 -10.05 -26.75
N GLN C 31 -18.06 -11.05 -27.28
CA GLN C 31 -19.21 -10.71 -28.10
C GLN C 31 -20.47 -10.69 -27.25
N PRO C 32 -21.55 -10.06 -27.75
CA PRO C 32 -22.76 -9.92 -26.92
C PRO C 32 -23.41 -11.24 -26.51
N ASP C 33 -22.98 -12.37 -27.08
CA ASP C 33 -23.34 -13.70 -26.60
C ASP C 33 -22.37 -14.23 -25.55
N GLY C 34 -21.35 -13.46 -25.18
CA GLY C 34 -20.40 -13.88 -24.18
C GLY C 34 -19.26 -14.72 -24.71
N GLN C 35 -19.21 -14.96 -26.02
CA GLN C 35 -18.15 -15.77 -26.60
C GLN C 35 -16.96 -14.90 -27.00
N MET C 36 -15.82 -15.56 -27.16
CA MET C 36 -14.59 -14.84 -27.38
C MET C 36 -13.65 -15.67 -28.23
N PRO C 37 -13.19 -15.17 -29.38
CA PRO C 37 -12.18 -15.84 -30.22
C PRO C 37 -10.88 -16.17 -29.47
N ASP C 46 -3.36 -12.70 -21.71
CA ASP C 46 -3.92 -11.75 -20.73
C ASP C 46 -5.28 -12.21 -20.24
N ASP C 47 -5.30 -12.84 -19.06
CA ASP C 47 -6.51 -13.42 -18.51
C ASP C 47 -7.17 -12.53 -17.46
N SER C 48 -6.67 -11.30 -17.27
CA SER C 48 -7.06 -10.48 -16.12
C SER C 48 -8.53 -10.11 -16.12
N PHE C 49 -9.16 -10.08 -17.30
CA PHE C 49 -10.59 -9.78 -17.37
C PHE C 49 -11.44 -10.74 -16.55
N ASN C 50 -10.87 -11.88 -16.12
CA ASN C 50 -11.61 -12.83 -15.29
C ASN C 50 -11.95 -12.25 -13.92
N THR C 51 -11.32 -11.14 -13.52
CA THR C 51 -11.78 -10.45 -12.33
C THR C 51 -13.21 -9.91 -12.49
N PHE C 52 -13.67 -9.70 -13.72
CA PHE C 52 -14.98 -9.11 -13.96
C PHE C 52 -15.95 -10.03 -14.70
N PHE C 53 -15.45 -11.08 -15.35
CA PHE C 53 -16.27 -12.04 -16.05
C PHE C 53 -15.97 -13.44 -15.51
N SER C 54 -16.99 -14.12 -15.03
CA SER C 54 -16.85 -15.56 -14.84
C SER C 54 -16.89 -16.24 -16.21
N GLU C 55 -16.59 -17.54 -16.22
CA GLU C 55 -16.69 -18.33 -17.45
C GLU C 55 -17.47 -19.62 -17.20
N THR C 56 -18.40 -19.93 -18.10
CA THR C 56 -19.17 -21.17 -18.09
C THR C 56 -18.47 -22.25 -18.89
N GLY C 57 -19.01 -23.47 -18.80
CA GLY C 57 -18.41 -24.59 -19.50
C GLY C 57 -18.26 -24.36 -21.00
N ALA C 58 -19.27 -23.74 -21.61
CA ALA C 58 -19.24 -23.51 -23.04
C ALA C 58 -18.34 -22.33 -23.46
N GLY C 59 -17.47 -21.84 -22.58
CA GLY C 59 -16.64 -20.71 -22.94
C GLY C 59 -17.36 -19.37 -22.97
N LYS C 60 -18.54 -19.28 -22.36
CA LYS C 60 -19.30 -18.05 -22.30
C LYS C 60 -18.83 -17.23 -21.10
N HIS C 61 -18.59 -15.95 -21.32
CA HIS C 61 -18.06 -15.07 -20.30
C HIS C 61 -19.18 -14.16 -19.78
N VAL C 62 -19.60 -14.40 -18.54
CA VAL C 62 -20.74 -13.74 -17.93
C VAL C 62 -20.23 -12.67 -16.95
N PRO C 63 -20.65 -11.42 -17.09
CA PRO C 63 -20.23 -10.38 -16.13
C PRO C 63 -20.57 -10.75 -14.69
N ARG C 64 -19.69 -10.36 -13.78
CA ARG C 64 -19.91 -10.56 -12.35
C ARG C 64 -20.69 -9.35 -11.84
N ALA C 65 -21.99 -9.34 -12.11
CA ALA C 65 -22.78 -8.14 -11.85
C ALA C 65 -24.24 -8.50 -11.63
N VAL C 66 -24.89 -7.69 -10.79
CA VAL C 66 -26.33 -7.72 -10.58
C VAL C 66 -26.89 -6.39 -11.07
N PHE C 67 -28.05 -6.44 -11.73
CA PHE C 67 -28.81 -5.27 -12.12
C PHE C 67 -30.09 -5.27 -11.32
N VAL C 68 -30.32 -4.21 -10.55
CA VAL C 68 -31.49 -4.11 -9.68
C VAL C 68 -32.22 -2.82 -10.03
N ASP C 69 -33.56 -2.92 -10.07
CA ASP C 69 -34.41 -1.75 -10.19
C ASP C 69 -35.78 -2.13 -9.65
N LEU C 70 -36.46 -1.20 -9.00
CA LEU C 70 -37.73 -1.57 -8.36
C LEU C 70 -38.87 -1.66 -9.37
N GLU C 71 -38.69 -1.11 -10.54
CA GLU C 71 -39.64 -1.12 -11.63
C GLU C 71 -38.93 -1.74 -12.84
N PRO C 72 -39.66 -2.39 -13.73
CA PRO C 72 -39.00 -3.26 -14.71
C PRO C 72 -38.65 -2.64 -16.05
N THR C 73 -39.11 -1.43 -16.37
CA THR C 73 -39.05 -1.01 -17.76
C THR C 73 -37.61 -0.75 -18.23
N VAL C 74 -36.75 -0.24 -17.34
CA VAL C 74 -35.38 0.04 -17.75
C VAL C 74 -34.62 -1.26 -17.98
N ILE C 75 -34.72 -2.19 -17.04
CA ILE C 75 -34.00 -3.46 -17.17
C ILE C 75 -34.61 -4.34 -18.25
N ASP C 76 -35.90 -4.13 -18.57
CA ASP C 76 -36.51 -4.88 -19.67
C ASP C 76 -35.83 -4.59 -20.99
N GLU C 77 -35.28 -3.39 -21.15
CA GLU C 77 -34.55 -3.06 -22.36
C GLU C 77 -33.25 -3.87 -22.46
N VAL C 78 -32.57 -4.10 -21.33
CA VAL C 78 -31.47 -5.06 -21.31
C VAL C 78 -31.95 -6.43 -21.72
N ARG C 79 -33.04 -6.88 -21.09
CA ARG C 79 -33.63 -8.19 -21.37
C ARG C 79 -34.01 -8.37 -22.81
N THR C 80 -34.18 -7.29 -23.57
CA THR C 80 -34.53 -7.44 -24.97
C THR C 80 -33.55 -6.72 -25.89
N GLY C 81 -32.48 -6.15 -25.35
CA GLY C 81 -31.53 -5.39 -26.13
C GLY C 81 -30.45 -6.25 -26.74
N THR C 82 -29.33 -5.59 -27.07
CA THR C 82 -28.23 -6.26 -27.75
C THR C 82 -27.62 -7.34 -26.87
N TYR C 83 -27.38 -7.01 -25.60
CA TYR C 83 -26.68 -7.90 -24.68
C TYR C 83 -27.64 -8.72 -23.84
N ARG C 84 -28.81 -9.07 -24.39
CA ARG C 84 -29.80 -9.81 -23.61
C ARG C 84 -29.31 -11.20 -23.28
N GLN C 85 -28.35 -11.74 -24.03
CA GLN C 85 -27.78 -13.02 -23.65
C GLN C 85 -26.47 -12.88 -22.92
N LEU C 86 -25.99 -11.66 -22.68
CA LEU C 86 -24.71 -11.52 -21.99
C LEU C 86 -24.86 -11.84 -20.51
N PHE C 87 -25.98 -11.47 -19.92
CA PHE C 87 -26.32 -11.74 -18.53
C PHE C 87 -27.22 -12.97 -18.41
N HIS C 88 -27.08 -13.70 -17.31
CA HIS C 88 -28.07 -14.69 -16.93
C HIS C 88 -29.33 -13.99 -16.42
N PRO C 89 -30.53 -14.49 -16.77
CA PRO C 89 -31.77 -13.89 -16.26
C PRO C 89 -31.77 -13.58 -14.79
N GLU C 90 -31.13 -14.40 -13.97
CA GLU C 90 -31.18 -14.28 -12.51
C GLU C 90 -30.41 -13.07 -12.01
N GLN C 91 -29.46 -12.56 -12.81
CA GLN C 91 -28.73 -11.35 -12.48
C GLN C 91 -29.55 -10.08 -12.70
N LEU C 92 -30.64 -10.15 -13.48
CA LEU C 92 -31.45 -8.96 -13.81
C LEU C 92 -32.72 -9.01 -12.97
N ILE C 93 -32.71 -8.28 -11.86
CA ILE C 93 -33.74 -8.36 -10.83
C ILE C 93 -34.59 -7.09 -10.88
N THR C 94 -35.92 -7.26 -10.99
CA THR C 94 -36.85 -6.13 -11.00
C THR C 94 -38.08 -6.45 -10.16
N GLY C 95 -38.65 -5.42 -9.56
CA GLY C 95 -39.96 -5.49 -8.95
C GLY C 95 -41.00 -4.99 -9.92
N LYS C 96 -42.14 -4.53 -9.37
CA LYS C 96 -43.26 -4.09 -10.19
C LYS C 96 -43.62 -2.63 -10.00
N GLU C 97 -43.02 -1.95 -9.03
CA GLU C 97 -43.36 -0.58 -8.68
C GLU C 97 -42.07 0.12 -8.32
N ASP C 98 -41.86 1.33 -8.84
CA ASP C 98 -40.64 2.01 -8.45
C ASP C 98 -40.89 2.78 -7.16
N ALA C 99 -39.86 3.47 -6.68
CA ALA C 99 -39.92 4.17 -5.41
C ALA C 99 -40.55 5.55 -5.53
N ALA C 100 -41.03 5.91 -6.72
CA ALA C 100 -41.72 7.18 -6.94
C ALA C 100 -40.88 8.36 -6.45
N ASN C 101 -39.60 8.34 -6.82
CA ASN C 101 -38.63 9.37 -6.46
C ASN C 101 -38.53 9.55 -4.94
N ASN C 102 -38.91 8.55 -4.15
CA ASN C 102 -39.01 8.69 -2.71
C ASN C 102 -38.01 7.73 -2.04
N TYR C 103 -36.98 8.29 -1.40
CA TYR C 103 -36.02 7.51 -0.62
C TYR C 103 -36.73 6.50 0.29
N ALA C 104 -37.77 6.96 0.98
CA ALA C 104 -38.42 6.11 1.96
C ALA C 104 -39.03 4.87 1.32
N ARG C 105 -39.46 4.96 0.06
CA ARG C 105 -40.01 3.78 -0.60
C ARG C 105 -38.91 2.87 -1.13
N GLY C 106 -37.80 3.43 -1.60
CA GLY C 106 -36.68 2.59 -2.00
C GLY C 106 -36.08 1.81 -0.84
N HIS C 107 -35.98 2.45 0.34
CA HIS C 107 -35.34 1.84 1.51
C HIS C 107 -36.29 0.93 2.30
N TYR C 108 -37.58 1.27 2.36
CA TYR C 108 -38.49 0.53 3.22
C TYR C 108 -39.62 -0.10 2.41
N THR C 109 -40.74 0.62 2.35
CA THR C 109 -41.99 0.18 1.75
C THR C 109 -41.80 -0.71 0.53
N ILE C 110 -41.21 -0.18 -0.53
CA ILE C 110 -41.05 -0.96 -1.75
C ILE C 110 -39.80 -1.83 -1.68
N GLY C 111 -38.70 -1.32 -1.13
CA GLY C 111 -37.42 -1.99 -1.26
C GLY C 111 -37.34 -3.28 -0.46
N LYS C 112 -38.02 -3.34 0.69
CA LYS C 112 -37.94 -4.52 1.56
C LYS C 112 -38.51 -5.77 0.91
N GLU C 113 -39.28 -5.61 -0.16
CA GLU C 113 -39.90 -6.76 -0.81
C GLU C 113 -38.99 -7.43 -1.82
N ILE C 114 -37.79 -6.91 -2.05
CA ILE C 114 -36.92 -7.49 -3.06
C ILE C 114 -35.47 -7.54 -2.56
N ILE C 115 -35.22 -6.97 -1.37
CA ILE C 115 -33.85 -6.91 -0.88
C ILE C 115 -33.27 -8.30 -0.67
N ASP C 116 -34.06 -9.22 -0.11
CA ASP C 116 -33.57 -10.58 0.11
C ASP C 116 -33.27 -11.28 -1.20
N LEU C 117 -34.02 -11.01 -2.25
CA LEU C 117 -33.68 -11.59 -3.54
C LEU C 117 -32.29 -11.14 -3.98
N VAL C 118 -32.02 -9.84 -3.86
CA VAL C 118 -30.78 -9.27 -4.36
C VAL C 118 -29.58 -9.87 -3.63
N LEU C 119 -29.67 -10.00 -2.31
CA LEU C 119 -28.54 -10.52 -1.56
C LEU C 119 -28.32 -12.00 -1.81
N ASP C 120 -29.39 -12.74 -2.12
CA ASP C 120 -29.23 -14.13 -2.55
C ASP C 120 -28.47 -14.21 -3.86
N ARG C 121 -28.76 -13.33 -4.81
CA ARG C 121 -28.00 -13.33 -6.05
CA ARG C 121 -28.01 -13.34 -6.05
C ARG C 121 -26.56 -12.93 -5.81
N ILE C 122 -26.34 -11.86 -5.04
CA ILE C 122 -24.98 -11.43 -4.72
C ILE C 122 -24.23 -12.57 -4.02
N ARG C 123 -24.87 -13.20 -3.02
CA ARG C 123 -24.24 -14.32 -2.33
C ARG C 123 -23.84 -15.41 -3.31
N LYS C 124 -24.66 -15.65 -4.33
CA LYS C 124 -24.32 -16.65 -5.35
C LYS C 124 -23.12 -16.21 -6.18
N LEU C 125 -23.00 -14.91 -6.46
CA LEU C 125 -21.82 -14.41 -7.15
C LEU C 125 -20.58 -14.44 -6.27
N ALA C 126 -20.74 -14.16 -4.97
CA ALA C 126 -19.60 -14.28 -4.06
C ALA C 126 -19.09 -15.70 -4.01
N ASP C 127 -19.97 -16.67 -4.17
CA ASP C 127 -19.58 -18.06 -4.12
C ASP C 127 -18.79 -18.47 -5.35
N GLN C 128 -18.79 -17.65 -6.41
CA GLN C 128 -17.98 -17.93 -7.59
C GLN C 128 -16.66 -17.18 -7.58
N CYS C 129 -16.27 -16.63 -6.43
CA CYS C 129 -15.01 -15.90 -6.26
C CYS C 129 -14.08 -16.67 -5.35
N THR C 130 -12.82 -16.83 -5.78
CA THR C 130 -11.80 -17.38 -4.90
C THR C 130 -11.04 -16.32 -4.12
N GLY C 131 -11.19 -15.04 -4.47
CA GLY C 131 -10.56 -13.97 -3.73
C GLY C 131 -11.23 -12.63 -3.94
N LEU C 132 -12.45 -12.49 -3.44
CA LEU C 132 -13.25 -11.30 -3.69
C LEU C 132 -12.57 -10.04 -3.15
N GLN C 133 -12.37 -9.06 -4.04
CA GLN C 133 -11.76 -7.78 -3.69
C GLN C 133 -12.77 -6.82 -3.06
N GLY C 134 -13.94 -6.72 -3.64
CA GLY C 134 -14.94 -5.79 -3.13
C GLY C 134 -16.13 -5.68 -4.06
N PHE C 135 -16.97 -4.71 -3.75
CA PHE C 135 -18.18 -4.43 -4.51
C PHE C 135 -18.10 -3.02 -5.05
N LEU C 136 -18.53 -2.85 -6.30
CA LEU C 136 -18.72 -1.56 -6.93
C LEU C 136 -20.22 -1.32 -7.07
N VAL C 137 -20.73 -0.24 -6.47
CA VAL C 137 -22.16 0.07 -6.47
C VAL C 137 -22.37 1.33 -7.30
N PHE C 138 -23.21 1.24 -8.34
CA PHE C 138 -23.54 2.36 -9.20
C PHE C 138 -24.99 2.78 -8.94
N HIS C 139 -25.19 4.06 -8.63
CA HIS C 139 -26.53 4.55 -8.33
C HIS C 139 -26.57 6.06 -8.47
N SER C 140 -27.78 6.61 -8.51
CA SER C 140 -27.95 8.05 -8.45
C SER C 140 -28.19 8.47 -7.01
N PHE C 141 -27.80 9.70 -6.68
CA PHE C 141 -28.24 10.26 -5.41
C PHE C 141 -29.73 10.54 -5.41
N GLY C 142 -30.30 10.85 -6.58
CA GLY C 142 -31.60 11.51 -6.65
C GLY C 142 -32.81 10.60 -6.72
N GLY C 143 -32.69 9.46 -7.39
CA GLY C 143 -33.81 8.54 -7.50
C GLY C 143 -34.17 7.92 -6.17
N GLY C 144 -35.44 7.55 -6.05
CA GLY C 144 -35.89 6.82 -4.87
C GLY C 144 -35.23 5.46 -4.74
N THR C 145 -34.97 4.79 -5.85
CA THR C 145 -34.20 3.55 -5.78
C THR C 145 -32.72 3.85 -5.62
N GLY C 146 -32.21 4.73 -6.47
CA GLY C 146 -30.81 5.13 -6.40
C GLY C 146 -30.35 5.47 -5.00
N SER C 147 -31.20 6.15 -4.21
CA SER C 147 -30.83 6.55 -2.86
C SER C 147 -31.22 5.50 -1.82
N GLY C 148 -32.49 5.15 -1.76
CA GLY C 148 -33.04 4.39 -0.65
C GLY C 148 -32.77 2.89 -0.71
N PHE C 149 -32.86 2.32 -1.92
CA PHE C 149 -32.54 0.91 -2.03
C PHE C 149 -31.02 0.68 -1.93
N THR C 150 -30.22 1.65 -2.40
CA THR C 150 -28.78 1.53 -2.27
C THR C 150 -28.35 1.62 -0.81
N SER C 151 -28.93 2.55 -0.05
CA SER C 151 -28.68 2.59 1.39
C SER C 151 -28.97 1.25 2.02
N LEU C 152 -30.16 0.69 1.75
CA LEU C 152 -30.50 -0.62 2.28
C LEU C 152 -29.51 -1.68 1.84
N LEU C 153 -29.20 -1.72 0.53
CA LEU C 153 -28.24 -2.69 0.03
C LEU C 153 -26.89 -2.55 0.75
N MET C 154 -26.40 -1.30 0.88
CA MET C 154 -25.11 -1.08 1.52
C MET C 154 -25.10 -1.59 2.96
N GLU C 155 -26.19 -1.32 3.70
CA GLU C 155 -26.29 -1.80 5.07
C GLU C 155 -26.25 -3.32 5.10
N ARG C 156 -26.97 -3.97 4.18
CA ARG C 156 -27.02 -5.43 4.18
C ARG C 156 -25.71 -6.04 3.72
N LEU C 157 -25.00 -5.37 2.81
CA LEU C 157 -23.68 -5.85 2.42
C LEU C 157 -22.73 -5.83 3.61
N SER C 158 -22.82 -4.81 4.46
CA SER C 158 -21.97 -4.75 5.65
C SER C 158 -22.25 -5.89 6.62
N VAL C 159 -23.53 -6.26 6.77
CA VAL C 159 -23.82 -7.40 7.63
C VAL C 159 -23.34 -8.69 7.00
N ASP C 160 -23.52 -8.84 5.68
CA ASP C 160 -23.14 -10.09 5.02
C ASP C 160 -21.62 -10.22 4.88
N TYR C 161 -20.93 -9.14 4.54
CA TYR C 161 -19.53 -9.23 4.14
C TYR C 161 -18.60 -8.41 5.04
N GLY C 162 -19.08 -7.95 6.19
CA GLY C 162 -18.19 -7.30 7.16
C GLY C 162 -17.56 -6.04 6.60
N LYS C 163 -16.25 -5.94 6.73
CA LYS C 163 -15.55 -4.76 6.23
C LYS C 163 -15.03 -4.95 4.81
N LYS C 164 -15.49 -5.96 4.09
CA LYS C 164 -15.11 -6.13 2.70
C LYS C 164 -15.34 -4.83 1.93
N SER C 165 -14.38 -4.47 1.08
CA SER C 165 -14.38 -3.18 0.41
C SER C 165 -15.68 -2.92 -0.34
N LYS C 166 -16.20 -1.72 -0.16
CA LYS C 166 -17.38 -1.25 -0.89
C LYS C 166 -17.09 0.14 -1.43
N LEU C 167 -17.04 0.26 -2.75
CA LEU C 167 -16.87 1.54 -3.42
C LEU C 167 -18.11 1.88 -4.25
N GLU C 168 -18.47 3.16 -4.27
CA GLU C 168 -19.60 3.65 -5.02
C GLU C 168 -19.16 4.46 -6.22
N PHE C 169 -20.02 4.47 -7.24
CA PHE C 169 -20.04 5.49 -8.28
C PHE C 169 -21.40 6.17 -8.23
N SER C 170 -21.42 7.41 -7.77
CA SER C 170 -22.66 8.10 -7.46
C SER C 170 -22.89 9.26 -8.41
N ILE C 171 -24.12 9.40 -8.90
CA ILE C 171 -24.50 10.48 -9.82
C ILE C 171 -25.09 11.60 -8.98
N TYR C 172 -24.34 12.67 -8.88
CA TYR C 172 -24.74 13.87 -8.16
C TYR C 172 -25.74 14.65 -9.01
N PRO C 173 -26.83 15.15 -8.43
CA PRO C 173 -27.93 15.71 -9.24
C PRO C 173 -27.69 17.14 -9.73
N ALA C 174 -28.17 17.40 -10.94
CA ALA C 174 -28.05 18.67 -11.61
C ALA C 174 -29.40 19.16 -12.07
N PRO C 175 -29.73 20.44 -11.83
CA PRO C 175 -31.00 20.97 -12.37
C PRO C 175 -31.14 20.89 -13.88
N GLN C 176 -30.03 21.08 -14.62
CA GLN C 176 -30.06 20.95 -16.08
C GLN C 176 -30.72 19.66 -16.51
N VAL C 177 -30.15 18.53 -16.11
CA VAL C 177 -30.72 17.22 -16.40
C VAL C 177 -31.12 16.61 -15.05
N SER C 178 -32.35 16.89 -14.64
CA SER C 178 -32.84 16.39 -13.36
C SER C 178 -34.10 15.59 -13.59
N THR C 179 -34.60 15.01 -12.50
CA THR C 179 -35.90 14.37 -12.49
C THR C 179 -36.84 15.00 -11.50
N ALA C 180 -36.40 15.24 -10.27
CA ALA C 180 -37.33 15.49 -9.19
C ALA C 180 -36.92 16.68 -8.33
N VAL C 181 -37.93 17.37 -7.81
CA VAL C 181 -37.68 18.48 -6.93
C VAL C 181 -37.20 18.00 -5.55
N VAL C 182 -37.47 16.74 -5.19
CA VAL C 182 -37.09 16.22 -3.88
C VAL C 182 -35.72 15.57 -3.89
N GLU C 183 -35.01 15.63 -5.02
CA GLU C 183 -33.69 15.03 -5.08
C GLU C 183 -32.72 15.52 -4.01
N PRO C 184 -32.69 16.79 -3.61
CA PRO C 184 -31.77 17.14 -2.50
C PRO C 184 -32.09 16.37 -1.22
N TYR C 185 -33.37 16.13 -0.93
CA TYR C 185 -33.72 15.26 0.19
C TYR C 185 -33.14 13.85 0.03
N ASN C 186 -33.43 13.19 -1.09
CA ASN C 186 -32.94 11.82 -1.24
C ASN C 186 -31.44 11.76 -1.15
N SER C 187 -30.76 12.81 -1.63
CA SER C 187 -29.30 12.80 -1.66
C SER C 187 -28.72 12.86 -0.25
N ILE C 188 -29.17 13.81 0.56
CA ILE C 188 -28.71 13.90 1.94
C ILE C 188 -29.04 12.63 2.71
N LEU C 189 -30.22 12.06 2.48
CA LEU C 189 -30.61 10.87 3.22
C LEU C 189 -29.69 9.69 2.88
N THR C 190 -29.48 9.42 1.60
CA THR C 190 -28.67 8.26 1.26
C THR C 190 -27.22 8.45 1.69
N THR C 191 -26.72 9.68 1.64
CA THR C 191 -25.35 9.96 2.04
C THR C 191 -25.13 9.71 3.52
N HIS C 192 -26.06 10.18 4.35
CA HIS C 192 -26.00 9.89 5.78
C HIS C 192 -25.92 8.38 6.03
N THR C 193 -26.97 7.65 5.68
CA THR C 193 -27.05 6.25 6.08
C THR C 193 -25.94 5.42 5.45
N THR C 194 -25.40 5.85 4.30
CA THR C 194 -24.36 5.13 3.57
C THR C 194 -22.95 5.46 4.05
N LEU C 195 -22.76 6.60 4.72
CA LEU C 195 -21.41 7.07 5.04
C LEU C 195 -20.58 5.98 5.71
N GLU C 196 -21.08 5.42 6.83
CA GLU C 196 -20.37 4.39 7.59
C GLU C 196 -20.06 3.13 6.78
N HIS C 197 -20.76 2.86 5.69
CA HIS C 197 -20.68 1.57 5.01
C HIS C 197 -19.88 1.59 3.73
N SER C 198 -19.50 2.75 3.22
CA SER C 198 -18.76 2.79 1.98
C SER C 198 -17.32 3.17 2.31
N ASP C 199 -16.37 2.57 1.59
CA ASP C 199 -14.97 2.90 1.78
C ASP C 199 -14.52 4.05 0.89
N CYS C 200 -15.15 4.23 -0.26
CA CYS C 200 -14.71 5.22 -1.24
C CYS C 200 -15.84 5.45 -2.25
N ALA C 201 -16.25 6.69 -2.44
CA ALA C 201 -17.35 7.00 -3.35
C ALA C 201 -16.86 7.98 -4.39
N PHE C 202 -16.87 7.57 -5.66
CA PHE C 202 -16.49 8.48 -6.74
C PHE C 202 -17.75 9.20 -7.21
N MET C 203 -17.85 10.49 -6.92
CA MET C 203 -19.05 11.24 -7.28
C MET C 203 -18.92 11.77 -8.70
N VAL C 204 -20.04 11.78 -9.41
CA VAL C 204 -20.11 12.33 -10.75
C VAL C 204 -21.27 13.31 -10.81
N ASP C 205 -20.98 14.53 -11.22
CA ASP C 205 -21.93 15.63 -11.29
C ASP C 205 -22.51 15.68 -12.70
N ASN C 206 -23.82 15.42 -12.82
CA ASN C 206 -24.46 15.46 -14.14
C ASN C 206 -24.27 16.82 -14.81
N GLU C 207 -24.26 17.91 -14.04
CA GLU C 207 -24.00 19.20 -14.67
C GLU C 207 -22.59 19.26 -15.26
N ALA C 208 -21.60 18.69 -14.57
CA ALA C 208 -20.25 18.75 -15.13
C ALA C 208 -20.14 17.90 -16.38
N ILE C 209 -20.69 16.68 -16.36
CA ILE C 209 -20.66 15.84 -17.56
C ILE C 209 -21.44 16.50 -18.67
N TYR C 210 -22.59 17.08 -18.34
CA TYR C 210 -23.39 17.78 -19.33
C TYR C 210 -22.55 18.88 -20.00
N ASP C 211 -21.86 19.70 -19.20
CA ASP C 211 -21.11 20.83 -19.75
C ASP C 211 -19.94 20.37 -20.60
N ILE C 212 -19.33 19.24 -20.24
CA ILE C 212 -18.23 18.72 -21.04
C ILE C 212 -18.74 18.29 -22.42
N CYS C 213 -19.87 17.57 -22.45
CA CYS C 213 -20.43 17.11 -23.73
C CYS C 213 -20.82 18.29 -24.62
N ARG C 214 -21.19 19.42 -24.03
CA ARG C 214 -21.45 20.61 -24.83
C ARG C 214 -20.15 21.21 -25.36
N ARG C 215 -19.24 21.58 -24.45
CA ARG C 215 -18.07 22.37 -24.84
C ARG C 215 -17.06 21.55 -25.63
N ASN C 216 -16.82 20.31 -25.22
CA ASN C 216 -15.78 19.49 -25.84
C ASN C 216 -16.31 18.61 -26.97
N LEU C 217 -17.62 18.34 -27.02
CA LEU C 217 -18.18 17.45 -28.03
C LEU C 217 -19.19 18.11 -28.94
N ASP C 218 -19.51 19.39 -28.73
CA ASP C 218 -20.45 20.14 -29.57
C ASP C 218 -21.76 19.39 -29.75
N ILE C 219 -22.34 18.99 -28.63
CA ILE C 219 -23.64 18.35 -28.57
C ILE C 219 -24.58 19.32 -27.87
N GLU C 220 -25.58 19.82 -28.61
CA GLU C 220 -26.42 20.91 -28.12
C GLU C 220 -27.21 20.49 -26.88
N ARG C 221 -28.01 19.43 -27.01
CA ARG C 221 -28.80 18.87 -25.91
C ARG C 221 -28.31 17.46 -25.65
N PRO C 222 -27.28 17.28 -24.83
CA PRO C 222 -26.77 15.93 -24.57
C PRO C 222 -27.83 15.03 -23.93
N THR C 223 -27.92 13.80 -24.43
CA THR C 223 -28.81 12.80 -23.88
C THR C 223 -28.10 11.95 -22.84
N TYR C 224 -28.87 11.09 -22.17
CA TYR C 224 -28.29 10.19 -21.16
C TYR C 224 -27.25 9.26 -21.78
N THR C 225 -27.48 8.78 -23.01
CA THR C 225 -26.50 7.92 -23.65
C THR C 225 -25.20 8.68 -23.94
N ASN C 226 -25.28 9.98 -24.29
CA ASN C 226 -24.07 10.80 -24.35
C ASN C 226 -23.40 10.88 -22.99
N LEU C 227 -24.15 11.29 -21.97
CA LEU C 227 -23.59 11.39 -20.63
C LEU C 227 -23.03 10.05 -20.19
N ASN C 228 -23.77 8.97 -20.44
CA ASN C 228 -23.34 7.68 -19.91
C ASN C 228 -22.10 7.17 -20.63
N ARG C 229 -22.01 7.39 -21.94
CA ARG C 229 -20.82 6.94 -22.65
C ARG C 229 -19.57 7.66 -22.15
N LEU C 230 -19.64 8.97 -21.94
CA LEU C 230 -18.50 9.64 -21.32
C LEU C 230 -18.24 9.07 -19.94
N ILE C 231 -19.30 8.87 -19.16
CA ILE C 231 -19.14 8.32 -17.81
C ILE C 231 -18.52 6.93 -17.86
N SER C 232 -18.83 6.15 -18.89
CA SER C 232 -18.25 4.81 -19.01
C SER C 232 -16.75 4.87 -19.17
N GLN C 233 -16.26 5.86 -19.95
CA GLN C 233 -14.82 5.99 -20.15
C GLN C 233 -14.09 6.25 -18.84
N ILE C 234 -14.64 7.12 -18.00
CA ILE C 234 -14.03 7.36 -16.69
C ILE C 234 -14.02 6.08 -15.88
N VAL C 235 -15.17 5.40 -15.81
CA VAL C 235 -15.25 4.14 -15.07
C VAL C 235 -14.22 3.15 -15.59
N SER C 236 -14.07 3.09 -16.91
CA SER C 236 -13.17 2.09 -17.47
C SER C 236 -11.73 2.40 -17.10
N SER C 237 -11.34 3.68 -17.14
CA SER C 237 -10.00 4.05 -16.70
C SER C 237 -9.72 3.54 -15.30
N ILE C 238 -10.73 3.60 -14.43
CA ILE C 238 -10.53 3.19 -13.06
C ILE C 238 -10.35 1.68 -12.97
N THR C 239 -11.23 0.91 -13.63
CA THR C 239 -11.19 -0.54 -13.50
C THR C 239 -10.18 -1.21 -14.41
N ALA C 240 -9.60 -0.47 -15.37
CA ALA C 240 -8.66 -1.06 -16.31
C ALA C 240 -7.49 -1.70 -15.61
N SER C 241 -7.05 -1.11 -14.50
CA SER C 241 -5.95 -1.67 -13.74
C SER C 241 -6.31 -3.05 -13.21
N LEU C 242 -7.59 -3.27 -12.89
CA LEU C 242 -8.05 -4.55 -12.39
C LEU C 242 -8.41 -5.55 -13.48
N ARG C 243 -8.57 -5.10 -14.72
CA ARG C 243 -8.97 -6.00 -15.80
C ARG C 243 -7.88 -6.32 -16.80
N PHE C 244 -6.71 -5.68 -16.70
CA PHE C 244 -5.63 -5.89 -17.66
C PHE C 244 -4.30 -6.19 -16.97
N ASP C 245 -3.45 -6.91 -17.70
CA ASP C 245 -2.01 -7.04 -17.40
C ASP C 245 -1.35 -5.71 -17.72
N GLY C 246 -1.10 -4.89 -16.69
CA GLY C 246 -0.50 -3.59 -16.86
C GLY C 246 0.88 -3.50 -16.22
N ALA C 247 1.62 -2.47 -16.61
CA ALA C 247 2.91 -2.19 -16.01
C ALA C 247 2.75 -1.70 -14.57
N LEU C 248 1.98 -0.63 -14.38
CA LEU C 248 1.68 -0.10 -13.06
C LEU C 248 0.18 -0.28 -12.80
N ASN C 249 -0.16 -1.30 -12.03
CA ASN C 249 -1.53 -1.61 -11.68
C ASN C 249 -1.89 -0.99 -10.33
N VAL C 250 -3.18 -0.73 -10.14
CA VAL C 250 -3.69 -0.20 -8.88
C VAL C 250 -4.94 -1.02 -8.54
N ASP C 251 -4.89 -1.81 -7.46
CA ASP C 251 -6.04 -2.63 -7.10
C ASP C 251 -7.00 -1.85 -6.22
N LEU C 252 -8.12 -2.47 -5.84
CA LEU C 252 -9.12 -1.81 -5.01
C LEU C 252 -8.55 -1.40 -3.67
N THR C 253 -7.68 -2.22 -3.10
CA THR C 253 -7.06 -1.85 -1.84
C THR C 253 -6.21 -0.60 -1.99
N GLU C 254 -5.45 -0.52 -3.09
CA GLU C 254 -4.57 0.61 -3.29
C GLU C 254 -5.34 1.92 -3.50
N PHE C 255 -6.48 1.88 -4.20
CA PHE C 255 -7.32 3.08 -4.30
C PHE C 255 -7.67 3.62 -2.93
N GLN C 256 -8.22 2.76 -2.07
CA GLN C 256 -8.66 3.20 -0.75
C GLN C 256 -7.49 3.71 0.10
N THR C 257 -6.37 2.98 0.12
CA THR C 257 -5.27 3.41 0.96
C THR C 257 -4.73 4.76 0.54
N ASN C 258 -4.58 4.97 -0.76
CA ASN C 258 -3.90 6.16 -1.23
C ASN C 258 -4.79 7.39 -1.29
N LEU C 259 -6.12 7.20 -1.46
CA LEU C 259 -7.03 8.32 -1.63
C LEU C 259 -7.82 8.71 -0.38
N VAL C 260 -7.87 7.90 0.66
CA VAL C 260 -8.82 8.18 1.74
C VAL C 260 -8.08 8.40 3.06
N PRO C 261 -7.76 9.65 3.43
CA PRO C 261 -6.99 9.88 4.66
C PRO C 261 -7.79 9.70 5.93
N TYR C 262 -9.12 9.73 5.84
CA TYR C 262 -9.97 9.60 6.99
C TYR C 262 -11.23 8.89 6.52
N PRO C 263 -11.79 8.00 7.35
CA PRO C 263 -12.97 7.23 6.92
C PRO C 263 -14.04 8.07 6.24
N ARG C 264 -14.44 9.20 6.83
CA ARG C 264 -15.51 9.99 6.24
C ARG C 264 -15.06 10.74 4.99
N ILE C 265 -13.79 11.13 4.92
CA ILE C 265 -13.28 11.92 3.80
C ILE C 265 -12.94 11.00 2.64
N HIS C 266 -13.95 10.39 2.02
CA HIS C 266 -13.68 9.33 1.06
C HIS C 266 -14.33 9.60 -0.30
N PHE C 267 -14.39 10.87 -0.70
CA PHE C 267 -15.09 11.29 -1.90
C PHE C 267 -14.10 11.92 -2.88
N PRO C 268 -13.28 11.13 -3.55
CA PRO C 268 -12.27 11.71 -4.44
C PRO C 268 -12.92 12.39 -5.65
N LEU C 269 -12.15 13.28 -6.26
CA LEU C 269 -12.60 14.03 -7.42
C LEU C 269 -11.97 13.45 -8.68
N ALA C 270 -12.81 13.07 -9.66
CA ALA C 270 -12.34 12.54 -10.93
C ALA C 270 -12.20 13.62 -12.01
N THR C 271 -11.24 13.43 -12.90
CA THR C 271 -10.92 14.32 -13.99
C THR C 271 -10.41 13.47 -15.14
N TYR C 272 -10.89 13.72 -16.37
CA TYR C 272 -10.55 12.86 -17.49
C TYR C 272 -10.07 13.70 -18.67
N ALA C 273 -9.14 13.12 -19.44
CA ALA C 273 -8.54 13.79 -20.60
C ALA C 273 -7.78 12.82 -21.50
N PRO C 274 -7.78 13.06 -22.82
CA PRO C 274 -8.50 14.16 -23.46
C PRO C 274 -9.93 13.77 -23.85
N VAL C 275 -10.80 14.76 -23.96
CA VAL C 275 -12.18 14.55 -24.42
C VAL C 275 -12.31 15.29 -25.75
N ILE C 276 -12.29 14.54 -26.83
CA ILE C 276 -12.14 15.09 -28.17
C ILE C 276 -13.35 14.69 -29.00
N SER C 277 -13.90 15.64 -29.74
CA SER C 277 -15.01 15.34 -30.62
C SER C 277 -14.58 14.33 -31.70
N ALA C 278 -15.41 13.30 -31.91
CA ALA C 278 -15.09 12.30 -32.92
C ALA C 278 -15.17 12.87 -34.34
N GLU C 279 -15.83 14.01 -34.52
CA GLU C 279 -15.92 14.68 -35.81
C GLU C 279 -14.94 15.84 -35.94
N LYS C 280 -14.01 15.99 -35.00
CA LYS C 280 -12.99 17.02 -35.11
C LYS C 280 -12.02 16.67 -36.23
N ALA C 281 -11.54 17.70 -36.92
CA ALA C 281 -10.69 17.49 -38.09
C ALA C 281 -9.21 17.32 -37.74
N GLU C 284 -3.95 16.22 -34.21
CA GLU C 284 -2.76 16.18 -33.34
C GLU C 284 -2.99 15.40 -32.05
N GLN C 285 -2.24 14.30 -31.88
CA GLN C 285 -2.37 13.50 -30.66
C GLN C 285 -1.73 14.23 -29.48
N LEU C 286 -2.49 14.36 -28.40
CA LEU C 286 -2.04 15.16 -27.26
C LEU C 286 -0.95 14.44 -26.48
N SER C 287 0.04 15.21 -26.02
CA SER C 287 1.19 14.64 -25.34
C SER C 287 0.81 14.15 -23.94
N VAL C 288 1.70 13.35 -23.37
CA VAL C 288 1.52 12.94 -21.98
C VAL C 288 1.41 14.16 -21.07
N ALA C 289 2.18 15.21 -21.38
CA ALA C 289 2.13 16.42 -20.56
C ALA C 289 0.80 17.15 -20.74
N GLU C 290 0.40 17.41 -21.98
CA GLU C 290 -0.86 18.12 -22.24
C GLU C 290 -2.02 17.48 -21.49
N ILE C 291 -2.20 16.17 -21.65
CA ILE C 291 -3.32 15.53 -20.97
C ILE C 291 -3.13 15.56 -19.47
N THR C 292 -1.88 15.56 -18.99
CA THR C 292 -1.69 15.61 -17.55
C THR C 292 -2.09 16.96 -16.98
N ASN C 293 -1.70 18.04 -17.66
CA ASN C 293 -2.12 19.38 -17.27
C ASN C 293 -3.63 19.56 -17.37
N ALA C 294 -4.28 18.88 -18.32
CA ALA C 294 -5.72 19.02 -18.46
C ALA C 294 -6.46 18.54 -17.21
N CYS C 295 -5.85 17.60 -16.45
CA CYS C 295 -6.49 17.05 -15.25
C CYS C 295 -6.63 18.07 -14.13
N PHE C 296 -5.81 19.11 -14.13
CA PHE C 296 -5.88 20.16 -13.13
C PHE C 296 -6.60 21.42 -13.60
N GLU C 297 -7.13 21.41 -14.83
CA GLU C 297 -8.04 22.47 -15.28
C GLU C 297 -9.46 22.18 -14.80
N PRO C 298 -10.20 23.16 -14.30
CA PRO C 298 -11.54 22.85 -13.78
C PRO C 298 -12.57 22.47 -14.85
N ALA C 299 -12.32 22.76 -16.13
CA ALA C 299 -13.28 22.37 -17.15
C ALA C 299 -13.42 20.85 -17.28
N ASN C 300 -12.36 20.09 -17.02
CA ASN C 300 -12.45 18.65 -17.19
C ASN C 300 -12.80 17.91 -15.90
N GLN C 301 -13.24 18.62 -14.85
CA GLN C 301 -13.64 17.94 -13.62
C GLN C 301 -15.03 17.33 -13.74
N MET C 302 -15.19 16.14 -13.16
CA MET C 302 -16.49 15.48 -13.09
C MET C 302 -17.40 16.04 -11.99
N VAL C 303 -16.90 16.91 -11.13
CA VAL C 303 -17.72 17.61 -10.14
C VAL C 303 -17.37 19.09 -10.23
N LYS C 304 -18.38 19.93 -10.41
CA LYS C 304 -18.14 21.37 -10.42
C LYS C 304 -17.69 21.82 -9.03
N CYS C 305 -16.44 22.26 -8.95
CA CYS C 305 -15.84 22.83 -7.76
C CYS C 305 -14.52 23.48 -8.17
N ASP C 306 -13.89 24.19 -7.25
CA ASP C 306 -12.70 24.97 -7.58
C ASP C 306 -11.48 24.53 -6.77
N PRO C 307 -10.74 23.53 -7.26
CA PRO C 307 -9.60 22.99 -6.48
C PRO C 307 -8.52 23.99 -6.23
N ARG C 308 -8.39 25.02 -7.07
CA ARG C 308 -7.38 26.04 -6.81
C ARG C 308 -7.69 26.81 -5.54
N HIS C 309 -8.95 26.79 -5.10
CA HIS C 309 -9.32 27.34 -3.82
C HIS C 309 -9.54 26.26 -2.79
N GLY C 310 -8.91 25.11 -2.98
CA GLY C 310 -8.84 24.07 -1.97
C GLY C 310 -7.43 23.50 -1.88
N LYS C 311 -7.30 22.46 -1.08
CA LYS C 311 -6.02 21.79 -0.87
C LYS C 311 -6.14 20.33 -1.24
N TYR C 312 -5.19 19.84 -2.03
CA TYR C 312 -5.12 18.43 -2.37
C TYR C 312 -4.57 17.62 -1.19
N MET C 313 -5.17 16.45 -0.95
CA MET C 313 -4.65 15.50 0.03
C MET C 313 -4.10 14.22 -0.59
N ALA C 314 -4.29 14.00 -1.89
CA ALA C 314 -3.80 12.83 -2.60
C ALA C 314 -4.22 12.89 -4.06
N CYS C 315 -3.32 12.49 -4.96
CA CYS C 315 -3.61 12.48 -6.40
C CYS C 315 -3.21 11.15 -6.99
N CYS C 316 -4.16 10.48 -7.62
CA CYS C 316 -3.93 9.20 -8.25
C CYS C 316 -4.15 9.36 -9.75
N LEU C 317 -3.12 9.10 -10.54
CA LEU C 317 -3.12 9.36 -11.98
C LEU C 317 -3.07 8.05 -12.75
N LEU C 318 -4.14 7.75 -13.46
CA LEU C 318 -4.35 6.47 -14.15
C LEU C 318 -4.19 6.68 -15.65
N TYR C 319 -3.01 6.33 -16.19
CA TYR C 319 -2.73 6.50 -17.61
C TYR C 319 -3.03 5.24 -18.37
N ARG C 320 -3.56 5.39 -19.58
CA ARG C 320 -3.73 4.25 -20.46
C ARG C 320 -3.34 4.61 -21.87
N GLY C 321 -2.80 3.62 -22.58
CA GLY C 321 -2.40 3.78 -23.95
C GLY C 321 -0.90 3.90 -24.14
N ASP C 322 -0.51 4.71 -25.09
CA ASP C 322 0.90 4.94 -25.43
C ASP C 322 1.46 5.99 -24.47
N VAL C 323 1.89 5.51 -23.30
CA VAL C 323 2.40 6.38 -22.24
C VAL C 323 3.63 5.72 -21.64
N VAL C 324 4.77 6.42 -21.70
CA VAL C 324 6.03 5.89 -21.16
C VAL C 324 6.30 6.49 -19.78
N PRO C 325 6.88 5.72 -18.85
CA PRO C 325 7.09 6.25 -17.48
C PRO C 325 7.94 7.49 -17.40
N LYS C 326 9.02 7.60 -18.19
CA LYS C 326 9.79 8.84 -18.21
C LYS C 326 8.90 10.04 -18.50
N ASP C 327 7.83 9.86 -19.30
CA ASP C 327 6.99 11.00 -19.68
C ASP C 327 6.03 11.39 -18.57
N VAL C 328 5.49 10.40 -17.85
CA VAL C 328 4.72 10.68 -16.65
C VAL C 328 5.57 11.43 -15.63
N ASN C 329 6.78 10.89 -15.34
CA ASN C 329 7.62 11.51 -14.32
C ASN C 329 7.92 12.96 -14.65
N ALA C 330 8.24 13.25 -15.92
CA ALA C 330 8.46 14.63 -16.34
C ALA C 330 7.19 15.46 -16.22
N ALA C 331 6.04 14.89 -16.61
CA ALA C 331 4.77 15.61 -16.50
C ALA C 331 4.45 15.94 -15.04
N ILE C 332 4.56 14.95 -14.14
CA ILE C 332 4.21 15.14 -12.74
C ILE C 332 5.18 16.08 -12.03
N ALA C 333 6.45 16.07 -12.42
CA ALA C 333 7.41 16.99 -11.82
C ALA C 333 7.02 18.45 -12.10
N THR C 334 6.52 18.73 -13.32
CA THR C 334 6.00 20.06 -13.60
C THR C 334 4.86 20.41 -12.66
N ILE C 335 3.91 19.48 -12.46
CA ILE C 335 2.78 19.70 -11.56
C ILE C 335 3.25 20.02 -10.15
N LYS C 336 4.29 19.32 -9.69
CA LYS C 336 4.76 19.58 -8.33
C LYS C 336 5.39 20.96 -8.18
N THR C 337 5.53 21.74 -9.26
CA THR C 337 6.05 23.10 -9.20
C THR C 337 5.01 24.19 -9.43
N LYS C 338 3.74 23.86 -9.62
CA LYS C 338 2.70 24.87 -9.79
C LYS C 338 2.16 25.28 -8.41
N ARG C 339 2.33 26.56 -8.08
CA ARG C 339 1.90 27.06 -6.77
C ARG C 339 0.38 27.06 -6.64
N SER C 340 -0.34 27.20 -7.76
CA SER C 340 -1.79 27.08 -7.73
C SER C 340 -2.26 25.68 -7.33
N ILE C 341 -1.36 24.69 -7.31
CA ILE C 341 -1.69 23.34 -6.89
C ILE C 341 -1.10 23.14 -5.51
N GLN C 342 -1.93 23.31 -4.48
CA GLN C 342 -1.49 23.32 -3.10
C GLN C 342 -1.87 22.02 -2.41
N PHE C 343 -0.87 21.35 -1.82
CA PHE C 343 -1.07 20.15 -1.02
C PHE C 343 -1.06 20.49 0.47
N VAL C 344 -1.82 19.72 1.25
CA VAL C 344 -1.86 19.93 2.70
C VAL C 344 -0.48 19.73 3.33
N ASP C 345 -0.30 20.30 4.52
CA ASP C 345 0.97 20.19 5.23
C ASP C 345 1.28 18.77 5.66
N TRP C 346 0.25 17.98 5.98
CA TRP C 346 0.48 16.65 6.51
C TRP C 346 0.60 15.60 5.41
N CYS C 347 0.82 16.00 4.16
CA CYS C 347 0.97 15.06 3.04
C CYS C 347 2.32 15.27 2.36
N PRO C 348 3.39 14.69 2.91
CA PRO C 348 4.70 14.79 2.26
C PRO C 348 4.72 14.32 0.81
N THR C 349 4.03 13.24 0.48
CA THR C 349 4.02 12.74 -0.89
C THR C 349 2.60 12.37 -1.26
N GLY C 350 2.09 12.97 -2.33
CA GLY C 350 0.68 12.84 -2.65
C GLY C 350 0.37 12.23 -4.01
N PHE C 351 1.37 11.71 -4.72
CA PHE C 351 1.17 11.20 -6.06
C PHE C 351 1.30 9.68 -6.13
N LYS C 352 0.30 9.04 -6.77
CA LYS C 352 0.37 7.63 -7.15
C LYS C 352 0.02 7.53 -8.63
N VAL C 353 0.81 6.74 -9.36
CA VAL C 353 0.71 6.66 -10.81
C VAL C 353 0.53 5.22 -11.23
N GLY C 354 -0.42 4.98 -12.13
CA GLY C 354 -0.55 3.69 -12.79
C GLY C 354 -0.63 3.89 -14.29
N ILE C 355 -0.16 2.88 -15.02
CA ILE C 355 -0.08 2.91 -16.48
C ILE C 355 -0.53 1.57 -17.02
N ASN C 356 -1.69 1.54 -17.67
CA ASN C 356 -2.10 0.38 -18.45
C ASN C 356 -1.89 0.69 -19.92
N TYR C 357 -1.44 -0.31 -20.68
CA TYR C 357 -0.93 0.01 -22.00
C TYR C 357 -1.95 -0.13 -23.12
N GLN C 358 -3.05 -0.84 -22.90
CA GLN C 358 -4.04 -0.94 -23.98
C GLN C 358 -4.77 0.38 -24.14
N PRO C 359 -4.77 0.98 -25.32
CA PRO C 359 -5.33 2.32 -25.48
C PRO C 359 -6.79 2.34 -25.09
N PRO C 360 -7.38 3.52 -24.94
CA PRO C 360 -8.80 3.58 -24.66
C PRO C 360 -9.62 3.08 -25.85
N THR C 361 -10.80 2.58 -25.57
CA THR C 361 -11.69 2.01 -26.56
C THR C 361 -12.92 2.90 -26.63
N VAL C 362 -13.45 3.07 -27.84
CA VAL C 362 -14.61 3.92 -28.04
C VAL C 362 -15.69 3.14 -28.75
N VAL C 363 -16.93 3.35 -28.33
CA VAL C 363 -18.06 2.70 -28.94
C VAL C 363 -18.23 3.25 -30.34
N PRO C 364 -18.13 2.43 -31.39
CA PRO C 364 -18.36 2.93 -32.75
C PRO C 364 -19.75 3.52 -32.89
N GLY C 365 -19.81 4.64 -33.61
CA GLY C 365 -21.02 5.43 -33.65
C GLY C 365 -21.26 6.26 -32.41
N GLY C 366 -20.26 6.41 -31.56
CA GLY C 366 -20.33 7.35 -30.46
C GLY C 366 -19.72 8.68 -30.84
N ASP C 367 -19.66 9.57 -29.87
CA ASP C 367 -19.21 10.94 -30.10
C ASP C 367 -17.77 11.17 -29.68
N LEU C 368 -17.19 10.31 -28.84
CA LEU C 368 -15.81 10.46 -28.39
C LEU C 368 -14.84 9.89 -29.41
N ALA C 369 -13.76 10.63 -29.67
CA ALA C 369 -12.78 10.22 -30.67
C ALA C 369 -11.81 9.20 -30.11
N LYS C 370 -11.29 8.35 -30.98
CA LYS C 370 -10.26 7.39 -30.59
C LYS C 370 -8.96 8.15 -30.35
N VAL C 371 -8.29 7.86 -29.23
CA VAL C 371 -7.07 8.55 -28.88
C VAL C 371 -6.00 7.53 -28.53
N GLN C 372 -4.74 7.89 -28.81
CA GLN C 372 -3.64 6.98 -28.57
C GLN C 372 -3.21 6.93 -27.11
N ARG C 373 -3.60 7.92 -26.32
CA ARG C 373 -3.28 7.92 -24.90
C ARG C 373 -4.29 8.79 -24.17
N ALA C 374 -4.58 8.39 -22.93
CA ALA C 374 -5.55 9.10 -22.09
C ALA C 374 -5.12 8.95 -20.63
N VAL C 375 -5.68 9.79 -19.79
CA VAL C 375 -5.38 9.76 -18.36
C VAL C 375 -6.65 10.13 -17.61
N CYS C 376 -6.88 9.43 -16.50
CA CYS C 376 -7.91 9.79 -15.54
C CYS C 376 -7.24 10.08 -14.22
N MET C 377 -7.43 11.29 -13.69
CA MET C 377 -6.93 11.61 -12.37
C MET C 377 -8.05 11.45 -11.34
N LEU C 378 -7.69 10.90 -10.20
CA LEU C 378 -8.54 10.87 -9.03
C LEU C 378 -7.80 11.65 -7.95
N SER C 379 -8.40 12.74 -7.51
CA SER C 379 -7.79 13.60 -6.51
C SER C 379 -8.73 13.72 -5.34
N ASN C 380 -8.19 13.70 -4.12
CA ASN C 380 -8.95 14.01 -2.93
C ASN C 380 -8.61 15.45 -2.54
N THR C 381 -9.51 16.36 -2.90
CA THR C 381 -9.36 17.78 -2.61
C THR C 381 -10.44 18.22 -1.63
N THR C 382 -10.08 19.14 -0.76
CA THR C 382 -11.07 19.77 0.10
C THR C 382 -12.12 20.54 -0.69
N ALA C 383 -11.85 20.83 -1.97
CA ALA C 383 -12.78 21.62 -2.76
C ALA C 383 -14.07 20.89 -3.07
N ILE C 384 -14.08 19.56 -2.94
CA ILE C 384 -15.30 18.80 -3.17
C ILE C 384 -16.38 19.22 -2.19
N ALA C 385 -15.99 19.78 -1.04
CA ALA C 385 -16.98 20.25 -0.07
C ALA C 385 -17.96 21.22 -0.71
N GLU C 386 -17.51 21.96 -1.72
CA GLU C 386 -18.39 22.93 -2.36
C GLU C 386 -19.62 22.23 -2.92
N ALA C 387 -19.46 21.02 -3.45
CA ALA C 387 -20.61 20.26 -3.93
C ALA C 387 -21.50 19.82 -2.77
N TRP C 388 -20.93 19.52 -1.61
CA TRP C 388 -21.80 19.18 -0.47
C TRP C 388 -22.56 20.40 0.03
N ALA C 389 -21.92 21.57 0.01
CA ALA C 389 -22.58 22.80 0.41
C ALA C 389 -23.75 23.13 -0.52
N ARG C 390 -23.58 22.92 -1.82
CA ARG C 390 -24.66 23.18 -2.76
C ARG C 390 -25.88 22.31 -2.44
N LEU C 391 -25.66 21.04 -2.07
CA LEU C 391 -26.79 20.19 -1.75
C LEU C 391 -27.42 20.59 -0.44
N ASP C 392 -26.60 20.85 0.58
CA ASP C 392 -27.18 21.20 1.87
C ASP C 392 -28.04 22.44 1.79
N HIS C 393 -27.64 23.40 0.96
CA HIS C 393 -28.43 24.62 0.88
C HIS C 393 -29.80 24.34 0.27
N LYS C 394 -29.88 23.53 -0.79
CA LYS C 394 -31.18 23.18 -1.34
C LYS C 394 -32.01 22.40 -0.32
N PHE C 395 -31.37 21.48 0.42
CA PHE C 395 -32.05 20.77 1.50
C PHE C 395 -32.60 21.75 2.54
N ASP C 396 -31.82 22.75 2.91
CA ASP C 396 -32.26 23.67 3.96
C ASP C 396 -33.40 24.57 3.48
N LEU C 397 -33.39 24.93 2.20
CA LEU C 397 -34.45 25.76 1.67
C LEU C 397 -35.80 25.08 1.90
N MET C 398 -35.93 23.82 1.47
CA MET C 398 -37.20 23.14 1.60
C MET C 398 -37.45 22.70 3.04
N TYR C 399 -36.40 22.23 3.74
CA TYR C 399 -36.65 21.57 5.03
C TYR C 399 -37.07 22.58 6.10
N ALA C 400 -36.69 23.84 5.95
CA ALA C 400 -37.16 24.86 6.85
C ALA C 400 -38.68 24.96 6.85
N LYS C 401 -39.32 24.72 5.71
CA LYS C 401 -40.78 24.72 5.65
C LYS C 401 -41.36 23.31 5.71
N ARG C 402 -40.52 22.31 5.97
CA ARG C 402 -40.91 20.90 5.96
C ARG C 402 -41.62 20.50 4.67
N ALA C 403 -41.25 21.16 3.56
CA ALA C 403 -41.84 20.85 2.27
C ALA C 403 -41.54 19.41 1.87
N PHE C 404 -42.58 18.70 1.42
CA PHE C 404 -42.56 17.32 0.93
C PHE C 404 -42.24 16.29 2.02
N VAL C 405 -41.95 16.72 3.25
CA VAL C 405 -41.51 15.74 4.23
C VAL C 405 -42.61 14.72 4.51
N HIS C 406 -43.87 15.11 4.31
CA HIS C 406 -45.00 14.26 4.65
C HIS C 406 -45.01 12.97 3.84
N TRP C 407 -44.54 13.02 2.59
CA TRP C 407 -44.44 11.80 1.80
C TRP C 407 -43.44 10.81 2.40
N TYR C 408 -42.39 11.31 3.08
CA TYR C 408 -41.42 10.42 3.71
C TYR C 408 -41.94 9.90 5.05
N VAL C 409 -42.62 10.75 5.82
CA VAL C 409 -43.22 10.32 7.06
C VAL C 409 -44.34 9.30 6.80
N GLY C 410 -45.10 9.50 5.71
CA GLY C 410 -46.16 8.55 5.38
C GLY C 410 -45.63 7.16 5.12
N GLU C 411 -44.40 7.04 4.65
CA GLU C 411 -43.79 5.74 4.46
C GLU C 411 -43.08 5.23 5.71
N GLY C 412 -43.32 5.85 6.86
CA GLY C 412 -42.81 5.34 8.13
C GLY C 412 -41.54 5.98 8.62
N MET C 413 -40.86 6.78 7.81
CA MET C 413 -39.75 7.57 8.32
C MET C 413 -40.23 8.54 9.38
N GLU C 414 -39.29 9.05 10.17
CA GLU C 414 -39.56 10.06 11.17
C GLU C 414 -38.75 11.32 10.87
N GLU C 415 -39.29 12.48 11.27
CA GLU C 415 -38.60 13.73 11.02
C GLU C 415 -37.19 13.70 11.57
N GLY C 416 -37.01 13.09 12.75
CA GLY C 416 -35.68 13.00 13.34
C GLY C 416 -34.64 12.45 12.39
N GLU C 417 -35.03 11.62 11.43
CA GLU C 417 -34.05 11.09 10.50
C GLU C 417 -33.53 12.17 9.57
N PHE C 418 -34.35 13.19 9.30
CA PHE C 418 -33.93 14.29 8.43
C PHE C 418 -32.89 15.18 9.09
N SER C 419 -33.16 15.66 10.30
CA SER C 419 -32.21 16.55 10.94
C SER C 419 -30.96 15.81 11.39
N GLU C 420 -31.09 14.53 11.76
CA GLU C 420 -29.92 13.72 12.05
C GLU C 420 -29.05 13.51 10.81
N ALA C 421 -29.67 13.38 9.62
CA ALA C 421 -28.88 13.31 8.39
C ALA C 421 -28.30 14.67 8.01
N ARG C 422 -29.03 15.75 8.28
CA ARG C 422 -28.51 17.08 7.97
C ARG C 422 -27.38 17.48 8.93
N GLU C 423 -27.43 17.00 10.17
CA GLU C 423 -26.34 17.23 11.10
C GLU C 423 -25.09 16.46 10.70
N ASP C 424 -25.26 15.26 10.14
CA ASP C 424 -24.11 14.50 9.69
C ASP C 424 -23.42 15.21 8.52
N MET C 425 -24.20 15.92 7.68
CA MET C 425 -23.59 16.67 6.59
C MET C 425 -22.99 17.97 7.08
N ALA C 426 -23.58 18.57 8.12
CA ALA C 426 -22.91 19.68 8.77
C ALA C 426 -21.53 19.25 9.24
N ALA C 427 -21.47 18.18 10.04
CA ALA C 427 -20.18 17.66 10.52
C ALA C 427 -19.25 17.33 9.37
N LEU C 428 -19.79 16.71 8.31
CA LEU C 428 -18.95 16.41 7.15
C LEU C 428 -18.37 17.68 6.57
N GLU C 429 -19.16 18.73 6.46
CA GLU C 429 -18.63 19.98 5.95
C GLU C 429 -17.56 20.54 6.88
N LYS C 430 -17.75 20.38 8.19
CA LYS C 430 -16.76 20.88 9.14
C LYS C 430 -15.52 20.02 9.15
N ASP C 431 -15.64 18.75 8.75
CA ASP C 431 -14.46 17.91 8.60
C ASP C 431 -13.57 18.39 7.47
N TYR C 432 -14.16 18.74 6.31
CA TYR C 432 -13.37 19.24 5.20
C TYR C 432 -12.68 20.55 5.56
N GLU C 433 -13.32 21.38 6.39
CA GLU C 433 -12.61 22.54 6.89
C GLU C 433 -11.41 22.13 7.73
N GLU C 434 -11.63 21.22 8.69
CA GLU C 434 -10.58 20.91 9.65
C GLU C 434 -9.36 20.30 8.96
N VAL C 435 -9.57 19.38 8.01
CA VAL C 435 -8.42 18.70 7.42
C VAL C 435 -7.60 19.63 6.55
N GLY C 436 -8.17 20.77 6.15
CA GLY C 436 -7.47 21.75 5.34
C GLY C 436 -6.65 22.77 6.10
N VAL C 437 -6.77 22.83 7.42
CA VAL C 437 -5.95 23.73 8.23
C VAL C 437 -4.52 23.22 8.21
N ASP C 438 -3.60 23.98 8.79
CA ASP C 438 -2.19 23.61 8.90
C ASP C 438 -1.83 23.14 10.31
N MET D 1 -46.86 0.52 -11.44
CA MET D 1 -47.87 1.57 -11.69
C MET D 1 -48.29 1.52 -13.14
N ARG D 2 -49.51 1.02 -13.38
CA ARG D 2 -50.01 0.99 -14.75
C ARG D 2 -51.48 1.37 -14.77
N GLU D 3 -52.33 0.50 -14.25
CA GLU D 3 -53.76 0.64 -14.48
C GLU D 3 -54.34 1.76 -13.64
N ILE D 4 -55.07 2.66 -14.28
CA ILE D 4 -55.92 3.63 -13.63
C ILE D 4 -57.37 3.16 -13.72
N VAL D 5 -58.15 3.40 -12.67
CA VAL D 5 -59.57 3.09 -12.65
C VAL D 5 -60.33 4.42 -12.64
N HIS D 6 -61.17 4.62 -13.67
CA HIS D 6 -61.87 5.88 -13.91
C HIS D 6 -63.29 5.77 -13.39
N ILE D 7 -63.71 6.78 -12.65
CA ILE D 7 -65.08 6.84 -12.14
C ILE D 7 -65.66 8.18 -12.49
N GLN D 8 -66.87 8.19 -13.05
CA GLN D 8 -67.57 9.44 -13.32
C GLN D 8 -68.95 9.41 -12.66
N ALA D 9 -69.26 10.44 -11.87
CA ALA D 9 -70.53 10.50 -11.13
C ALA D 9 -71.31 11.76 -11.43
N GLY D 10 -72.64 11.61 -11.47
CA GLY D 10 -73.53 12.75 -11.67
C GLY D 10 -73.54 13.21 -13.12
N GLN D 11 -74.38 14.22 -13.38
CA GLN D 11 -74.53 14.74 -14.75
C GLN D 11 -73.22 15.29 -15.26
N CYS D 12 -72.65 16.26 -14.56
CA CYS D 12 -71.40 16.87 -15.01
C CYS D 12 -70.29 15.83 -15.13
N GLY D 13 -70.13 14.98 -14.12
CA GLY D 13 -69.08 13.98 -14.17
C GLY D 13 -69.22 13.03 -15.35
N ASN D 14 -70.46 12.61 -15.65
CA ASN D 14 -70.61 11.71 -16.78
C ASN D 14 -70.45 12.45 -18.09
N GLN D 15 -70.79 13.72 -18.11
CA GLN D 15 -70.70 14.48 -19.35
C GLN D 15 -69.25 14.75 -19.71
N ILE D 16 -68.44 15.18 -18.73
CA ILE D 16 -67.06 15.43 -19.07
C ILE D 16 -66.27 14.12 -19.14
N GLY D 17 -66.71 13.09 -18.42
CA GLY D 17 -66.09 11.78 -18.56
C GLY D 17 -66.27 11.19 -19.95
N ALA D 18 -67.51 11.21 -20.46
CA ALA D 18 -67.73 10.81 -21.85
C ALA D 18 -66.78 11.54 -22.78
N LYS D 19 -66.73 12.88 -22.69
CA LYS D 19 -65.87 13.64 -23.59
C LYS D 19 -64.42 13.22 -23.45
N PHE D 20 -63.96 13.07 -22.20
CA PHE D 20 -62.63 12.55 -21.94
C PHE D 20 -62.38 11.26 -22.71
N TRP D 21 -63.34 10.32 -22.65
CA TRP D 21 -63.16 9.03 -23.30
C TRP D 21 -63.23 9.14 -24.82
N GLU D 22 -64.07 10.01 -25.37
CA GLU D 22 -64.04 10.24 -26.81
C GLU D 22 -62.67 10.77 -27.23
N VAL D 23 -62.15 11.75 -26.48
CA VAL D 23 -60.95 12.45 -26.92
C VAL D 23 -59.73 11.54 -26.86
N ILE D 24 -59.51 10.83 -25.75
CA ILE D 24 -58.31 10.00 -25.74
C ILE D 24 -58.50 8.78 -26.64
N SER D 25 -59.74 8.34 -26.85
CA SER D 25 -59.93 7.24 -27.78
C SER D 25 -59.47 7.62 -29.17
N ASP D 26 -59.78 8.83 -29.61
CA ASP D 26 -59.29 9.24 -30.92
C ASP D 26 -57.78 9.44 -30.92
N GLU D 27 -57.18 9.85 -29.81
CA GLU D 27 -55.72 9.94 -29.77
C GLU D 27 -55.09 8.56 -29.85
N HIS D 28 -55.75 7.54 -29.29
CA HIS D 28 -55.19 6.20 -29.22
C HIS D 28 -55.68 5.27 -30.33
N GLY D 29 -56.43 5.78 -31.30
CA GLY D 29 -56.83 4.94 -32.41
C GLY D 29 -57.91 3.93 -32.08
N ILE D 30 -58.69 4.18 -31.02
CA ILE D 30 -59.81 3.32 -30.65
C ILE D 30 -61.11 3.98 -31.13
N ASP D 31 -61.94 3.23 -31.84
CA ASP D 31 -63.21 3.72 -32.34
C ASP D 31 -64.34 3.28 -31.40
N PRO D 32 -65.58 3.73 -31.64
CA PRO D 32 -66.68 3.36 -30.72
C PRO D 32 -66.88 1.85 -30.55
N THR D 33 -66.35 1.03 -31.46
CA THR D 33 -66.48 -0.41 -31.29
C THR D 33 -65.43 -0.98 -30.34
N GLY D 34 -64.48 -0.17 -29.89
CA GLY D 34 -63.40 -0.68 -29.08
C GLY D 34 -62.29 -1.34 -29.87
N SER D 35 -62.31 -1.25 -31.19
CA SER D 35 -61.23 -1.82 -32.01
C SER D 35 -60.19 -0.76 -32.33
N TYR D 36 -58.93 -1.17 -32.38
CA TYR D 36 -57.85 -0.23 -32.65
C TYR D 36 -57.71 -0.05 -34.16
N HIS D 37 -57.60 1.20 -34.59
CA HIS D 37 -57.51 1.51 -36.02
C HIS D 37 -56.37 2.48 -36.31
N GLY D 38 -55.43 2.64 -35.36
CA GLY D 38 -54.38 3.63 -35.48
C GLY D 38 -53.19 3.14 -36.30
N ASP D 39 -52.20 4.03 -36.40
CA ASP D 39 -51.07 3.84 -37.31
C ASP D 39 -49.73 3.83 -36.59
N SER D 40 -49.72 3.96 -35.27
CA SER D 40 -48.49 4.10 -34.51
C SER D 40 -48.51 3.18 -33.31
N ASP D 41 -47.42 2.43 -33.12
CA ASP D 41 -47.27 1.59 -31.94
C ASP D 41 -47.33 2.41 -30.66
N LEU D 42 -46.85 3.66 -30.70
CA LEU D 42 -46.91 4.54 -29.52
C LEU D 42 -48.32 4.66 -28.96
N GLN D 43 -49.35 4.55 -29.80
CA GLN D 43 -50.72 4.65 -29.32
C GLN D 43 -51.08 3.51 -28.39
N LEU D 44 -50.41 2.37 -28.51
CA LEU D 44 -50.77 1.16 -27.78
C LEU D 44 -49.81 0.83 -26.64
N GLU D 45 -48.61 1.40 -26.63
CA GLU D 45 -47.58 0.93 -25.69
C GLU D 45 -48.06 1.03 -24.24
N ARG D 46 -48.65 2.14 -23.85
CA ARG D 46 -49.17 2.26 -22.49
C ARG D 46 -50.70 2.26 -22.46
N ILE D 47 -51.33 1.68 -23.48
CA ILE D 47 -52.78 1.73 -23.56
C ILE D 47 -53.46 1.05 -22.37
N ASN D 48 -52.79 0.15 -21.66
CA ASN D 48 -53.46 -0.54 -20.55
C ASN D 48 -53.67 0.36 -19.33
N VAL D 49 -53.07 1.56 -19.29
CA VAL D 49 -53.29 2.49 -18.19
C VAL D 49 -54.77 2.84 -18.07
N TYR D 50 -55.47 2.97 -19.21
CA TYR D 50 -56.90 3.33 -19.18
C TYR D 50 -57.82 2.27 -19.79
N TYR D 51 -57.29 1.24 -20.46
CA TYR D 51 -58.14 0.29 -21.19
C TYR D 51 -57.79 -1.14 -20.81
N ASN D 52 -58.81 -1.92 -20.45
CA ASN D 52 -58.68 -3.37 -20.40
C ASN D 52 -58.70 -3.94 -21.81
N GLU D 53 -57.98 -5.04 -22.01
CA GLU D 53 -58.00 -5.73 -23.29
C GLU D 53 -59.13 -6.74 -23.25
N ALA D 54 -60.14 -6.54 -24.08
CA ALA D 54 -61.25 -7.47 -24.16
C ALA D 54 -60.94 -8.55 -25.18
N THR D 55 -61.53 -9.71 -24.99
CA THR D 55 -61.48 -10.75 -25.99
C THR D 55 -62.04 -10.22 -27.31
N GLY D 56 -61.41 -10.59 -28.41
CA GLY D 56 -61.75 -10.07 -29.71
C GLY D 56 -60.88 -8.91 -30.17
N ASN D 57 -59.68 -8.76 -29.62
CA ASN D 57 -58.77 -7.67 -29.96
C ASN D 57 -59.43 -6.31 -29.77
N LYS D 58 -60.27 -6.20 -28.74
CA LYS D 58 -60.97 -4.96 -28.44
C LYS D 58 -60.44 -4.32 -27.17
N TYR D 59 -60.84 -3.08 -26.94
CA TYR D 59 -60.37 -2.27 -25.83
C TYR D 59 -61.57 -1.63 -25.15
N VAL D 60 -61.73 -1.91 -23.87
CA VAL D 60 -62.85 -1.44 -23.08
C VAL D 60 -62.32 -0.42 -22.06
N PRO D 61 -62.77 0.83 -22.10
CA PRO D 61 -62.35 1.78 -21.06
C PRO D 61 -62.55 1.21 -19.67
N ARG D 62 -61.51 1.33 -18.84
CA ARG D 62 -61.60 0.92 -17.45
C ARG D 62 -62.33 2.02 -16.68
N ALA D 63 -63.64 2.07 -16.91
CA ALA D 63 -64.46 3.22 -16.58
C ALA D 63 -65.75 2.74 -15.91
N ILE D 64 -66.11 3.39 -14.82
CA ILE D 64 -67.30 3.06 -14.04
C ILE D 64 -68.21 4.29 -14.00
N LEU D 65 -69.47 4.10 -14.40
CA LEU D 65 -70.39 5.21 -14.66
C LEU D 65 -71.52 5.17 -13.63
N VAL D 66 -71.67 6.26 -12.88
CA VAL D 66 -72.50 6.32 -11.69
C VAL D 66 -73.35 7.57 -11.73
N ASP D 67 -74.64 7.42 -11.38
CA ASP D 67 -75.53 8.56 -11.16
C ASP D 67 -76.81 8.09 -10.47
N LEU D 68 -77.27 8.88 -9.49
CA LEU D 68 -78.54 8.61 -8.85
C LEU D 68 -79.70 8.85 -9.81
N GLU D 69 -79.54 9.77 -10.75
CA GLU D 69 -80.56 10.02 -11.77
C GLU D 69 -80.36 9.03 -12.91
N PRO D 70 -81.38 8.26 -13.29
CA PRO D 70 -81.20 7.30 -14.38
C PRO D 70 -80.95 7.95 -15.72
N GLY D 71 -81.48 9.16 -15.95
CA GLY D 71 -81.47 9.72 -17.29
C GLY D 71 -80.10 9.86 -17.90
N THR D 72 -79.07 10.13 -17.09
CA THR D 72 -77.76 10.40 -17.68
C THR D 72 -77.09 9.13 -18.20
N MET D 73 -77.48 7.96 -17.72
CA MET D 73 -76.99 6.71 -18.31
C MET D 73 -77.49 6.56 -19.74
N ASP D 74 -78.77 6.86 -19.97
CA ASP D 74 -79.31 6.76 -21.32
C ASP D 74 -78.65 7.80 -22.23
N SER D 75 -78.38 8.99 -21.71
CA SER D 75 -77.75 10.02 -22.52
C SER D 75 -76.37 9.59 -23.00
N VAL D 76 -75.61 8.89 -22.15
CA VAL D 76 -74.26 8.46 -22.51
C VAL D 76 -74.29 7.36 -23.57
N ARG D 77 -75.08 6.30 -23.32
CA ARG D 77 -75.20 5.24 -24.32
C ARG D 77 -75.60 5.77 -25.68
N SER D 78 -76.41 6.84 -25.72
CA SER D 78 -76.78 7.44 -26.99
C SER D 78 -75.60 8.19 -27.62
N GLY D 79 -74.82 8.88 -26.79
CA GLY D 79 -73.73 9.69 -27.26
C GLY D 79 -72.72 8.89 -28.05
N PRO D 80 -71.87 9.58 -28.80
CA PRO D 80 -70.80 8.87 -29.49
C PRO D 80 -69.90 8.20 -28.45
N PHE D 81 -69.54 6.95 -28.76
CA PHE D 81 -68.78 6.07 -27.87
C PHE D 81 -69.62 5.50 -26.73
N GLY D 82 -70.94 5.69 -26.75
CA GLY D 82 -71.77 5.05 -25.75
C GLY D 82 -71.65 3.53 -25.79
N GLN D 83 -71.32 2.98 -26.95
CA GLN D 83 -71.17 1.54 -27.09
C GLN D 83 -69.77 1.04 -26.74
N ILE D 84 -68.87 1.90 -26.30
CA ILE D 84 -67.53 1.42 -25.96
C ILE D 84 -67.48 0.88 -24.54
N PHE D 85 -68.34 1.40 -23.66
CA PHE D 85 -68.25 1.12 -22.25
C PHE D 85 -68.78 -0.26 -21.93
N ARG D 86 -68.21 -0.87 -20.92
CA ARG D 86 -68.68 -2.16 -20.45
C ARG D 86 -70.07 -2.00 -19.86
N PRO D 87 -71.09 -2.70 -20.39
CA PRO D 87 -72.47 -2.42 -19.96
C PRO D 87 -72.70 -2.66 -18.48
N ASP D 88 -72.05 -3.67 -17.91
CA ASP D 88 -72.12 -3.97 -16.49
C ASP D 88 -71.53 -2.89 -15.58
N ASN D 89 -70.78 -1.93 -16.13
CA ASN D 89 -70.18 -0.87 -15.33
C ASN D 89 -71.05 0.38 -15.22
N PHE D 90 -72.27 0.33 -15.77
CA PHE D 90 -73.27 1.37 -15.53
C PHE D 90 -73.99 1.05 -14.22
N VAL D 91 -73.97 1.99 -13.27
CA VAL D 91 -74.64 1.82 -11.98
C VAL D 91 -75.50 3.05 -11.74
N PHE D 92 -76.81 2.89 -11.90
CA PHE D 92 -77.78 3.96 -11.96
C PHE D 92 -78.83 3.75 -10.88
N GLY D 93 -79.27 4.82 -10.25
CA GLY D 93 -80.43 4.79 -9.37
C GLY D 93 -81.66 5.22 -10.13
N GLN D 94 -82.71 5.57 -9.39
CA GLN D 94 -83.96 5.98 -10.00
C GLN D 94 -84.37 7.41 -9.70
N SER D 95 -83.75 8.06 -8.72
CA SER D 95 -84.08 9.43 -8.38
C SER D 95 -82.80 10.19 -8.05
N GLY D 96 -82.64 11.36 -8.64
CA GLY D 96 -81.47 12.17 -8.43
C GLY D 96 -81.37 12.68 -6.99
N ALA D 97 -80.30 13.44 -6.77
CA ALA D 97 -80.03 14.05 -5.48
C ALA D 97 -80.70 15.39 -5.30
N GLY D 98 -81.45 15.87 -6.29
CA GLY D 98 -82.09 17.17 -6.21
C GLY D 98 -81.15 18.30 -5.82
N ASN D 99 -79.92 18.28 -6.37
CA ASN D 99 -78.90 19.28 -6.07
C ASN D 99 -78.61 19.38 -4.58
N ASN D 100 -78.85 18.28 -3.83
CA ASN D 100 -78.71 18.26 -2.35
C ASN D 100 -77.55 17.32 -1.94
N TRP D 101 -76.43 17.92 -1.51
CA TRP D 101 -75.23 17.18 -1.09
C TRP D 101 -75.55 16.05 -0.10
N ALA D 102 -76.39 16.33 0.89
CA ALA D 102 -76.71 15.32 1.89
C ALA D 102 -77.42 14.12 1.28
N LYS D 103 -78.20 14.33 0.23
CA LYS D 103 -78.84 13.20 -0.43
C LYS D 103 -77.80 12.31 -1.11
N GLY D 104 -76.83 12.93 -1.79
CA GLY D 104 -75.77 12.14 -2.40
C GLY D 104 -74.83 11.51 -1.37
N HIS D 105 -74.59 12.19 -0.25
CA HIS D 105 -73.54 11.78 0.66
C HIS D 105 -74.03 10.88 1.78
N TYR D 106 -75.26 11.05 2.27
CA TYR D 106 -75.78 10.33 3.45
C TYR D 106 -76.93 9.38 3.17
N THR D 107 -77.84 9.72 2.26
CA THR D 107 -79.07 8.97 2.14
C THR D 107 -79.07 8.23 0.81
N GLU D 108 -79.61 8.81 -0.26
CA GLU D 108 -79.72 8.12 -1.55
C GLU D 108 -78.37 7.62 -2.05
N GLY D 109 -77.34 8.46 -1.99
CA GLY D 109 -76.04 8.02 -2.46
C GLY D 109 -75.50 6.87 -1.67
N ALA D 110 -75.82 6.84 -0.37
CA ALA D 110 -75.36 5.74 0.48
C ALA D 110 -76.03 4.42 0.11
N GLU D 111 -77.27 4.47 -0.39
CA GLU D 111 -77.97 3.22 -0.73
C GLU D 111 -77.49 2.61 -2.05
N LEU D 112 -76.73 3.33 -2.85
CA LEU D 112 -76.28 2.85 -4.14
C LEU D 112 -74.77 2.60 -4.19
N VAL D 113 -74.02 3.05 -3.18
CA VAL D 113 -72.55 3.07 -3.24
C VAL D 113 -71.95 1.66 -3.18
N ASP D 114 -72.63 0.70 -2.54
CA ASP D 114 -72.14 -0.67 -2.56
C ASP D 114 -72.29 -1.29 -3.95
N SER D 115 -73.36 -0.95 -4.64
CA SER D 115 -73.47 -1.33 -6.05
C SER D 115 -72.27 -0.84 -6.85
N VAL D 116 -71.82 0.40 -6.58
CA VAL D 116 -70.64 0.96 -7.22
C VAL D 116 -69.40 0.16 -6.86
N LEU D 117 -69.24 -0.16 -5.57
CA LEU D 117 -68.04 -0.86 -5.13
C LEU D 117 -67.93 -2.26 -5.71
N ASP D 118 -69.05 -2.89 -6.08
CA ASP D 118 -68.98 -4.12 -6.87
C ASP D 118 -68.10 -3.92 -8.10
N VAL D 119 -68.44 -2.93 -8.92
CA VAL D 119 -67.69 -2.71 -10.15
C VAL D 119 -66.27 -2.23 -9.83
N VAL D 120 -66.10 -1.44 -8.79
CA VAL D 120 -64.77 -0.92 -8.50
C VAL D 120 -63.84 -2.03 -8.06
N ARG D 121 -64.32 -2.96 -7.24
CA ARG D 121 -63.47 -4.06 -6.85
C ARG D 121 -63.13 -4.94 -8.04
N LYS D 122 -64.11 -5.17 -8.92
CA LYS D 122 -63.83 -6.07 -10.04
C LYS D 122 -62.77 -5.46 -10.94
N GLU D 123 -62.85 -4.15 -11.18
CA GLU D 123 -61.82 -3.53 -12.00
C GLU D 123 -60.49 -3.51 -11.26
N SER D 124 -60.51 -3.30 -9.95
CA SER D 124 -59.26 -3.14 -9.20
C SER D 124 -58.50 -4.45 -9.06
N GLU D 125 -59.22 -5.53 -8.77
CA GLU D 125 -58.55 -6.81 -8.60
C GLU D 125 -57.96 -7.33 -9.91
N SER D 126 -58.53 -6.94 -11.05
CA SER D 126 -57.99 -7.37 -12.34
C SER D 126 -56.63 -6.76 -12.66
N CYS D 127 -56.26 -5.65 -12.00
CA CYS D 127 -55.10 -4.87 -12.39
C CYS D 127 -53.80 -5.52 -11.96
N ASP D 128 -52.81 -5.48 -12.86
CA ASP D 128 -51.50 -6.00 -12.49
C ASP D 128 -50.78 -5.07 -11.53
N CYS D 129 -51.01 -3.76 -11.65
CA CYS D 129 -50.31 -2.79 -10.80
C CYS D 129 -51.17 -1.53 -10.80
N LEU D 130 -52.09 -1.46 -9.84
CA LEU D 130 -53.11 -0.43 -9.81
C LEU D 130 -52.49 0.89 -9.36
N GLN D 131 -52.40 1.85 -10.27
CA GLN D 131 -52.00 3.21 -9.91
C GLN D 131 -52.96 3.81 -8.88
N GLY D 132 -54.24 3.79 -9.19
CA GLY D 132 -55.24 4.41 -8.35
C GLY D 132 -56.41 4.86 -9.20
N PHE D 133 -57.15 5.84 -8.68
CA PHE D 133 -58.45 6.18 -9.20
C PHE D 133 -58.49 7.64 -9.60
N GLN D 134 -59.17 7.91 -10.71
CA GLN D 134 -59.50 9.27 -11.11
C GLN D 134 -61.02 9.38 -11.22
N LEU D 135 -61.55 10.43 -10.61
CA LEU D 135 -62.97 10.70 -10.52
C LEU D 135 -63.25 12.01 -11.24
N THR D 136 -64.29 12.03 -12.07
CA THR D 136 -64.82 13.27 -12.62
C THR D 136 -66.18 13.53 -11.99
N HIS D 137 -66.40 14.77 -11.56
CA HIS D 137 -67.64 15.13 -10.89
C HIS D 137 -67.66 16.65 -10.76
N SER D 138 -68.83 17.17 -10.42
CA SER D 138 -68.99 18.58 -10.07
C SER D 138 -69.23 18.70 -8.57
N LEU D 139 -68.83 19.83 -8.01
CA LEU D 139 -69.00 20.04 -6.57
C LEU D 139 -70.29 20.76 -6.22
N GLY D 140 -71.02 21.27 -7.21
CA GLY D 140 -72.17 22.10 -6.95
C GLY D 140 -73.47 21.35 -6.86
N GLY D 141 -73.53 20.17 -7.49
CA GLY D 141 -74.73 19.36 -7.52
C GLY D 141 -74.91 18.53 -6.27
N GLY D 142 -75.60 17.42 -6.41
CA GLY D 142 -75.84 16.57 -5.25
C GLY D 142 -75.21 15.20 -5.37
N THR D 143 -75.01 14.74 -6.60
CA THR D 143 -74.50 13.39 -6.80
C THR D 143 -73.00 13.39 -6.97
N GLY D 144 -72.50 14.05 -8.02
CA GLY D 144 -71.07 14.13 -8.23
C GLY D 144 -70.36 14.66 -7.01
N SER D 145 -71.00 15.55 -6.29
CA SER D 145 -70.30 16.11 -5.15
C SER D 145 -70.48 15.24 -3.92
N GLY D 146 -71.73 14.94 -3.55
CA GLY D 146 -72.04 14.26 -2.31
C GLY D 146 -71.73 12.78 -2.36
N MET D 147 -72.40 12.07 -3.27
CA MET D 147 -72.08 10.67 -3.49
C MET D 147 -70.66 10.50 -4.02
N GLY D 148 -70.16 11.50 -4.75
CA GLY D 148 -68.82 11.39 -5.28
C GLY D 148 -67.76 11.42 -4.19
N THR D 149 -67.91 12.31 -3.20
CA THR D 149 -66.93 12.29 -2.11
C THR D 149 -67.10 11.07 -1.22
N LEU D 150 -68.35 10.68 -0.94
CA LEU D 150 -68.62 9.45 -0.20
C LEU D 150 -67.92 8.27 -0.83
N LEU D 151 -68.02 8.17 -2.15
CA LEU D 151 -67.32 7.15 -2.90
C LEU D 151 -65.81 7.21 -2.62
N ILE D 152 -65.21 8.41 -2.74
CA ILE D 152 -63.77 8.56 -2.50
C ILE D 152 -63.41 7.96 -1.15
N SER D 153 -64.08 8.41 -0.10
CA SER D 153 -63.85 7.89 1.24
C SER D 153 -63.91 6.38 1.26
N LYS D 154 -64.97 5.82 0.66
CA LYS D 154 -65.17 4.37 0.71
C LYS D 154 -64.07 3.65 -0.04
N ILE D 155 -63.69 4.15 -1.22
CA ILE D 155 -62.62 3.52 -1.99
C ILE D 155 -61.30 3.65 -1.25
N ARG D 156 -61.04 4.80 -0.64
CA ARG D 156 -59.82 5.00 0.13
C ARG D 156 -59.70 3.96 1.26
N GLU D 157 -60.82 3.47 1.80
CA GLU D 157 -60.76 2.54 2.92
C GLU D 157 -60.20 1.18 2.50
N GLU D 158 -60.57 0.70 1.33
CA GLU D 158 -60.08 -0.59 0.86
C GLU D 158 -58.77 -0.49 0.10
N TYR D 159 -58.49 0.67 -0.50
CA TYR D 159 -57.25 0.88 -1.26
C TYR D 159 -56.52 2.10 -0.72
N PRO D 160 -56.13 2.08 0.57
CA PRO D 160 -55.52 3.28 1.17
C PRO D 160 -54.16 3.60 0.65
N ASP D 161 -53.53 2.68 -0.08
CA ASP D 161 -52.16 2.82 -0.55
C ASP D 161 -52.05 3.24 -2.00
N ARG D 162 -53.18 3.48 -2.68
CA ARG D 162 -53.20 3.93 -4.07
C ARG D 162 -53.47 5.43 -4.12
N ILE D 163 -53.20 6.02 -5.27
CA ILE D 163 -53.35 7.46 -5.47
C ILE D 163 -54.80 7.77 -5.80
N MET D 164 -55.33 8.82 -5.20
CA MET D 164 -56.72 9.23 -5.37
C MET D 164 -56.76 10.61 -6.00
N ASN D 165 -57.37 10.70 -7.17
CA ASN D 165 -57.25 11.84 -8.05
C ASN D 165 -58.63 12.25 -8.54
N THR D 166 -58.92 13.56 -8.53
CA THR D 166 -60.23 14.03 -8.95
C THR D 166 -60.12 15.20 -9.92
N PHE D 167 -61.03 15.21 -10.89
CA PHE D 167 -61.31 16.37 -11.71
C PHE D 167 -62.59 16.95 -11.13
N SER D 168 -62.46 18.04 -10.39
CA SER D 168 -63.59 18.61 -9.65
C SER D 168 -63.99 19.94 -10.27
N VAL D 169 -65.24 20.01 -10.72
CA VAL D 169 -65.77 21.18 -11.40
C VAL D 169 -66.41 22.12 -10.38
N MET D 170 -65.88 23.35 -10.30
CA MET D 170 -66.32 24.37 -9.34
C MET D 170 -67.49 25.14 -9.90
N PRO D 171 -68.51 25.30 -9.06
CA PRO D 171 -69.70 26.04 -9.48
C PRO D 171 -69.40 27.53 -9.65
N SER D 172 -70.15 28.15 -10.56
CA SER D 172 -70.14 29.59 -10.72
C SER D 172 -71.57 30.08 -10.95
N PRO D 173 -71.96 31.19 -10.34
CA PRO D 173 -73.28 31.79 -10.65
C PRO D 173 -73.41 32.22 -12.11
N LYS D 174 -72.30 32.39 -12.84
CA LYS D 174 -72.42 32.73 -14.24
C LYS D 174 -73.03 31.59 -15.05
N VAL D 175 -72.87 30.35 -14.61
CA VAL D 175 -73.25 29.17 -15.38
C VAL D 175 -74.48 28.49 -14.82
N SER D 176 -74.61 28.38 -13.49
CA SER D 176 -75.79 27.79 -12.88
C SER D 176 -76.44 28.75 -11.91
N ASP D 177 -77.77 28.67 -11.80
CA ASP D 177 -78.52 29.55 -10.91
C ASP D 177 -79.01 28.82 -9.65
N THR D 178 -78.47 27.64 -9.36
CA THR D 178 -78.86 26.87 -8.17
C THR D 178 -78.20 27.49 -6.95
N VAL D 179 -79.01 28.03 -6.03
CA VAL D 179 -78.42 28.93 -5.05
C VAL D 179 -77.69 28.17 -3.96
N VAL D 180 -77.93 26.86 -3.80
CA VAL D 180 -77.25 26.12 -2.75
C VAL D 180 -75.91 25.55 -3.19
N GLU D 181 -75.49 25.81 -4.43
CA GLU D 181 -74.22 25.26 -4.87
C GLU D 181 -73.02 25.65 -3.99
N PRO D 182 -72.96 26.83 -3.35
CA PRO D 182 -71.85 27.08 -2.42
C PRO D 182 -71.82 26.12 -1.25
N TYR D 183 -72.98 25.77 -0.70
CA TYR D 183 -73.03 24.72 0.31
C TYR D 183 -72.40 23.43 -0.19
N ASN D 184 -72.93 22.90 -1.30
CA ASN D 184 -72.43 21.62 -1.82
C ASN D 184 -70.94 21.69 -2.11
N ALA D 185 -70.47 22.83 -2.61
CA ALA D 185 -69.05 22.92 -2.95
C ALA D 185 -68.18 22.96 -1.71
N THR D 186 -68.61 23.68 -0.68
CA THR D 186 -67.88 23.76 0.59
C THR D 186 -67.85 22.42 1.31
N LEU D 187 -69.00 21.74 1.41
CA LEU D 187 -69.03 20.41 1.98
C LEU D 187 -68.09 19.46 1.25
N SER D 188 -68.09 19.52 -0.09
CA SER D 188 -67.24 18.61 -0.87
C SER D 188 -65.76 18.95 -0.69
N VAL D 189 -65.43 20.24 -0.62
CA VAL D 189 -64.02 20.62 -0.53
C VAL D 189 -63.46 20.14 0.80
N HIS D 190 -64.27 20.17 1.86
CA HIS D 190 -63.91 19.56 3.12
C HIS D 190 -63.45 18.12 2.89
N GLN D 191 -64.29 17.33 2.24
CA GLN D 191 -63.99 15.94 1.97
C GLN D 191 -62.72 15.79 1.14
N LEU D 192 -62.51 16.69 0.17
CA LEU D 192 -61.36 16.53 -0.72
C LEU D 192 -60.04 16.95 -0.08
N VAL D 193 -60.09 17.93 0.83
CA VAL D 193 -58.89 18.28 1.58
C VAL D 193 -58.37 17.06 2.32
N GLU D 194 -59.28 16.29 2.91
CA GLU D 194 -58.91 15.18 3.78
C GLU D 194 -58.64 13.89 3.04
N ASN D 195 -59.23 13.68 1.84
CA ASN D 195 -59.27 12.33 1.27
C ASN D 195 -58.71 12.17 -0.14
N THR D 196 -58.22 13.21 -0.81
CA THR D 196 -57.59 13.01 -2.11
C THR D 196 -56.15 13.50 -2.13
N ASP D 197 -55.38 12.98 -3.07
CA ASP D 197 -53.97 13.30 -3.22
C ASP D 197 -53.74 14.40 -4.24
N GLU D 198 -54.49 14.39 -5.34
CA GLU D 198 -54.39 15.37 -6.39
C GLU D 198 -55.79 15.73 -6.87
N THR D 199 -56.08 17.02 -6.94
CA THR D 199 -57.35 17.49 -7.45
C THR D 199 -57.09 18.59 -8.46
N TYR D 200 -57.53 18.36 -9.70
CA TYR D 200 -57.53 19.41 -10.71
C TYR D 200 -58.75 20.30 -10.52
N CYS D 201 -58.52 21.58 -10.27
CA CYS D 201 -59.60 22.54 -10.04
C CYS D 201 -60.09 23.08 -11.38
N ILE D 202 -61.28 22.63 -11.79
CA ILE D 202 -61.89 23.01 -13.06
C ILE D 202 -63.03 23.96 -12.73
N ASP D 203 -62.86 25.24 -13.03
CA ASP D 203 -63.74 26.26 -12.50
C ASP D 203 -64.72 26.70 -13.59
N ASN D 204 -66.02 26.45 -13.36
CA ASN D 204 -67.02 26.92 -14.33
C ASN D 204 -66.91 28.41 -14.55
N GLU D 205 -66.52 29.17 -13.52
CA GLU D 205 -66.36 30.61 -13.70
C GLU D 205 -65.30 30.91 -14.74
N ALA D 206 -64.11 30.33 -14.58
CA ALA D 206 -63.06 30.46 -15.58
C ALA D 206 -63.53 30.00 -16.97
N LEU D 207 -64.18 28.83 -17.05
CA LEU D 207 -64.62 28.31 -18.34
C LEU D 207 -65.60 29.26 -19.01
N TYR D 208 -66.55 29.81 -18.26
CA TYR D 208 -67.49 30.76 -18.82
C TYR D 208 -66.77 32.01 -19.33
N ASP D 209 -65.90 32.59 -18.48
CA ASP D 209 -65.20 33.82 -18.86
C ASP D 209 -64.37 33.61 -20.12
N ILE D 210 -63.73 32.43 -20.24
CA ILE D 210 -62.94 32.17 -21.44
C ILE D 210 -63.84 32.10 -22.67
N CYS D 211 -65.00 31.42 -22.54
CA CYS D 211 -65.90 31.31 -23.67
C CYS D 211 -66.45 32.66 -24.08
N PHE D 212 -66.78 33.50 -23.10
CA PHE D 212 -67.42 34.78 -23.38
C PHE D 212 -66.40 35.85 -23.78
N ARG D 213 -65.31 35.98 -23.02
CA ARG D 213 -64.34 37.04 -23.35
C ARG D 213 -63.41 36.66 -24.50
N THR D 214 -62.90 35.42 -24.53
CA THR D 214 -61.87 35.07 -25.51
C THR D 214 -62.46 34.44 -26.76
N LEU D 215 -63.29 33.42 -26.60
CA LEU D 215 -63.92 32.75 -27.74
C LEU D 215 -65.10 33.55 -28.28
N LYS D 216 -65.58 34.55 -27.54
CA LYS D 216 -66.59 35.51 -28.01
C LYS D 216 -67.93 34.82 -28.25
N LEU D 217 -68.26 33.87 -27.40
CA LEU D 217 -69.55 33.19 -27.42
C LEU D 217 -70.50 33.94 -26.48
N THR D 218 -71.52 34.60 -27.04
CA THR D 218 -72.42 35.40 -26.22
C THR D 218 -73.07 34.56 -25.14
N THR D 219 -73.43 33.33 -25.47
CA THR D 219 -74.18 32.45 -24.55
C THR D 219 -73.59 31.05 -24.58
N PRO D 220 -72.48 30.83 -23.87
CA PRO D 220 -71.82 29.50 -23.94
C PRO D 220 -72.68 28.41 -23.33
N THR D 221 -72.67 27.25 -23.98
CA THR D 221 -73.37 26.08 -23.48
C THR D 221 -72.39 25.17 -22.78
N TYR D 222 -72.93 24.14 -22.13
CA TYR D 222 -72.08 23.12 -21.51
C TYR D 222 -71.15 22.46 -22.52
N GLY D 223 -71.54 22.40 -23.79
CA GLY D 223 -70.67 21.84 -24.81
C GLY D 223 -69.50 22.76 -25.13
N ASP D 224 -69.75 24.07 -25.14
CA ASP D 224 -68.63 25.03 -25.20
C ASP D 224 -67.69 24.86 -24.00
N LEU D 225 -68.25 24.81 -22.78
CA LEU D 225 -67.41 24.67 -21.60
C LEU D 225 -66.65 23.35 -21.63
N ASN D 226 -67.33 22.24 -21.95
CA ASN D 226 -66.69 20.92 -21.84
C ASN D 226 -65.60 20.71 -22.89
N HIS D 227 -65.61 21.50 -23.97
CA HIS D 227 -64.48 21.47 -24.89
C HIS D 227 -63.21 22.01 -24.22
N LEU D 228 -63.33 22.99 -23.33
CA LEU D 228 -62.17 23.40 -22.56
C LEU D 228 -61.76 22.30 -21.58
N VAL D 229 -62.73 21.68 -20.90
CA VAL D 229 -62.41 20.62 -19.95
C VAL D 229 -61.69 19.48 -20.65
N SER D 230 -62.20 19.06 -21.81
CA SER D 230 -61.65 17.85 -22.39
C SER D 230 -60.25 18.11 -22.93
N ALA D 231 -60.02 19.30 -23.48
CA ALA D 231 -58.67 19.66 -23.91
C ALA D 231 -57.69 19.62 -22.74
N THR D 232 -58.15 20.06 -21.56
CA THR D 232 -57.32 20.05 -20.38
C THR D 232 -57.08 18.62 -19.90
N MET D 233 -58.14 17.81 -19.88
CA MET D 233 -57.97 16.44 -19.40
C MET D 233 -57.06 15.65 -20.34
N SER D 234 -57.19 15.86 -21.64
CA SER D 234 -56.27 15.20 -22.55
C SER D 234 -54.84 15.60 -22.22
N GLY D 235 -54.60 16.90 -22.01
CA GLY D 235 -53.25 17.38 -21.79
C GLY D 235 -52.62 16.91 -20.49
N VAL D 236 -53.39 16.89 -19.40
CA VAL D 236 -52.80 16.53 -18.10
C VAL D 236 -52.70 15.03 -17.88
N THR D 237 -53.27 14.23 -18.77
CA THR D 237 -53.06 12.79 -18.77
C THR D 237 -52.19 12.32 -19.92
N THR D 238 -51.63 13.24 -20.71
CA THR D 238 -50.80 12.87 -21.86
C THR D 238 -49.61 12.02 -21.40
N CYS D 239 -48.91 12.46 -20.35
CA CYS D 239 -47.75 11.75 -19.87
C CYS D 239 -48.10 10.41 -19.25
N LEU D 240 -49.33 10.26 -18.73
CA LEU D 240 -49.76 8.94 -18.25
C LEU D 240 -50.00 7.99 -19.41
N ARG D 241 -50.34 8.51 -20.58
CA ARG D 241 -50.87 7.68 -21.64
C ARG D 241 -49.84 7.36 -22.71
N PHE D 242 -48.80 8.18 -22.83
CA PHE D 242 -47.83 8.01 -23.89
C PHE D 242 -46.45 7.73 -23.33
N PRO D 243 -45.68 6.88 -24.00
CA PRO D 243 -44.33 6.56 -23.50
C PRO D 243 -43.39 7.75 -23.66
N GLY D 244 -42.76 8.14 -22.55
CA GLY D 244 -41.70 9.12 -22.58
C GLY D 244 -40.51 8.58 -21.81
N GLN D 245 -39.46 9.40 -21.72
CA GLN D 245 -38.38 9.03 -20.80
C GLN D 245 -38.77 9.32 -19.37
N LEU D 246 -39.80 10.14 -19.17
CA LEU D 246 -40.25 10.48 -17.83
C LEU D 246 -40.96 9.34 -17.14
N ASN D 247 -41.57 8.42 -17.91
CA ASN D 247 -42.33 7.30 -17.35
C ASN D 247 -43.25 7.77 -16.22
N ALA D 248 -44.10 8.75 -16.53
CA ALA D 248 -44.90 9.40 -15.51
C ALA D 248 -45.95 8.45 -14.95
N ASP D 249 -46.32 8.65 -13.69
CA ASP D 249 -47.50 8.03 -13.10
C ASP D 249 -48.10 8.98 -12.09
N LEU D 250 -49.25 8.61 -11.53
CA LEU D 250 -49.95 9.49 -10.61
C LEU D 250 -49.16 9.76 -9.34
N ARG D 251 -48.32 8.82 -8.92
CA ARG D 251 -47.63 9.01 -7.65
C ARG D 251 -46.44 9.93 -7.79
N LYS D 252 -45.63 9.74 -8.83
CA LYS D 252 -44.50 10.65 -9.05
C LYS D 252 -44.98 12.09 -9.19
N LEU D 253 -46.13 12.30 -9.84
CA LEU D 253 -46.70 13.64 -9.94
C LEU D 253 -47.05 14.20 -8.56
N ALA D 254 -47.71 13.40 -7.71
CA ALA D 254 -48.09 13.89 -6.40
C ALA D 254 -46.87 14.28 -5.58
N VAL D 255 -45.86 13.40 -5.56
CA VAL D 255 -44.68 13.55 -4.72
C VAL D 255 -43.99 14.87 -5.01
N ASN D 256 -43.91 15.25 -6.28
CA ASN D 256 -43.20 16.44 -6.68
C ASN D 256 -44.07 17.71 -6.71
N MET D 257 -45.40 17.58 -6.84
CA MET D 257 -46.28 18.72 -6.98
C MET D 257 -46.90 19.18 -5.67
N VAL D 258 -46.93 18.32 -4.66
CA VAL D 258 -47.65 18.60 -3.42
C VAL D 258 -46.67 18.68 -2.24
N PRO D 259 -46.18 19.87 -1.88
CA PRO D 259 -45.27 19.95 -0.75
C PRO D 259 -45.97 19.77 0.61
N PHE D 260 -47.27 20.00 0.70
CA PHE D 260 -47.98 19.90 1.98
C PHE D 260 -49.31 19.19 1.71
N PRO D 261 -49.63 18.13 2.47
CA PRO D 261 -50.73 17.24 2.06
C PRO D 261 -52.04 17.95 1.68
N ARG D 262 -52.44 18.97 2.43
CA ARG D 262 -53.71 19.61 2.13
C ARG D 262 -53.64 20.43 0.85
N LEU D 263 -52.49 21.04 0.59
CA LEU D 263 -52.37 21.95 -0.56
C LEU D 263 -52.16 21.13 -1.83
N HIS D 264 -53.22 20.41 -2.23
CA HIS D 264 -53.14 19.51 -3.38
C HIS D 264 -54.17 19.83 -4.47
N PHE D 265 -54.52 21.11 -4.62
CA PHE D 265 -55.50 21.58 -5.60
C PHE D 265 -54.79 22.37 -6.70
N PHE D 266 -54.70 21.75 -7.88
CA PHE D 266 -53.92 22.29 -8.99
C PHE D 266 -54.72 23.22 -9.86
N MET D 267 -54.05 24.25 -10.33
CA MET D 267 -54.65 25.19 -11.27
C MET D 267 -54.17 24.82 -12.66
N PRO D 268 -55.01 24.23 -13.52
CA PRO D 268 -54.56 23.83 -14.86
C PRO D 268 -54.64 24.98 -15.84
N GLY D 269 -53.76 24.95 -16.83
CA GLY D 269 -53.77 25.93 -17.90
C GLY D 269 -53.51 25.28 -19.24
N PHE D 270 -53.97 25.94 -20.30
CA PHE D 270 -53.91 25.38 -21.64
C PHE D 270 -53.67 26.47 -22.67
N ALA D 271 -52.88 26.12 -23.69
CA ALA D 271 -52.71 26.93 -24.88
C ALA D 271 -52.52 26.01 -26.08
N PRO D 272 -53.09 26.33 -27.24
CA PRO D 272 -53.93 27.50 -27.51
C PRO D 272 -55.37 27.27 -27.11
N LEU D 273 -56.07 28.33 -26.74
CA LEU D 273 -57.48 28.25 -26.45
C LEU D 273 -58.24 28.24 -27.77
N THR D 274 -59.12 27.25 -27.95
CA THR D 274 -59.90 27.15 -29.18
C THR D 274 -61.37 26.89 -28.86
N SER D 275 -62.21 27.20 -29.84
CA SER D 275 -63.61 26.82 -29.82
C SER D 275 -63.79 25.39 -30.28
N ARG D 276 -64.84 24.74 -29.80
CA ARG D 276 -65.04 23.37 -30.22
C ARG D 276 -65.35 23.33 -31.71
N GLY D 277 -64.92 22.24 -32.35
CA GLY D 277 -65.20 22.02 -33.76
C GLY D 277 -64.80 23.15 -34.70
N SER D 278 -63.66 23.79 -34.47
CA SER D 278 -63.28 24.94 -35.28
C SER D 278 -61.87 24.79 -35.82
N GLN D 279 -61.75 24.86 -37.15
CA GLN D 279 -60.46 24.78 -37.81
C GLN D 279 -59.50 25.83 -37.28
N GLN D 280 -58.24 25.44 -37.09
CA GLN D 280 -57.19 26.36 -36.67
C GLN D 280 -56.35 26.72 -37.89
N TYR D 281 -56.30 28.01 -38.22
CA TYR D 281 -55.65 28.43 -39.46
C TYR D 281 -54.18 28.82 -39.28
N ARG D 282 -53.67 28.86 -38.04
CA ARG D 282 -52.26 29.11 -37.78
C ARG D 282 -51.84 28.40 -36.51
N ALA D 283 -50.62 27.87 -36.50
CA ALA D 283 -50.07 27.23 -35.31
C ALA D 283 -49.57 28.27 -34.32
N LEU D 284 -49.21 27.82 -33.12
CA LEU D 284 -48.61 28.69 -32.13
C LEU D 284 -47.12 28.36 -32.01
N THR D 285 -46.29 29.40 -31.86
CA THR D 285 -44.86 29.17 -31.70
C THR D 285 -44.55 28.74 -30.27
N VAL D 286 -43.33 28.21 -30.09
CA VAL D 286 -42.90 27.76 -28.76
C VAL D 286 -42.85 28.91 -27.77
N PRO D 287 -42.36 30.10 -28.11
CA PRO D 287 -42.49 31.21 -27.16
C PRO D 287 -43.94 31.61 -26.92
N GLU D 288 -44.77 31.61 -27.98
CA GLU D 288 -46.19 31.87 -27.78
C GLU D 288 -46.79 30.89 -26.79
N LEU D 289 -46.54 29.59 -27.00
CA LEU D 289 -47.06 28.56 -26.10
C LEU D 289 -46.58 28.77 -24.68
N THR D 290 -45.29 29.11 -24.51
CA THR D 290 -44.74 29.29 -23.18
C THR D 290 -45.36 30.47 -22.46
N GLN D 291 -45.49 31.61 -23.15
CA GLN D 291 -46.01 32.81 -22.51
C GLN D 291 -47.49 32.68 -22.21
N GLN D 292 -48.30 32.43 -23.25
CA GLN D 292 -49.75 32.27 -23.14
C GLN D 292 -50.12 31.15 -22.17
N MET D 293 -49.17 30.34 -21.75
CA MET D 293 -49.48 29.28 -20.79
C MET D 293 -49.57 29.83 -19.36
N PHE D 294 -48.63 30.69 -18.97
CA PHE D 294 -48.64 31.30 -17.64
C PHE D 294 -49.44 32.59 -17.58
N ASP D 295 -50.48 32.73 -18.41
CA ASP D 295 -51.27 33.94 -18.52
C ASP D 295 -52.67 33.67 -17.99
N SER D 296 -53.21 34.60 -17.21
CA SER D 296 -54.40 34.27 -16.44
C SER D 296 -55.60 34.00 -17.33
N LYS D 297 -55.57 34.49 -18.57
CA LYS D 297 -56.59 34.21 -19.56
C LYS D 297 -56.65 32.76 -19.97
N ASN D 298 -55.62 31.98 -19.68
CA ASN D 298 -55.54 30.59 -20.11
C ASN D 298 -55.73 29.61 -18.95
N MET D 299 -56.06 30.10 -17.76
CA MET D 299 -56.22 29.25 -16.59
C MET D 299 -57.63 28.69 -16.51
N MET D 300 -57.75 27.44 -16.09
CA MET D 300 -59.05 26.81 -15.92
C MET D 300 -59.62 27.03 -14.54
N ALA D 301 -58.88 27.73 -13.68
CA ALA D 301 -59.39 28.22 -12.42
C ALA D 301 -59.38 29.75 -12.48
N ALA D 302 -60.49 30.37 -12.10
CA ALA D 302 -60.63 31.83 -12.17
C ALA D 302 -59.77 32.47 -11.09
N CYS D 303 -58.45 32.45 -11.31
CA CYS D 303 -57.43 32.93 -10.39
C CYS D 303 -56.33 33.59 -11.21
N ASP D 304 -55.88 34.75 -10.79
CA ASP D 304 -54.74 35.34 -11.48
C ASP D 304 -53.48 34.79 -10.86
N PRO D 305 -52.71 33.95 -11.56
CA PRO D 305 -51.47 33.43 -10.96
C PRO D 305 -50.53 34.54 -10.53
N ARG D 306 -50.62 35.72 -11.15
CA ARG D 306 -49.78 36.82 -10.71
C ARG D 306 -50.19 37.37 -9.36
N HIS D 307 -51.32 36.93 -8.82
CA HIS D 307 -51.71 37.27 -7.45
C HIS D 307 -51.12 36.35 -6.40
N GLY D 308 -50.30 35.38 -6.77
CA GLY D 308 -49.79 34.46 -5.78
C GLY D 308 -48.40 34.02 -6.19
N ARG D 309 -47.93 32.92 -5.64
CA ARG D 309 -46.66 32.35 -6.06
C ARG D 309 -46.87 30.87 -6.36
N TYR D 310 -46.14 30.36 -7.34
CA TYR D 310 -46.22 28.94 -7.64
C TYR D 310 -45.36 28.16 -6.64
N LEU D 311 -45.95 27.13 -6.06
CA LEU D 311 -45.18 26.19 -5.26
C LEU D 311 -44.40 25.25 -6.16
N THR D 312 -45.07 24.66 -7.14
CA THR D 312 -44.48 23.74 -8.10
C THR D 312 -45.26 23.89 -9.40
N VAL D 313 -44.60 23.58 -10.52
CA VAL D 313 -45.25 23.63 -11.82
C VAL D 313 -44.81 22.43 -12.65
N ALA D 314 -45.75 21.80 -13.36
CA ALA D 314 -45.47 20.73 -14.30
C ALA D 314 -46.12 21.09 -15.64
N ALA D 315 -45.34 21.03 -16.70
CA ALA D 315 -45.78 21.48 -18.02
C ALA D 315 -45.51 20.40 -19.04
N ILE D 316 -46.42 20.23 -19.99
CA ILE D 316 -46.27 19.26 -21.06
C ILE D 316 -46.54 19.96 -22.38
N PHE D 317 -45.58 19.87 -23.30
CA PHE D 317 -45.73 20.43 -24.63
C PHE D 317 -45.95 19.29 -25.60
N ARG D 318 -46.90 19.47 -26.51
CA ARG D 318 -47.30 18.44 -27.46
C ARG D 318 -47.09 18.94 -28.87
N GLY D 319 -46.56 18.07 -29.72
CA GLY D 319 -46.22 18.40 -31.09
C GLY D 319 -44.74 18.23 -31.35
N ARG D 320 -44.40 18.33 -32.63
CA ARG D 320 -42.99 18.30 -33.01
C ARG D 320 -42.42 19.69 -32.85
N MET D 321 -41.51 19.86 -31.90
CA MET D 321 -40.91 21.15 -31.63
C MET D 321 -39.52 20.93 -31.06
N SER D 322 -38.67 21.94 -31.19
CA SER D 322 -37.34 21.87 -30.61
C SER D 322 -37.45 21.78 -29.10
N MET D 323 -37.01 20.66 -28.51
CA MET D 323 -36.92 20.62 -27.05
C MET D 323 -35.88 21.60 -26.54
N LYS D 324 -34.92 21.97 -27.38
CA LYS D 324 -33.97 23.00 -27.01
C LYS D 324 -34.67 24.35 -26.87
N GLU D 325 -35.46 24.70 -27.88
CA GLU D 325 -36.27 25.91 -27.80
C GLU D 325 -37.25 25.87 -26.63
N VAL D 326 -37.82 24.70 -26.32
CA VAL D 326 -38.72 24.60 -25.18
C VAL D 326 -37.96 24.80 -23.88
N ASP D 327 -36.76 24.22 -23.78
CA ASP D 327 -35.96 24.39 -22.59
C ASP D 327 -35.59 25.86 -22.40
N GLU D 328 -35.35 26.56 -23.51
CA GLU D 328 -34.92 27.95 -23.44
C GLU D 328 -36.03 28.85 -22.95
N GLN D 329 -37.20 28.74 -23.57
CA GLN D 329 -38.33 29.59 -23.19
C GLN D 329 -38.73 29.35 -21.74
N MET D 330 -38.91 28.08 -21.37
CA MET D 330 -39.33 27.76 -20.00
C MET D 330 -38.34 28.30 -18.98
N LEU D 331 -37.04 28.21 -19.27
CA LEU D 331 -36.06 28.76 -18.33
C LEU D 331 -36.17 30.29 -18.27
N ASN D 332 -36.39 30.92 -19.42
CA ASN D 332 -36.50 32.37 -19.47
C ASN D 332 -37.72 32.86 -18.71
N VAL D 333 -38.87 32.20 -18.89
CA VAL D 333 -40.07 32.64 -18.20
C VAL D 333 -39.87 32.59 -16.69
N GLN D 334 -39.08 31.63 -16.20
CA GLN D 334 -38.85 31.56 -14.76
C GLN D 334 -37.88 32.64 -14.30
N ASN D 335 -36.87 32.94 -15.11
CA ASN D 335 -35.91 33.97 -14.72
C ASN D 335 -36.54 35.36 -14.73
N LYS D 336 -37.40 35.64 -15.72
CA LYS D 336 -37.94 36.98 -15.85
C LYS D 336 -39.14 37.17 -14.94
N ASN D 337 -39.85 36.10 -14.63
CA ASN D 337 -40.98 36.14 -13.70
C ASN D 337 -40.61 35.55 -12.36
N SER D 338 -39.39 35.82 -11.90
CA SER D 338 -38.84 35.11 -10.75
C SER D 338 -39.67 35.31 -9.48
N SER D 339 -40.40 36.42 -9.37
CA SER D 339 -41.08 36.75 -8.13
C SER D 339 -42.38 35.98 -7.96
N TYR D 340 -42.79 35.21 -8.95
CA TYR D 340 -44.00 34.40 -8.88
C TYR D 340 -43.70 32.94 -8.61
N PHE D 341 -42.46 32.62 -8.21
CA PHE D 341 -42.08 31.29 -7.80
C PHE D 341 -41.47 31.37 -6.41
N VAL D 342 -41.98 30.55 -5.47
CA VAL D 342 -41.38 30.49 -4.16
C VAL D 342 -39.90 30.14 -4.30
N GLU D 343 -39.05 30.88 -3.60
CA GLU D 343 -37.62 30.66 -3.70
C GLU D 343 -37.14 29.51 -2.84
N TRP D 344 -37.98 29.00 -1.94
CA TRP D 344 -37.60 27.94 -1.02
C TRP D 344 -38.01 26.54 -1.51
N ILE D 345 -38.38 26.41 -2.78
CA ILE D 345 -38.44 25.09 -3.43
C ILE D 345 -37.59 25.18 -4.70
N PRO D 346 -36.31 24.86 -4.63
CA PRO D 346 -35.43 25.05 -5.80
C PRO D 346 -35.89 24.22 -6.99
N ASN D 347 -35.76 24.79 -8.18
CA ASN D 347 -36.01 24.07 -9.43
C ASN D 347 -37.42 23.47 -9.46
N ASN D 348 -38.41 24.32 -9.20
CA ASN D 348 -39.74 23.83 -8.92
C ASN D 348 -40.65 23.84 -10.15
N VAL D 349 -40.06 23.80 -11.35
CA VAL D 349 -40.79 23.75 -12.62
C VAL D 349 -40.22 22.62 -13.46
N LYS D 350 -41.07 21.63 -13.80
CA LYS D 350 -40.67 20.49 -14.61
C LYS D 350 -41.38 20.48 -15.95
N THR D 351 -40.64 20.19 -17.01
CA THR D 351 -41.16 20.30 -18.37
C THR D 351 -40.99 18.97 -19.07
N ALA D 352 -42.02 18.54 -19.78
CA ALA D 352 -41.95 17.36 -20.62
C ALA D 352 -42.40 17.73 -22.03
N VAL D 353 -41.97 16.92 -23.00
CA VAL D 353 -42.36 17.09 -24.39
C VAL D 353 -42.94 15.78 -24.91
N CYS D 354 -44.04 15.85 -25.64
CA CYS D 354 -44.65 14.70 -26.28
C CYS D 354 -44.84 15.02 -27.76
N ASP D 355 -44.22 14.22 -28.63
CA ASP D 355 -44.24 14.52 -30.05
C ASP D 355 -45.64 14.40 -30.67
N ILE D 356 -46.62 13.84 -29.95
CA ILE D 356 -47.92 13.57 -30.54
C ILE D 356 -48.86 14.71 -30.13
N PRO D 357 -49.27 15.58 -31.06
CA PRO D 357 -50.15 16.68 -30.70
C PRO D 357 -51.58 16.19 -30.59
N PRO D 358 -52.45 16.93 -29.89
CA PRO D 358 -53.85 16.54 -29.81
C PRO D 358 -54.55 16.79 -31.14
N ARG D 359 -55.75 16.24 -31.28
CA ARG D 359 -56.46 16.41 -32.54
C ARG D 359 -56.73 17.88 -32.79
N GLY D 360 -56.53 18.32 -34.04
CA GLY D 360 -56.87 19.66 -34.43
C GLY D 360 -55.77 20.69 -34.27
N LEU D 361 -54.72 20.38 -33.52
CA LEU D 361 -53.62 21.30 -33.31
C LEU D 361 -52.32 20.69 -33.81
N LYS D 362 -51.42 21.54 -34.32
CA LYS D 362 -50.08 21.08 -34.62
C LYS D 362 -49.18 21.16 -33.40
N MET D 363 -49.46 22.09 -32.49
CA MET D 363 -48.72 22.24 -31.26
C MET D 363 -49.66 22.72 -30.16
N SER D 364 -49.32 22.39 -28.92
CA SER D 364 -50.11 22.80 -27.76
C SER D 364 -49.25 22.70 -26.51
N ALA D 365 -49.75 23.28 -25.43
CA ALA D 365 -49.05 23.20 -24.14
C ALA D 365 -50.09 23.12 -23.03
N THR D 366 -49.78 22.32 -22.02
CA THR D 366 -50.67 22.15 -20.87
C THR D 366 -49.85 22.31 -19.59
N PHE D 367 -50.48 22.92 -18.60
CA PHE D 367 -49.81 23.49 -17.45
C PHE D 367 -50.51 23.04 -16.18
N ILE D 368 -49.77 22.49 -15.23
CA ILE D 368 -50.34 22.06 -13.96
C ILE D 368 -49.59 22.80 -12.86
N GLY D 369 -50.21 23.83 -12.32
CA GLY D 369 -49.60 24.67 -11.31
C GLY D 369 -50.17 24.33 -9.94
N ASN D 370 -49.30 24.34 -8.95
CA ASN D 370 -49.75 24.40 -7.57
C ASN D 370 -49.43 25.83 -7.11
N SER D 371 -50.37 26.75 -7.33
CA SER D 371 -50.17 28.17 -7.04
C SER D 371 -50.95 28.61 -5.80
N THR D 372 -50.34 29.44 -4.98
CA THR D 372 -51.10 29.92 -3.83
C THR D 372 -52.23 30.84 -4.24
N ALA D 373 -52.25 31.30 -5.49
CA ALA D 373 -53.35 32.11 -5.98
C ALA D 373 -54.69 31.35 -6.03
N ILE D 374 -54.67 30.02 -5.91
CA ILE D 374 -55.90 29.25 -5.91
C ILE D 374 -56.77 29.63 -4.73
N GLN D 375 -56.22 30.32 -3.72
CA GLN D 375 -57.06 30.78 -2.62
C GLN D 375 -58.18 31.67 -3.13
N GLU D 376 -57.98 32.39 -4.24
CA GLU D 376 -59.05 33.23 -4.74
C GLU D 376 -60.30 32.41 -5.00
N LEU D 377 -60.14 31.26 -5.65
CA LEU D 377 -61.25 30.35 -5.87
C LEU D 377 -61.94 29.99 -4.54
N PHE D 378 -61.19 29.58 -3.52
CA PHE D 378 -61.81 29.19 -2.25
C PHE D 378 -62.38 30.39 -1.47
N LYS D 379 -61.79 31.58 -1.60
CA LYS D 379 -62.41 32.76 -0.99
C LYS D 379 -63.74 33.08 -1.65
N ARG D 380 -63.84 32.89 -2.97
CA ARG D 380 -65.08 33.18 -3.67
C ARG D 380 -66.18 32.23 -3.21
N ILE D 381 -65.87 30.93 -3.15
CA ILE D 381 -66.82 29.94 -2.63
C ILE D 381 -67.18 30.30 -1.19
N SER D 382 -66.19 30.64 -0.38
CA SER D 382 -66.41 30.94 1.03
C SER D 382 -67.34 32.14 1.21
N GLU D 383 -67.13 33.20 0.42
CA GLU D 383 -67.97 34.38 0.54
C GLU D 383 -69.41 34.05 0.18
N GLN D 384 -69.63 33.29 -0.90
CA GLN D 384 -70.99 32.89 -1.27
C GLN D 384 -71.62 32.02 -0.19
N PHE D 385 -70.88 31.03 0.33
CA PHE D 385 -71.35 30.22 1.45
C PHE D 385 -71.85 31.08 2.60
N THR D 386 -71.01 32.04 3.03
CA THR D 386 -71.32 32.81 4.22
C THR D 386 -72.54 33.69 4.02
N ALA D 387 -72.66 34.27 2.81
CA ALA D 387 -73.81 35.12 2.52
C ALA D 387 -75.11 34.37 2.76
N MET D 388 -75.12 33.08 2.43
CA MET D 388 -76.29 32.25 2.66
C MET D 388 -76.36 31.75 4.08
N PHE D 389 -75.22 31.30 4.63
CA PHE D 389 -75.24 30.65 5.93
C PHE D 389 -75.55 31.63 7.05
N ARG D 390 -75.12 32.89 6.91
CA ARG D 390 -75.51 33.92 7.88
C ARG D 390 -77.02 33.93 8.08
N ARG D 391 -77.78 33.74 6.99
CA ARG D 391 -79.23 33.73 7.02
C ARG D 391 -79.81 32.34 7.26
N LYS D 392 -78.95 31.31 7.33
CA LYS D 392 -79.40 29.92 7.41
C LYS D 392 -80.37 29.59 6.28
N ALA D 393 -80.17 30.28 5.15
CA ALA D 393 -80.93 30.02 3.94
C ALA D 393 -80.82 28.56 3.51
N PHE D 394 -81.95 27.92 3.24
CA PHE D 394 -82.02 26.59 2.64
C PHE D 394 -81.49 25.47 3.54
N LEU D 395 -81.15 25.76 4.80
CA LEU D 395 -80.57 24.72 5.65
C LEU D 395 -81.51 23.55 5.85
N HIS D 396 -82.82 23.78 5.71
CA HIS D 396 -83.74 22.67 5.94
C HIS D 396 -83.72 21.66 4.82
N TRP D 397 -83.23 22.04 3.64
CA TRP D 397 -82.97 21.00 2.64
C TRP D 397 -81.95 19.99 3.15
N TYR D 398 -81.05 20.42 4.02
CA TYR D 398 -79.98 19.56 4.51
C TYR D 398 -80.37 18.89 5.81
N THR D 399 -80.93 19.64 6.76
CA THR D 399 -81.34 19.01 8.01
C THR D 399 -82.51 18.04 7.82
N GLY D 400 -83.32 18.23 6.78
CA GLY D 400 -84.34 17.24 6.50
C GLY D 400 -83.79 15.88 6.11
N GLU D 401 -82.51 15.84 5.73
CA GLU D 401 -81.85 14.59 5.38
C GLU D 401 -80.98 14.07 6.51
N GLY D 402 -81.02 14.71 7.68
CA GLY D 402 -80.33 14.26 8.87
C GLY D 402 -79.13 15.07 9.29
N MET D 403 -78.69 16.05 8.49
CA MET D 403 -77.47 16.78 8.84
C MET D 403 -77.73 17.77 9.98
N ASP D 404 -76.67 18.47 10.36
CA ASP D 404 -76.67 19.37 11.51
C ASP D 404 -75.87 20.59 11.15
N GLU D 405 -76.31 21.77 11.60
CA GLU D 405 -75.60 23.02 11.31
C GLU D 405 -74.10 22.87 11.56
N MET D 406 -73.73 22.13 12.62
CA MET D 406 -72.32 21.99 13.00
C MET D 406 -71.47 21.50 11.83
N GLU D 407 -71.99 20.58 11.02
CA GLU D 407 -71.25 20.09 9.86
C GLU D 407 -70.94 21.24 8.89
N PHE D 408 -71.90 22.15 8.69
CA PHE D 408 -71.66 23.32 7.84
C PHE D 408 -70.60 24.23 8.44
N THR D 409 -70.72 24.52 9.73
CA THR D 409 -69.74 25.35 10.42
C THR D 409 -68.34 24.79 10.26
N GLU D 410 -68.19 23.47 10.42
CA GLU D 410 -66.88 22.84 10.36
C GLU D 410 -66.28 22.94 8.97
N ALA D 411 -67.08 22.61 7.94
CA ALA D 411 -66.60 22.69 6.57
C ALA D 411 -66.26 24.12 6.17
N GLU D 412 -66.94 25.12 6.76
CA GLU D 412 -66.57 26.51 6.51
C GLU D 412 -65.26 26.86 7.21
N SER D 413 -65.13 26.48 8.48
CA SER D 413 -63.87 26.61 9.19
C SER D 413 -62.72 25.93 8.44
N ASN D 414 -62.96 24.69 7.96
CA ASN D 414 -61.88 23.95 7.32
C ASN D 414 -61.46 24.61 6.01
N MET D 415 -62.39 25.23 5.30
CA MET D 415 -62.01 25.90 4.05
C MET D 415 -61.30 27.22 4.32
N ASN D 416 -61.75 27.98 5.32
CA ASN D 416 -61.01 29.18 5.70
C ASN D 416 -59.63 28.81 6.24
N ASP D 417 -59.51 27.68 6.95
CA ASP D 417 -58.19 27.19 7.32
C ASP D 417 -57.35 26.94 6.08
N LEU D 418 -57.97 26.39 5.03
CA LEU D 418 -57.23 26.16 3.80
C LEU D 418 -56.79 27.48 3.14
N VAL D 419 -57.63 28.51 3.20
CA VAL D 419 -57.22 29.79 2.65
C VAL D 419 -56.00 30.32 3.40
N SER D 420 -55.98 30.18 4.73
CA SER D 420 -54.86 30.73 5.51
C SER D 420 -53.54 30.04 5.16
N GLU D 421 -53.57 28.73 4.94
CA GLU D 421 -52.35 28.01 4.63
C GLU D 421 -51.74 28.49 3.33
N TYR D 422 -52.57 28.55 2.26
CA TYR D 422 -52.15 29.18 1.02
C TYR D 422 -51.50 30.53 1.29
N GLN D 423 -52.13 31.37 2.12
CA GLN D 423 -51.59 32.69 2.41
C GLN D 423 -50.28 32.58 3.17
N GLN D 424 -50.21 31.65 4.11
CA GLN D 424 -49.01 31.48 4.93
C GLN D 424 -47.80 31.24 4.05
N TYR D 425 -47.91 30.30 3.10
CA TYR D 425 -46.79 29.99 2.22
C TYR D 425 -46.61 31.01 1.12
N GLN D 426 -47.65 31.77 0.80
CA GLN D 426 -47.50 32.86 -0.15
C GLN D 426 -46.64 33.98 0.41
N ASP D 427 -46.72 34.24 1.72
CA ASP D 427 -45.90 35.26 2.37
C ASP D 427 -44.58 34.72 2.94
N ALA D 428 -44.40 33.41 2.99
CA ALA D 428 -43.19 32.85 3.58
C ALA D 428 -41.95 33.24 2.78
N THR D 429 -40.87 33.49 3.50
CA THR D 429 -39.59 33.89 2.94
C THR D 429 -38.59 32.75 3.05
N ALA D 430 -37.56 32.79 2.19
CA ALA D 430 -36.43 31.90 2.40
C ALA D 430 -35.58 32.37 3.58
N ASP D 431 -35.50 33.69 3.80
CA ASP D 431 -34.82 34.23 4.99
C ASP D 431 -35.75 34.25 6.21
N MET E 4 88.34 -8.67 27.75
CA MET E 4 87.32 -9.70 27.49
C MET E 4 87.71 -11.05 28.09
N GLU E 5 86.88 -11.59 28.98
CA GLU E 5 87.06 -12.94 29.48
C GLU E 5 86.25 -13.89 28.62
N VAL E 6 86.94 -14.72 27.85
CA VAL E 6 86.29 -15.76 27.04
C VAL E 6 86.18 -17.01 27.88
N ILE E 7 85.08 -17.74 27.75
CA ILE E 7 84.88 -19.01 28.46
C ILE E 7 84.28 -20.03 27.50
N GLU E 8 84.96 -21.16 27.31
CA GLU E 8 84.46 -22.20 26.44
C GLU E 8 83.26 -22.90 27.08
N LEU E 9 82.24 -23.16 26.27
CA LEU E 9 81.02 -23.82 26.70
C LEU E 9 80.99 -25.27 26.23
N ASN E 10 80.88 -25.49 24.91
CA ASN E 10 80.81 -26.84 24.36
C ASN E 10 81.32 -26.89 22.92
N LYS E 11 81.62 -28.11 22.46
CA LYS E 11 82.10 -28.39 21.12
C LYS E 11 81.43 -29.68 20.64
N ALA E 12 80.77 -29.63 19.49
CA ALA E 12 79.94 -30.72 19.01
C ALA E 12 80.19 -30.97 17.53
N THR E 13 79.44 -31.92 16.96
CA THR E 13 79.59 -32.30 15.55
C THR E 13 79.41 -31.12 14.63
N SER E 14 78.29 -30.42 14.75
CA SER E 14 77.91 -29.36 13.83
C SER E 14 78.06 -27.97 14.44
N GLY E 15 78.80 -27.83 15.54
CA GLY E 15 78.81 -26.55 16.21
C GLY E 15 79.74 -26.46 17.39
N GLN E 16 79.98 -25.22 17.80
CA GLN E 16 80.87 -24.84 18.90
C GLN E 16 80.29 -23.61 19.57
N SER E 17 80.42 -23.53 20.89
CA SER E 17 79.83 -22.42 21.63
C SER E 17 80.75 -21.99 22.75
N TRP E 18 80.80 -20.68 23.02
CA TRP E 18 81.54 -20.16 24.15
C TRP E 18 80.80 -18.96 24.71
N GLU E 19 81.41 -18.30 25.69
CA GLU E 19 80.78 -17.18 26.37
C GLU E 19 81.79 -16.04 26.47
N VAL E 20 81.42 -14.87 25.94
CA VAL E 20 82.27 -13.69 26.02
C VAL E 20 81.75 -12.81 27.14
N ILE E 21 82.64 -12.39 28.05
CA ILE E 21 82.25 -11.59 29.21
C ILE E 21 83.03 -10.28 29.19
N LEU E 22 82.30 -9.17 29.11
CA LEU E 22 82.91 -7.84 29.04
C LEU E 22 83.06 -7.21 30.42
N LYS E 23 82.00 -7.24 31.23
CA LYS E 23 82.05 -6.76 32.59
C LYS E 23 81.27 -7.76 33.43
N PRO E 24 81.73 -8.06 34.64
CA PRO E 24 80.94 -8.87 35.56
C PRO E 24 79.80 -8.03 36.13
N PRO E 25 78.75 -8.67 36.66
CA PRO E 25 77.61 -7.89 37.16
C PRO E 25 78.03 -6.99 38.31
N SER E 26 77.45 -5.78 38.34
CA SER E 26 77.65 -4.87 39.46
C SER E 26 77.07 -5.43 40.75
N PHE E 27 76.15 -6.39 40.66
CA PHE E 27 75.35 -6.85 41.77
C PHE E 27 75.43 -8.37 41.86
N ASP E 28 75.89 -8.88 42.99
CA ASP E 28 76.04 -10.32 43.17
C ASP E 28 74.71 -10.95 43.59
N GLY E 29 74.31 -12.00 42.88
CA GLY E 29 73.02 -12.60 43.09
C GLY E 29 72.03 -12.14 42.03
N VAL E 30 70.76 -12.44 42.30
CA VAL E 30 69.65 -12.08 41.41
C VAL E 30 68.47 -11.67 42.29
N PRO E 31 67.91 -10.47 42.15
CA PRO E 31 66.75 -10.08 42.97
C PRO E 31 65.53 -10.91 42.63
N GLU E 32 64.47 -10.75 43.42
CA GLU E 32 63.24 -11.52 43.19
C GLU E 32 62.20 -10.78 42.36
N PRO E 43 45.62 -23.59 37.43
CA PRO E 43 44.48 -23.97 36.60
C PRO E 43 44.44 -25.46 36.29
N SER E 44 43.54 -26.18 36.96
CA SER E 44 43.39 -27.61 36.79
C SER E 44 42.53 -27.91 35.56
N LEU E 45 42.35 -29.20 35.27
CA LEU E 45 41.50 -29.59 34.15
C LEU E 45 40.03 -29.26 34.43
N GLU E 46 39.59 -29.46 35.67
CA GLU E 46 38.20 -29.13 36.02
C GLU E 46 37.98 -27.62 36.03
N GLU E 47 38.92 -26.85 36.59
CA GLU E 47 38.77 -25.39 36.56
C GLU E 47 38.60 -24.91 35.13
N ILE E 48 39.37 -25.46 34.19
CA ILE E 48 39.25 -25.06 32.79
C ILE E 48 37.88 -25.42 32.24
N GLN E 49 37.46 -26.67 32.43
CA GLN E 49 36.17 -27.11 31.89
C GLN E 49 34.99 -26.42 32.58
N LYS E 50 35.15 -26.06 33.86
CA LYS E 50 34.13 -25.25 34.53
C LYS E 50 33.99 -23.88 33.85
N LYS E 51 35.11 -23.30 33.41
CA LYS E 51 35.06 -21.98 32.80
C LYS E 51 34.54 -22.04 31.37
N LEU E 52 34.88 -23.10 30.64
CA LEU E 52 34.32 -23.29 29.31
C LEU E 52 32.82 -23.60 29.39
N GLU E 53 32.41 -24.39 30.36
CA GLU E 53 30.99 -24.69 30.52
C GLU E 53 30.22 -23.44 30.93
N ALA E 54 30.79 -22.61 31.82
CA ALA E 54 30.09 -21.40 32.24
C ALA E 54 29.83 -20.48 31.06
N ALA E 55 30.83 -20.32 30.19
CA ALA E 55 30.61 -19.50 29.02
C ALA E 55 29.57 -20.10 28.08
N GLU E 56 29.42 -21.43 28.07
CA GLU E 56 28.40 -21.99 27.21
C GLU E 56 27.00 -21.69 27.75
N GLU E 57 26.82 -21.81 29.07
CA GLU E 57 25.51 -21.52 29.65
C GLU E 57 25.15 -20.04 29.52
N ARG E 58 26.12 -19.14 29.42
CA ARG E 58 25.82 -17.73 29.17
C ARG E 58 25.40 -17.51 27.72
N ARG E 59 26.14 -18.10 26.78
CA ARG E 59 25.74 -18.15 25.37
C ARG E 59 24.32 -18.70 25.21
N LYS E 60 24.05 -19.87 25.82
CA LYS E 60 22.73 -20.47 25.70
C LYS E 60 21.67 -19.64 26.41
N TYR E 61 21.99 -19.01 27.53
CA TYR E 61 21.00 -18.16 28.17
C TYR E 61 20.64 -16.99 27.28
N GLN E 62 21.62 -16.39 26.62
CA GLN E 62 21.33 -15.26 25.74
C GLN E 62 20.52 -15.69 24.53
N GLU E 63 20.84 -16.87 23.97
CA GLU E 63 20.02 -17.36 22.87
C GLU E 63 18.59 -17.60 23.32
N ALA E 64 18.42 -18.15 24.51
CA ALA E 64 17.08 -18.42 25.02
C ALA E 64 16.29 -17.14 25.24
N GLU E 65 16.96 -16.07 25.70
CA GLU E 65 16.25 -14.81 25.87
C GLU E 65 15.91 -14.18 24.52
N LEU E 66 16.76 -14.37 23.50
CA LEU E 66 16.39 -13.89 22.17
C LEU E 66 15.14 -14.60 21.66
N LEU E 67 15.13 -15.93 21.73
CA LEU E 67 13.99 -16.68 21.24
C LEU E 67 12.75 -16.39 22.06
N LYS E 68 12.91 -16.06 23.34
CA LYS E 68 11.78 -15.66 24.15
C LYS E 68 11.16 -14.35 23.65
N HIS E 69 12.00 -13.40 23.22
CA HIS E 69 11.49 -12.11 22.74
C HIS E 69 10.84 -12.24 21.37
N LEU E 70 11.39 -13.11 20.52
CA LEU E 70 10.74 -13.41 19.25
C LEU E 70 9.42 -14.14 19.47
N ALA E 71 9.38 -15.08 20.43
CA ALA E 71 8.12 -15.73 20.76
C ALA E 71 7.10 -14.72 21.27
N GLU E 72 7.55 -13.70 22.00
CA GLU E 72 6.64 -12.65 22.41
C GLU E 72 6.11 -11.88 21.21
N LYS E 73 6.95 -11.63 20.22
CA LYS E 73 6.47 -11.01 18.99
C LYS E 73 5.40 -11.87 18.32
N ARG E 74 5.66 -13.18 18.16
CA ARG E 74 4.68 -14.08 17.55
C ARG E 74 3.31 -13.95 18.22
N GLU E 75 3.28 -13.89 19.55
CA GLU E 75 2.01 -13.81 20.23
C GLU E 75 1.31 -12.49 19.96
N HIS E 76 2.07 -11.39 19.93
CA HIS E 76 1.48 -10.10 19.58
C HIS E 76 0.89 -10.13 18.17
N GLU E 77 1.61 -10.75 17.22
CA GLU E 77 1.09 -10.88 15.86
C GLU E 77 -0.25 -11.60 15.84
N ARG E 78 -0.36 -12.70 16.57
CA ARG E 78 -1.66 -13.36 16.67
C ARG E 78 -2.68 -12.43 17.31
N GLU E 79 -2.27 -11.64 18.30
CA GLU E 79 -3.21 -10.75 18.97
C GLU E 79 -3.69 -9.63 18.04
N VAL E 80 -2.80 -9.11 17.19
CA VAL E 80 -3.22 -8.14 16.18
C VAL E 80 -4.24 -8.76 15.23
N ILE E 81 -3.90 -9.92 14.67
CA ILE E 81 -4.78 -10.61 13.73
C ILE E 81 -6.13 -10.88 14.37
N GLN E 82 -6.13 -11.25 15.65
CA GLN E 82 -7.37 -11.55 16.36
C GLN E 82 -8.18 -10.27 16.59
N LYS E 83 -7.50 -9.16 16.91
CA LYS E 83 -8.20 -7.91 17.14
C LYS E 83 -8.95 -7.48 15.90
N ALA E 84 -8.33 -7.63 14.73
CA ALA E 84 -8.99 -7.22 13.49
C ALA E 84 -10.21 -8.09 13.21
N ILE E 85 -10.11 -9.39 13.48
CA ILE E 85 -11.28 -10.26 13.33
C ILE E 85 -12.37 -9.87 14.30
N GLU E 86 -12.00 -9.47 15.52
CA GLU E 86 -13.01 -9.04 16.48
C GLU E 86 -13.67 -7.73 16.03
N GLU E 87 -12.90 -6.78 15.51
CA GLU E 87 -13.48 -5.53 15.02
C GLU E 87 -14.47 -5.79 13.88
N ASN E 88 -14.10 -6.67 12.95
CA ASN E 88 -14.98 -7.00 11.83
C ASN E 88 -16.26 -7.65 12.34
N ASN E 89 -16.14 -8.53 13.35
CA ASN E 89 -17.32 -9.14 13.94
C ASN E 89 -18.19 -8.11 14.63
N ASN E 90 -17.58 -7.18 15.39
CA ASN E 90 -18.36 -6.14 16.05
C ASN E 90 -19.03 -5.22 15.04
N PHE E 91 -18.33 -4.91 13.95
CA PHE E 91 -18.95 -4.10 12.90
C PHE E 91 -20.22 -4.76 12.38
N ILE E 92 -20.16 -6.07 12.18
CA ILE E 92 -21.31 -6.84 11.70
C ILE E 92 -22.42 -6.81 12.74
N LYS E 93 -22.09 -7.14 13.99
CA LYS E 93 -23.10 -7.17 15.05
C LYS E 93 -23.79 -5.83 15.22
N MET E 94 -23.07 -4.72 15.03
CA MET E 94 -23.68 -3.41 15.24
C MET E 94 -24.50 -3.00 14.03
N ALA E 95 -24.03 -3.35 12.83
CA ALA E 95 -24.83 -3.12 11.63
C ALA E 95 -26.09 -3.97 11.64
N LYS E 96 -26.04 -5.17 12.20
CA LYS E 96 -27.23 -6.01 12.18
C LYS E 96 -28.31 -5.46 13.12
N GLU E 97 -27.92 -5.08 14.33
CA GLU E 97 -28.89 -4.56 15.30
C GLU E 97 -29.40 -3.19 14.89
N LYS E 98 -28.55 -2.34 14.31
CA LYS E 98 -29.00 -1.05 13.80
C LYS E 98 -30.09 -1.25 12.74
N LEU E 99 -29.82 -2.11 11.75
CA LEU E 99 -30.72 -2.26 10.60
C LEU E 99 -32.05 -2.88 11.01
N ALA E 100 -32.03 -3.86 11.91
CA ALA E 100 -33.27 -4.44 12.38
C ALA E 100 -34.05 -3.43 13.22
N GLN E 101 -33.34 -2.56 13.95
CA GLN E 101 -34.01 -1.55 14.74
C GLN E 101 -34.83 -0.61 13.87
N LYS E 102 -34.20 -0.07 12.82
CA LYS E 102 -34.87 0.89 11.95
C LYS E 102 -35.89 0.23 11.01
N MET E 103 -35.74 -1.07 10.71
CA MET E 103 -36.76 -1.68 9.87
C MET E 103 -38.02 -1.99 10.66
N GLU E 104 -37.87 -2.36 11.94
CA GLU E 104 -39.05 -2.56 12.77
C GLU E 104 -39.68 -1.22 13.19
N SER E 105 -38.87 -0.19 13.40
CA SER E 105 -39.43 1.11 13.75
C SER E 105 -40.22 1.69 12.56
N ASN E 106 -39.69 1.54 11.36
CA ASN E 106 -40.38 2.05 10.19
C ASN E 106 -41.67 1.27 9.92
N LYS E 107 -41.64 -0.05 10.13
CA LYS E 107 -42.86 -0.84 10.01
C LYS E 107 -43.93 -0.33 10.97
N GLU E 108 -43.60 -0.25 12.26
CA GLU E 108 -44.58 0.21 13.24
C GLU E 108 -45.13 1.58 12.86
N ASN E 109 -44.26 2.49 12.41
CA ASN E 109 -44.69 3.81 12.01
C ASN E 109 -45.66 3.75 10.83
N ARG E 110 -45.28 3.03 9.77
CA ARG E 110 -46.13 2.97 8.59
C ARG E 110 -47.44 2.28 8.91
N GLU E 111 -47.42 1.30 9.79
CA GLU E 111 -48.66 0.65 10.17
C GLU E 111 -49.52 1.59 11.01
N ALA E 112 -48.90 2.37 11.90
CA ALA E 112 -49.68 3.27 12.74
C ALA E 112 -50.32 4.38 11.94
N HIS E 113 -49.67 4.83 10.86
CA HIS E 113 -50.28 5.81 9.95
C HIS E 113 -51.49 5.21 9.24
N LEU E 114 -51.34 4.02 8.65
CA LEU E 114 -52.46 3.42 7.95
C LEU E 114 -53.62 3.13 8.89
N ALA E 115 -53.32 2.84 10.16
CA ALA E 115 -54.39 2.58 11.13
C ALA E 115 -55.09 3.88 11.52
N ALA E 116 -54.34 4.97 11.70
CA ALA E 116 -54.97 6.24 12.00
C ALA E 116 -55.86 6.69 10.85
N MET E 117 -55.42 6.46 9.61
CA MET E 117 -56.13 6.95 8.44
C MET E 117 -57.41 6.15 8.21
N LEU E 118 -57.35 4.84 8.46
CA LEU E 118 -58.58 4.05 8.43
C LEU E 118 -59.44 4.32 9.65
N GLU E 119 -58.84 4.70 10.78
CA GLU E 119 -59.65 5.08 11.94
C GLU E 119 -60.50 6.31 11.66
N ARG E 120 -59.91 7.35 11.06
CA ARG E 120 -60.65 8.58 10.79
C ARG E 120 -61.79 8.33 9.81
N LEU E 121 -61.54 7.53 8.77
CA LEU E 121 -62.59 7.18 7.81
C LEU E 121 -63.71 6.40 8.48
N GLN E 122 -63.39 5.54 9.45
CA GLN E 122 -64.43 4.79 10.15
C GLN E 122 -65.24 5.68 11.08
N GLU E 123 -64.65 6.77 11.60
CA GLU E 123 -65.44 7.74 12.32
C GLU E 123 -66.45 8.39 11.38
N LYS E 124 -66.00 8.79 10.19
CA LYS E 124 -66.93 9.28 9.19
C LYS E 124 -68.07 8.29 8.99
N ASP E 125 -67.75 6.99 8.97
CA ASP E 125 -68.77 5.97 8.77
C ASP E 125 -69.80 5.95 9.89
N LYS E 126 -69.34 6.11 11.14
CA LYS E 126 -70.28 6.14 12.25
C LYS E 126 -71.14 7.40 12.20
N HIS E 127 -70.54 8.52 11.78
CA HIS E 127 -71.29 9.76 11.65
C HIS E 127 -72.40 9.64 10.62
N ALA E 128 -72.10 8.98 9.49
CA ALA E 128 -73.12 8.77 8.48
C ALA E 128 -74.30 8.00 9.06
N GLU E 129 -74.03 7.07 9.97
CA GLU E 129 -75.11 6.31 10.58
C GLU E 129 -75.96 7.20 11.47
N GLU E 130 -75.33 8.19 12.11
CA GLU E 130 -76.09 9.10 12.97
C GLU E 130 -76.90 10.10 12.15
N VAL E 131 -76.37 10.50 10.99
CA VAL E 131 -77.13 11.33 10.07
C VAL E 131 -78.36 10.58 9.58
N ARG E 132 -78.21 9.31 9.22
CA ARG E 132 -79.34 8.57 8.67
C ARG E 132 -80.37 8.26 9.75
N LYS E 133 -79.94 8.18 11.00
CA LYS E 133 -80.86 7.97 12.11
C LYS E 133 -81.58 9.26 12.48
N ASN E 134 -80.86 10.39 12.48
CA ASN E 134 -81.49 11.67 12.75
C ASN E 134 -82.57 11.98 11.73
N LYS E 135 -82.43 11.45 10.51
CA LYS E 135 -83.41 11.72 9.46
C LYS E 135 -84.72 10.99 9.76
N GLU E 136 -84.64 9.69 10.05
CA GLU E 136 -85.85 8.92 10.37
C GLU E 136 -86.48 9.41 11.67
N LEU E 137 -85.69 10.04 12.55
CA LEU E 137 -86.25 10.68 13.74
C LEU E 137 -87.26 11.76 13.38
N LYS E 138 -87.08 12.41 12.24
CA LYS E 138 -87.98 13.47 11.80
C LYS E 138 -89.07 12.94 10.88
PG GTP F . 40.10 -16.35 12.14
O1G GTP F . 39.68 -15.01 12.69
O2G GTP F . 40.29 -16.31 10.64
O3G GTP F . 39.10 -17.38 12.61
O3B GTP F . 41.49 -16.66 12.89
PB GTP F . 42.87 -16.97 12.18
O1B GTP F . 43.74 -17.32 13.35
O2B GTP F . 42.78 -18.09 11.17
O3A GTP F . 43.39 -15.65 11.42
PA GTP F . 44.96 -15.20 11.30
O1A GTP F . 45.91 -16.09 12.07
O2A GTP F . 45.38 -15.11 9.86
O5' GTP F . 44.99 -13.76 12.02
C5' GTP F . 45.23 -12.59 11.28
C4' GTP F . 46.54 -11.94 11.67
O4' GTP F . 47.64 -12.79 11.34
C3' GTP F . 46.71 -10.65 10.88
O3' GTP F . 47.47 -9.76 11.64
C2' GTP F . 47.52 -11.12 9.70
O2' GTP F . 48.28 -10.08 9.11
C1' GTP F . 48.42 -12.18 10.33
N9 GTP F . 48.70 -13.19 9.30
C8 GTP F . 47.78 -13.98 8.65
N7 GTP F . 48.47 -14.78 7.79
C5 GTP F . 49.80 -14.51 7.89
C6 GTP F . 50.93 -15.02 7.26
O6 GTP F . 50.86 -15.91 6.40
N1 GTP F . 52.17 -14.52 7.59
C2 GTP F . 52.29 -13.53 8.53
N2 GTP F . 53.50 -13.06 8.84
N3 GTP F . 51.17 -13.04 9.15
C4 GTP F . 49.95 -13.51 8.84
S SO4 G . 49.24 3.39 13.85
O1 SO4 G . 47.90 3.62 14.39
O2 SO4 G . 50.04 4.57 14.11
O3 SO4 G . 49.84 2.23 14.53
O4 SO4 G . 49.18 3.15 12.41
PB GDP H . 5.71 -3.57 -2.36
O1B GDP H . 4.39 -3.66 -1.64
O2B GDP H . 5.77 -4.36 -3.65
O3B GDP H . 6.80 -4.05 -1.43
O3A GDP H . 5.83 -2.02 -2.74
PA GDP H . 7.08 -1.40 -3.51
O1A GDP H . 6.80 -1.02 -4.94
O2A GDP H . 8.29 -2.29 -3.48
O5' GDP H . 7.17 -0.11 -2.54
C5' GDP H . 7.20 1.24 -3.00
C4' GDP H . 8.51 1.88 -2.63
O4' GDP H . 9.45 1.17 -3.43
C3' GDP H . 8.63 3.33 -3.05
O3' GDP H . 9.40 4.03 -2.09
C2' GDP H . 9.41 3.34 -4.34
O2' GDP H . 10.35 4.40 -4.32
C1' GDP H . 10.20 2.06 -4.23
N9 GDP H . 10.50 1.33 -5.49
C8 GDP H . 9.65 0.58 -6.17
N7 GDP H . 10.25 0.03 -7.26
C5 GDP H . 11.53 0.42 -7.26
C6 GDP H . 12.72 0.19 -8.11
O6 GDP H . 12.65 -0.53 -9.12
N1 GDP H . 13.86 0.80 -7.75
C2 GDP H . 13.94 1.59 -6.65
N2 GDP H . 15.13 2.18 -6.34
N3 GDP H . 12.90 1.84 -5.83
C4 GDP H . 11.69 1.29 -6.08
C02 TU2 I . 35.14 -8.86 4.97
C03 TU2 I . 34.88 -7.87 3.83
C04 TU2 I . 33.71 -7.98 3.11
C05 TU2 I . 33.45 -7.10 2.06
C07 TU2 I . 31.39 -8.16 1.77
C08 TU2 I . 34.36 -6.12 1.76
C10 TU2 I . 33.90 -3.93 0.94
C11 TU2 I . 35.56 -6.00 2.48
C13 TU2 I . 37.41 -4.69 3.23
C14 TU2 I . 35.80 -6.89 3.52
C15 TU2 I . 36.23 -8.58 6.02
C17 TU2 I . 37.22 -7.04 7.47
C18 TU2 I . 37.27 -5.62 8.05
C19 TU2 I . 38.33 -5.24 8.85
C20 TU2 I . 38.38 -3.96 9.37
C22 TU2 I . 37.37 -3.05 9.08
C23 TU2 I . 37.40 -1.63 9.64
C24 TU2 I . 36.32 -3.41 8.26
C25 TU2 I . 36.27 -4.70 7.75
C26 TU2 I . 38.14 -8.00 7.90
C27 TU2 I . 38.09 -9.29 7.39
C28 TU2 I . 37.12 -9.58 6.42
F29 TU2 I . 37.05 -10.83 5.89
N16 TU2 I . 36.31 -7.37 6.54
O01 TU2 I . 34.48 -9.85 5.02
O06 TU2 I . 32.27 -7.17 1.33
O09 TU2 I . 34.01 -5.31 0.67
O12 TU2 I . 36.52 -5.02 2.19
O21 TU2 I . 39.47 -3.61 10.19
S SO4 J . 13.15 2.68 -18.13
O1 SO4 J . 12.11 2.95 -17.14
O2 SO4 J . 13.92 3.90 -18.39
O3 SO4 J . 14.04 1.65 -17.63
O4 SO4 J . 12.57 2.20 -19.40
PG GTP K . -37.01 5.71 -8.82
O1G GTP K . -37.43 6.93 -8.03
O2G GTP K . -37.73 4.50 -8.25
O3G GTP K . -37.29 5.93 -10.30
O3B GTP K . -35.41 5.51 -8.55
PB GTP K . -34.33 5.52 -9.74
O1B GTP K . -33.01 5.19 -9.11
O2B GTP K . -34.60 4.55 -10.85
O3A GTP K . -34.35 7.04 -10.27
PA GTP K . -33.11 7.70 -11.09
O1A GTP K . -31.83 6.91 -10.88
O2A GTP K . -33.40 7.94 -12.55
O5' GTP K . -32.97 9.10 -10.33
C5' GTP K . -32.96 10.30 -11.06
C4' GTP K . -31.57 10.93 -11.07
O4' GTP K . -30.68 10.11 -11.81
C3' GTP K . -31.65 12.27 -11.78
O3' GTP K . -30.80 13.19 -11.12
C2' GTP K . -31.16 11.95 -13.18
O2' GTP K . -30.52 13.01 -13.84
C1' GTP K . -30.18 10.83 -12.91
N9 GTP K . -30.17 9.89 -14.02
C8 GTP K . -31.21 9.08 -14.43
N7 GTP K . -30.75 8.35 -15.47
C5 GTP K . -29.45 8.67 -15.70
C6 GTP K . -28.53 8.23 -16.62
O6 GTP K . -28.84 7.37 -17.43
N1 GTP K . -27.26 8.75 -16.63
C2 GTP K . -26.91 9.72 -15.71
N2 GTP K . -25.68 10.22 -15.73
N3 GTP K . -27.84 10.16 -14.80
C4 GTP K . -29.08 9.64 -14.79
MG MG L . -36.83 4.54 -11.73
PG GTP M . -77.98 15.79 -9.01
O1G GTP M . -78.65 16.64 -7.96
O2G GTP M . -78.34 16.27 -10.41
O3G GTP M . -78.45 14.35 -8.89
O3B GTP M . -76.38 15.92 -8.80
PB GTP M . -75.38 16.02 -10.05
O1B GTP M . -74.02 15.59 -9.57
O2B GTP M . -75.75 15.23 -11.26
O3A GTP M . -75.42 17.59 -10.41
PA GTP M . -74.75 18.34 -11.66
O1A GTP M . -73.62 17.55 -12.26
O2A GTP M . -75.73 18.80 -12.72
O5' GTP M . -74.20 19.55 -10.78
C5' GTP M . -74.52 20.88 -11.06
C4' GTP M . -73.22 21.63 -11.24
O4' GTP M . -72.52 21.05 -12.31
C3' GTP M . -73.58 23.04 -11.64
O3' GTP M . -72.61 23.90 -11.12
C2' GTP M . -73.51 22.99 -13.15
O2' GTP M . -73.18 24.24 -13.68
C1' GTP M . -72.38 22.00 -13.35
N9 GTP M . -72.49 21.22 -14.58
C8 GTP M . -73.51 20.36 -14.91
N7 GTP M . -73.20 19.79 -16.09
C5 GTP M . -72.00 20.28 -16.50
C6 GTP M . -71.23 20.02 -17.63
O6 GTP M . -71.62 19.23 -18.48
N1 GTP M . -70.01 20.66 -17.79
C2 GTP M . -69.57 21.56 -16.82
N2 GTP M . -68.40 22.18 -16.99
N3 GTP M . -70.34 21.80 -15.68
C4 GTP M . -71.54 21.16 -15.55
C02 TU2 N . -44.98 12.97 -13.53
C03 TU2 N . -45.71 13.90 -14.49
C04 TU2 N . -47.07 13.78 -14.71
C05 TU2 N . -47.72 14.63 -15.59
C07 TU2 N . -49.62 13.23 -15.54
C08 TU2 N . -47.02 15.61 -16.26
C10 TU2 N . -47.79 17.82 -16.90
C11 TU2 N . -45.66 15.74 -16.04
C13 TU2 N . -43.70 17.09 -16.11
C14 TU2 N . -45.01 14.89 -15.17
C15 TU2 N . -43.60 13.33 -12.95
C17 TU2 N . -42.19 14.90 -11.96
C18 TU2 N . -42.05 16.33 -11.43
C19 TU2 N . -40.84 16.79 -10.94
C20 TU2 N . -40.73 18.08 -10.44
C22 TU2 N . -41.85 18.91 -10.41
C23 TU2 N . -41.77 20.33 -9.86
C24 TU2 N . -43.06 18.45 -10.88
C25 TU2 N . -43.16 17.16 -11.38
C26 TU2 N . -41.15 13.97 -11.88
C27 TU2 N . -41.35 12.68 -12.37
C28 TU2 N . -42.61 12.36 -12.92
F29 TU2 N . -42.88 11.12 -13.41
N16 TU2 N . -43.37 14.54 -12.48
O01 TU2 N . -45.52 11.96 -13.24
O06 TU2 N . -49.09 14.49 -15.83
O09 TU2 N . -47.72 16.45 -17.16
O12 TU2 N . -44.91 16.71 -16.71
O21 TU2 N . -39.49 18.52 -9.98
S SO4 O . -74.72 22.79 -28.24
O1 SO4 O . -73.48 22.66 -27.51
O2 SO4 O . -74.97 24.18 -28.68
O3 SO4 O . -75.78 22.35 -27.34
O4 SO4 O . -74.65 21.89 -29.39
#